data_2ZXC
#
_entry.id   2ZXC
#
_cell.length_a   65.741
_cell.length_b   65.800
_cell.length_c   340.339
_cell.angle_alpha   90.00
_cell.angle_beta   90.00
_cell.angle_gamma   90.00
#
_symmetry.space_group_name_H-M   'P 21 21 21'
#
loop_
_entity.id
_entity.type
_entity.pdbx_description
1 polymer 'Neutral ceramidase'
2 non-polymer 'ZINC ION'
3 non-polymer N-[(1R,2R,3E)-2-hydroxy-1-(hydroxymethyl)heptadec-3-en-1-yl]acetamide
4 non-polymer 'FORMIC ACID'
5 non-polymer 'MAGNESIUM ION'
6 non-polymer 'DIMETHYL SULFOXIDE'
7 water water
#
_entity_poly.entity_id   1
_entity_poly.type   'polypeptide(L)'
_entity_poly.pdbx_seq_one_letter_code
;DDLPYRFGLGKADITGEAAEVGMMGYSSLEQKTAGIHMRQWARAFVIEEAASGRRLVYVNTDLGMIFQAVHLKVLARLKA
KYPGVYDENNVMLAATHTHSGPGGFSHYAMYNLSVLGFQEKTFNAIVDGIVRSIERAQARLQPGRLFYGSGELRNASRNR
SLLSHLKNPDIAGYEDGIDPQMSVLSFVDANGELAGAISWFPVHSTSMTNANHLISPDNKGYASYHWEHDVSRKSGFVAA
FAQTNAGNLSPNLNLKPGSGPFDNEFDNTREIGLRQFAKAYEIAGQAQEEVLGELDSRFRFVDFTRLPIRPEFTDGQPRQ
LCTAAIGTSLAAGSTEDGPGPLGLEEGNNPFLSALGGLLTGVPPQELVQCQAEKTILADTGNKKPYPWTPTVLPIQMFRI
GQLELLGAPAEFTVMAGVRIRRAVQAASEAAGIRHVVFNGYANAYASYVTTREEYAAQEYEGGSTLYGPWTQAAYQQLFV
DMAVALRERLPVETSAIAPDLSCCQMNFQTGVVADDPYIGKSFGDVLQQPRESYRIGDKVTVAFVTGHPKNDLRTEKTFL
EVVNIGKDGKQTPVTVATDNDWDTQYRWERVGISASKATISWSIPPGTEPGHYYIRHYGNAKNFWTQKISEIGGSTRSFE
VLGTTP
;
_entity_poly.pdbx_strand_id   A,B
#
# COMPACT_ATOMS: atom_id res chain seq x y z
N ASP A 2 23.21 51.00 0.81
CA ASP A 2 21.94 50.53 0.19
C ASP A 2 21.92 49.00 0.23
N LEU A 3 20.85 48.39 -0.28
CA LEU A 3 20.77 46.95 -0.28
C LEU A 3 21.06 46.37 -1.65
N PRO A 4 21.56 45.12 -1.70
CA PRO A 4 21.90 44.46 -2.96
C PRO A 4 20.73 44.16 -3.89
N TYR A 5 19.58 43.81 -3.31
CA TYR A 5 18.42 43.51 -4.13
C TYR A 5 17.13 44.19 -3.68
N ARG A 6 16.12 44.02 -4.52
CA ARG A 6 14.78 44.51 -4.27
C ARG A 6 13.94 43.33 -4.66
N PHE A 7 12.87 43.07 -3.92
CA PHE A 7 12.01 41.97 -4.27
C PHE A 7 10.56 42.39 -4.05
N GLY A 8 9.67 41.73 -4.80
CA GLY A 8 8.25 42.02 -4.70
C GLY A 8 7.51 40.70 -4.63
N LEU A 9 6.62 40.58 -3.65
CA LEU A 9 5.86 39.37 -3.46
C LEU A 9 4.40 39.59 -3.79
N GLY A 10 3.90 38.86 -4.78
CA GLY A 10 2.51 39.01 -5.18
C GLY A 10 1.76 37.69 -5.18
N LYS A 11 0.45 37.77 -5.00
CA LYS A 11 -0.39 36.59 -4.95
C LYS A 11 -1.73 36.88 -5.61
N ALA A 12 -2.20 35.97 -6.45
CA ALA A 12 -3.47 36.15 -7.12
C ALA A 12 -4.21 34.84 -7.28
N ASP A 13 -5.53 34.93 -7.27
CA ASP A 13 -6.41 33.77 -7.39
C ASP A 13 -6.37 33.18 -8.80
N ILE A 14 -6.23 31.86 -8.90
CA ILE A 14 -6.23 31.19 -10.19
C ILE A 14 -7.14 29.97 -10.15
N THR A 15 -8.04 29.97 -9.18
CA THR A 15 -8.97 28.86 -9.02
C THR A 15 -9.88 28.76 -10.24
N GLY A 16 -9.97 27.55 -10.81
CA GLY A 16 -10.81 27.35 -11.98
C GLY A 16 -12.24 26.95 -11.65
N GLU A 17 -12.92 26.39 -12.64
CA GLU A 17 -14.31 25.96 -12.50
C GLU A 17 -14.48 24.93 -11.40
N ALA A 18 -15.26 25.31 -10.39
CA ALA A 18 -15.50 24.49 -9.21
C ALA A 18 -16.41 23.28 -9.38
N ALA A 19 -17.15 23.21 -10.48
CA ALA A 19 -18.00 22.04 -10.67
C ALA A 19 -18.09 21.58 -12.12
N GLU A 20 -18.05 20.27 -12.28
CA GLU A 20 -18.16 19.61 -13.57
C GLU A 20 -17.08 19.75 -14.62
N VAL A 21 -15.82 19.76 -14.20
CA VAL A 21 -14.73 19.75 -15.17
C VAL A 21 -13.68 18.79 -14.63
N GLY A 22 -13.30 17.83 -15.46
CA GLY A 22 -12.32 16.84 -15.06
C GLY A 22 -11.13 17.44 -14.36
N MET A 23 -10.67 16.76 -13.31
CA MET A 23 -9.52 17.26 -12.58
C MET A 23 -8.23 16.84 -13.27
N MET A 24 -7.22 17.70 -13.15
CA MET A 24 -5.93 17.50 -13.78
C MET A 24 -4.92 16.75 -12.91
N GLY A 25 -4.39 15.65 -13.46
CA GLY A 25 -3.39 14.88 -12.74
C GLY A 25 -3.62 13.39 -12.76
N TYR A 26 -4.82 12.98 -12.37
CA TYR A 26 -5.17 11.56 -12.30
C TYR A 26 -5.75 10.99 -13.58
N SER A 27 -5.92 11.81 -14.61
CA SER A 27 -6.46 11.33 -15.86
C SER A 27 -7.74 10.54 -15.65
N SER A 28 -8.51 10.92 -14.63
CA SER A 28 -9.76 10.21 -14.36
C SER A 28 -10.94 10.88 -15.01
N LEU A 29 -11.61 10.12 -15.86
CA LEU A 29 -12.77 10.58 -16.57
C LEU A 29 -13.86 10.99 -15.57
N GLU A 30 -13.97 10.23 -14.48
CA GLU A 30 -14.96 10.50 -13.44
C GLU A 30 -14.64 11.55 -12.37
N GLN A 31 -13.36 11.88 -12.20
CA GLN A 31 -13.02 12.86 -11.17
C GLN A 31 -13.25 14.32 -11.58
N LYS A 32 -14.50 14.76 -11.50
CA LYS A 32 -14.83 16.13 -11.86
C LYS A 32 -14.98 16.98 -10.61
N THR A 33 -14.64 18.26 -10.71
CA THR A 33 -14.74 19.15 -9.58
C THR A 33 -16.18 19.22 -9.08
N ALA A 34 -16.35 19.24 -7.76
CA ALA A 34 -17.66 19.32 -7.15
C ALA A 34 -17.61 20.26 -5.95
N GLY A 35 -16.71 21.24 -6.01
CA GLY A 35 -16.61 22.17 -4.91
C GLY A 35 -15.21 22.66 -4.66
N ILE A 36 -15.02 23.32 -3.51
CA ILE A 36 -13.72 23.86 -3.15
C ILE A 36 -13.38 23.63 -1.69
N HIS A 37 -12.16 23.19 -1.41
CA HIS A 37 -11.72 23.05 -0.02
C HIS A 37 -10.91 24.33 0.23
N MET A 38 -9.92 24.56 -0.61
CA MET A 38 -9.08 25.75 -0.52
C MET A 38 -8.81 26.16 -1.96
N ARG A 39 -8.59 27.45 -2.20
CA ARG A 39 -8.34 27.93 -3.55
C ARG A 39 -6.93 27.72 -4.08
N GLN A 40 -6.76 27.93 -5.38
CA GLN A 40 -5.47 27.77 -6.02
C GLN A 40 -4.91 29.16 -6.22
N TRP A 41 -3.62 29.33 -5.93
CA TRP A 41 -2.99 30.64 -6.06
C TRP A 41 -1.72 30.67 -6.86
N ALA A 42 -1.48 31.82 -7.48
CA ALA A 42 -0.25 32.05 -8.23
C ALA A 42 0.54 32.93 -7.25
N ARG A 43 1.76 32.52 -6.94
CA ARG A 43 2.61 33.28 -6.02
C ARG A 43 3.81 33.75 -6.81
N ALA A 44 3.90 35.06 -7.02
CA ALA A 44 4.98 35.65 -7.80
C ALA A 44 6.06 36.32 -6.97
N PHE A 45 7.31 36.14 -7.41
CA PHE A 45 8.45 36.70 -6.74
C PHE A 45 9.28 37.47 -7.76
N VAL A 46 9.24 38.79 -7.67
CA VAL A 46 10.00 39.60 -8.58
C VAL A 46 11.30 39.97 -7.88
N ILE A 47 12.42 39.72 -8.55
CA ILE A 47 13.71 40.04 -7.94
C ILE A 47 14.46 41.04 -8.82
N GLU A 48 14.83 42.17 -8.23
CA GLU A 48 15.58 43.19 -8.95
C GLU A 48 16.99 43.31 -8.41
N GLU A 49 17.92 43.62 -9.31
CA GLU A 49 19.31 43.73 -8.93
C GLU A 49 19.99 45.09 -8.92
N ALA A 50 20.26 45.56 -7.69
CA ALA A 50 20.96 46.81 -7.39
C ALA A 50 21.13 47.91 -8.45
N ALA A 51 22.35 48.00 -8.96
CA ALA A 51 22.76 49.00 -9.94
C ALA A 51 21.90 49.13 -11.19
N SER A 52 21.54 47.97 -11.73
CA SER A 52 20.82 47.85 -12.99
C SER A 52 19.31 47.70 -13.16
N GLY A 53 18.60 47.29 -12.12
CA GLY A 53 17.17 47.12 -12.30
C GLY A 53 16.89 45.93 -13.22
N ARG A 54 17.89 45.05 -13.33
CA ARG A 54 17.74 43.83 -14.13
C ARG A 54 16.65 43.12 -13.34
N ARG A 55 15.62 42.61 -14.02
CA ARG A 55 14.55 41.97 -13.28
C ARG A 55 14.30 40.51 -13.65
N LEU A 56 13.96 39.72 -12.65
CA LEU A 56 13.65 38.31 -12.83
C LEU A 56 12.31 38.06 -12.15
N VAL A 57 11.49 37.19 -12.75
CA VAL A 57 10.20 36.86 -12.18
C VAL A 57 10.01 35.36 -12.09
N TYR A 58 9.69 34.88 -10.90
CA TYR A 58 9.45 33.47 -10.68
C TYR A 58 8.04 33.36 -10.10
N VAL A 59 7.23 32.50 -10.70
CA VAL A 59 5.88 32.32 -10.22
C VAL A 59 5.58 30.86 -10.01
N ASN A 60 5.20 30.51 -8.78
CA ASN A 60 4.86 29.14 -8.49
C ASN A 60 3.35 29.10 -8.38
N THR A 61 2.73 28.15 -9.08
CA THR A 61 1.28 28.05 -9.10
C THR A 61 0.73 26.76 -8.47
N ASP A 62 -0.41 26.88 -7.81
CA ASP A 62 -1.08 25.72 -7.19
C ASP A 62 -1.83 25.01 -8.31
N LEU A 63 -1.07 24.42 -9.23
CA LEU A 63 -1.64 23.72 -10.38
C LEU A 63 -0.92 22.39 -10.60
N GLY A 64 -1.51 21.55 -11.46
CA GLY A 64 -0.91 20.27 -11.76
C GLY A 64 0.36 20.50 -12.55
N MET A 65 0.38 21.61 -13.28
CA MET A 65 1.53 21.96 -14.10
C MET A 65 1.18 23.21 -14.88
N ILE A 66 2.17 23.83 -15.52
CA ILE A 66 1.87 25.00 -16.33
C ILE A 66 2.16 24.57 -17.76
N PHE A 67 1.11 24.33 -18.52
CA PHE A 67 1.27 23.89 -19.88
C PHE A 67 1.81 25.00 -20.77
N GLN A 68 2.32 24.61 -21.93
CA GLN A 68 2.86 25.58 -22.87
C GLN A 68 1.84 26.67 -23.23
N ALA A 69 0.58 26.29 -23.40
CA ALA A 69 -0.46 27.24 -23.76
C ALA A 69 -0.53 28.39 -22.76
N VAL A 70 -0.43 28.06 -21.47
CA VAL A 70 -0.46 29.06 -20.41
C VAL A 70 0.78 29.93 -20.49
N HIS A 71 1.93 29.27 -20.61
CA HIS A 71 3.17 29.99 -20.70
C HIS A 71 3.15 31.01 -21.86
N LEU A 72 2.78 30.54 -23.05
CA LEU A 72 2.72 31.40 -24.22
C LEU A 72 1.80 32.59 -24.04
N LYS A 73 0.63 32.35 -23.44
CA LYS A 73 -0.35 33.40 -23.23
C LYS A 73 0.07 34.44 -22.19
N VAL A 74 0.53 34.01 -21.02
CA VAL A 74 0.90 35.01 -20.02
C VAL A 74 2.08 35.82 -20.50
N LEU A 75 2.99 35.20 -21.24
CA LEU A 75 4.12 35.96 -21.73
C LEU A 75 3.72 36.94 -22.82
N ALA A 76 2.76 36.55 -23.66
CA ALA A 76 2.29 37.43 -24.71
C ALA A 76 1.69 38.66 -24.05
N ARG A 77 0.95 38.46 -22.96
CA ARG A 77 0.35 39.58 -22.26
C ARG A 77 1.41 40.44 -21.58
N LEU A 78 2.40 39.79 -20.96
CA LEU A 78 3.46 40.52 -20.29
C LEU A 78 4.33 41.29 -21.28
N LYS A 79 4.57 40.71 -22.45
CA LYS A 79 5.38 41.38 -23.46
C LYS A 79 4.64 42.58 -24.06
N ALA A 80 3.35 42.41 -24.31
CA ALA A 80 2.54 43.48 -24.90
C ALA A 80 2.27 44.60 -23.90
N LYS A 81 2.08 44.23 -22.63
CA LYS A 81 1.77 45.20 -21.59
C LYS A 81 2.99 45.82 -20.93
N TYR A 82 4.11 45.09 -20.92
CA TYR A 82 5.34 45.59 -20.31
C TYR A 82 6.51 45.38 -21.24
N PRO A 83 6.45 45.97 -22.44
CA PRO A 83 7.51 45.84 -23.44
C PRO A 83 8.87 46.27 -22.90
N GLY A 84 9.88 45.44 -23.13
CA GLY A 84 11.22 45.77 -22.68
C GLY A 84 11.60 45.35 -21.26
N VAL A 85 10.62 45.01 -20.44
CA VAL A 85 10.92 44.60 -19.07
C VAL A 85 10.73 43.10 -18.85
N TYR A 86 9.77 42.51 -19.55
CA TYR A 86 9.50 41.07 -19.45
C TYR A 86 9.41 40.40 -20.81
N ASP A 87 9.99 39.21 -20.91
CA ASP A 87 9.92 38.37 -22.10
C ASP A 87 10.31 36.97 -21.62
N GLU A 88 10.40 36.01 -22.53
CA GLU A 88 10.71 34.64 -22.09
C GLU A 88 12.01 34.46 -21.34
N ASN A 89 12.95 35.39 -21.50
CA ASN A 89 14.23 35.29 -20.81
C ASN A 89 14.14 35.42 -19.30
N ASN A 90 13.25 36.28 -18.81
CA ASN A 90 13.18 36.49 -17.36
C ASN A 90 11.88 36.18 -16.63
N VAL A 91 11.08 35.28 -17.19
CA VAL A 91 9.83 34.90 -16.55
C VAL A 91 9.76 33.39 -16.44
N MET A 92 9.72 32.88 -15.22
CA MET A 92 9.65 31.44 -14.99
C MET A 92 8.36 31.09 -14.27
N LEU A 93 7.61 30.15 -14.83
CA LEU A 93 6.35 29.72 -14.23
C LEU A 93 6.45 28.26 -13.86
N ALA A 94 6.20 27.94 -12.60
CA ALA A 94 6.28 26.56 -12.13
C ALA A 94 4.99 26.16 -11.45
N ALA A 95 4.82 24.87 -11.21
CA ALA A 95 3.62 24.36 -10.59
C ALA A 95 3.97 23.43 -9.42
N THR A 96 3.08 23.35 -8.44
CA THR A 96 3.29 22.51 -7.26
C THR A 96 2.96 21.06 -7.61
N HIS A 97 2.30 20.88 -8.74
CA HIS A 97 1.89 19.58 -9.23
C HIS A 97 0.78 18.98 -8.38
N THR A 98 -0.13 19.83 -7.91
CA THR A 98 -1.28 19.36 -7.14
C THR A 98 -2.19 18.66 -8.14
N HIS A 99 -2.83 17.58 -7.72
CA HIS A 99 -3.70 16.81 -8.59
C HIS A 99 -5.17 17.09 -8.33
N SER A 100 -5.47 18.13 -7.56
CA SER A 100 -6.85 18.45 -7.23
C SER A 100 -7.35 19.79 -7.79
N GLY A 101 -6.99 20.06 -9.03
CA GLY A 101 -7.43 21.29 -9.67
C GLY A 101 -8.13 20.99 -10.97
N PRO A 102 -8.99 21.90 -11.46
CA PRO A 102 -9.68 21.64 -12.72
C PRO A 102 -8.68 21.66 -13.88
N GLY A 103 -8.88 20.74 -14.84
CA GLY A 103 -7.99 20.65 -15.97
C GLY A 103 -8.54 21.34 -17.21
N GLY A 104 -7.94 21.03 -18.35
CA GLY A 104 -8.36 21.63 -19.61
C GLY A 104 -7.60 22.88 -19.97
N PHE A 105 -6.45 23.14 -19.34
CA PHE A 105 -5.71 24.34 -19.67
C PHE A 105 -4.44 24.13 -20.48
N SER A 106 -4.40 23.00 -21.17
CA SER A 106 -3.29 22.66 -22.04
C SER A 106 -3.87 22.75 -23.45
N HIS A 107 -3.01 22.83 -24.46
CA HIS A 107 -3.49 22.87 -25.84
C HIS A 107 -3.19 21.55 -26.54
N TYR A 108 -2.53 20.66 -25.81
CA TYR A 108 -2.20 19.34 -26.35
C TYR A 108 -3.23 18.32 -25.86
N ALA A 109 -3.90 17.68 -26.81
CA ALA A 109 -4.96 16.71 -26.54
C ALA A 109 -4.67 15.71 -25.42
N MET A 110 -3.46 15.18 -25.42
CA MET A 110 -3.07 14.20 -24.42
C MET A 110 -3.35 14.58 -22.97
N TYR A 111 -3.13 15.85 -22.63
CA TYR A 111 -3.34 16.30 -21.26
C TYR A 111 -4.76 16.75 -20.97
N ASN A 112 -5.55 16.89 -22.04
CA ASN A 112 -6.94 17.30 -21.94
C ASN A 112 -7.89 16.11 -22.11
N LEU A 113 -7.33 14.95 -22.44
CA LEU A 113 -8.15 13.75 -22.67
C LEU A 113 -9.23 13.45 -21.65
N SER A 114 -8.85 13.24 -20.40
CA SER A 114 -9.82 12.92 -19.35
C SER A 114 -10.76 14.08 -19.04
N VAL A 115 -10.39 15.29 -19.44
CA VAL A 115 -11.21 16.47 -19.17
C VAL A 115 -12.19 16.70 -20.33
N LEU A 116 -12.03 15.91 -21.39
CA LEU A 116 -12.88 16.01 -22.57
C LEU A 116 -12.57 17.22 -23.43
N GLY A 117 -11.36 17.76 -23.28
CA GLY A 117 -10.99 18.91 -24.09
C GLY A 117 -10.51 20.16 -23.36
N PHE A 118 -10.44 21.25 -24.12
CA PHE A 118 -9.99 22.54 -23.63
C PHE A 118 -11.09 23.27 -22.88
N GLN A 119 -10.79 23.66 -21.64
CA GLN A 119 -11.75 24.38 -20.80
C GLN A 119 -11.28 25.82 -20.73
N GLU A 120 -11.74 26.63 -21.69
CA GLU A 120 -11.35 28.02 -21.78
C GLU A 120 -11.47 28.87 -20.52
N LYS A 121 -12.55 28.69 -19.77
CA LYS A 121 -12.76 29.48 -18.57
C LYS A 121 -11.69 29.22 -17.51
N THR A 122 -11.31 27.97 -17.32
CA THR A 122 -10.28 27.64 -16.35
C THR A 122 -8.93 28.14 -16.87
N PHE A 123 -8.69 27.92 -18.17
CA PHE A 123 -7.44 28.35 -18.78
C PHE A 123 -7.22 29.85 -18.63
N ASN A 124 -8.23 30.64 -18.95
CA ASN A 124 -8.11 32.10 -18.84
C ASN A 124 -8.01 32.60 -17.42
N ALA A 125 -8.65 31.90 -16.48
CA ALA A 125 -8.59 32.31 -15.09
C ALA A 125 -7.12 32.12 -14.65
N ILE A 126 -6.50 31.07 -15.17
CA ILE A 126 -5.12 30.77 -14.83
C ILE A 126 -4.14 31.81 -15.41
N VAL A 127 -4.25 32.11 -16.69
CA VAL A 127 -3.32 33.10 -17.25
C VAL A 127 -3.54 34.47 -16.63
N ASP A 128 -4.80 34.85 -16.42
CA ASP A 128 -5.10 36.17 -15.84
C ASP A 128 -4.59 36.27 -14.40
N GLY A 129 -4.74 35.20 -13.64
CA GLY A 129 -4.29 35.18 -12.26
C GLY A 129 -2.77 35.24 -12.17
N ILE A 130 -2.10 34.54 -13.07
CA ILE A 130 -0.65 34.56 -13.06
C ILE A 130 -0.17 35.98 -13.37
N VAL A 131 -0.70 36.55 -14.43
CA VAL A 131 -0.32 37.92 -14.79
C VAL A 131 -0.61 38.84 -13.61
N ARG A 132 -1.77 38.67 -13.00
CA ARG A 132 -2.16 39.50 -11.86
C ARG A 132 -1.19 39.37 -10.69
N SER A 133 -0.74 38.16 -10.39
CA SER A 133 0.20 37.96 -9.29
C SER A 133 1.52 38.67 -9.58
N ILE A 134 1.94 38.69 -10.84
CA ILE A 134 3.19 39.36 -11.21
C ILE A 134 3.06 40.88 -11.09
N GLU A 135 1.89 41.41 -11.45
CA GLU A 135 1.67 42.84 -11.37
C GLU A 135 1.64 43.27 -9.89
N ARG A 136 1.04 42.45 -9.05
CA ARG A 136 0.98 42.75 -7.63
C ARG A 136 2.37 42.64 -6.98
N ALA A 137 3.17 41.69 -7.44
CA ALA A 137 4.51 41.51 -6.89
C ALA A 137 5.43 42.67 -7.25
N GLN A 138 5.40 43.09 -8.51
CA GLN A 138 6.26 44.19 -8.93
C GLN A 138 5.82 45.47 -8.22
N ALA A 139 4.53 45.60 -7.97
CA ALA A 139 3.98 46.77 -7.29
C ALA A 139 4.46 46.82 -5.85
N ARG A 140 4.95 45.69 -5.35
CA ARG A 140 5.43 45.61 -3.98
C ARG A 140 6.96 45.48 -3.87
N LEU A 141 7.66 45.89 -4.93
CA LEU A 141 9.12 45.83 -4.92
C LEU A 141 9.66 46.68 -3.78
N GLN A 142 10.52 46.07 -2.96
CA GLN A 142 11.10 46.76 -1.83
C GLN A 142 12.55 46.29 -1.65
N PRO A 143 13.41 47.15 -1.08
CA PRO A 143 14.81 46.75 -0.88
C PRO A 143 14.89 45.63 0.14
N GLY A 144 15.93 44.80 0.05
CA GLY A 144 16.08 43.72 0.99
C GLY A 144 17.25 42.82 0.69
N ARG A 145 17.35 41.74 1.46
CA ARG A 145 18.42 40.77 1.30
C ARG A 145 17.84 39.38 1.04
N LEU A 146 18.56 38.60 0.23
CA LEU A 146 18.14 37.25 -0.08
C LEU A 146 19.07 36.26 0.63
N PHE A 147 18.48 35.27 1.29
CA PHE A 147 19.25 34.26 2.01
C PHE A 147 18.94 32.87 1.46
N TYR A 148 19.96 32.03 1.38
CA TYR A 148 19.78 30.67 0.91
C TYR A 148 20.19 29.68 1.99
N GLY A 149 19.42 28.60 2.11
CA GLY A 149 19.72 27.59 3.09
C GLY A 149 19.09 26.26 2.72
N SER A 150 19.60 25.18 3.30
CA SER A 150 19.03 23.86 3.02
C SER A 150 19.10 22.94 4.23
N GLY A 151 18.29 21.89 4.18
CA GLY A 151 18.24 20.93 5.28
C GLY A 151 17.69 19.64 4.72
N GLU A 152 17.48 18.65 5.57
CA GLU A 152 16.94 17.39 5.09
C GLU A 152 15.60 17.04 5.67
N LEU A 153 14.72 16.55 4.80
CA LEU A 153 13.37 16.13 5.16
C LEU A 153 13.26 14.69 4.67
N ARG A 154 13.30 13.75 5.61
CA ARG A 154 13.26 12.33 5.29
C ARG A 154 11.93 11.72 5.65
N ASN A 155 11.03 12.52 6.18
CA ASN A 155 9.76 11.95 6.59
C ASN A 155 8.52 12.50 5.87
N ALA A 156 8.71 13.04 4.68
CA ALA A 156 7.60 13.59 3.92
C ALA A 156 7.45 12.99 2.52
N SER A 157 8.17 11.90 2.24
CA SER A 157 8.07 11.30 0.92
C SER A 157 8.64 9.89 0.87
N ARG A 158 8.35 9.21 -0.24
CA ARG A 158 8.85 7.86 -0.49
C ARG A 158 8.88 7.62 -1.99
N ASN A 159 9.87 6.86 -2.42
CA ASN A 159 10.02 6.56 -3.83
C ASN A 159 8.99 5.51 -4.24
N ARG A 160 8.18 5.84 -5.24
CA ARG A 160 7.13 4.93 -5.71
C ARG A 160 7.61 3.95 -6.77
N SER A 161 8.85 4.11 -7.21
CA SER A 161 9.43 3.21 -8.21
C SER A 161 10.86 2.86 -7.79
N LEU A 162 10.99 2.31 -6.58
CA LEU A 162 12.30 1.94 -6.04
C LEU A 162 13.08 1.03 -6.98
N LEU A 163 12.41 0.04 -7.54
CA LEU A 163 13.07 -0.90 -8.45
C LEU A 163 13.89 -0.19 -9.52
N SER A 164 13.31 0.81 -10.15
CA SER A 164 14.00 1.56 -11.20
C SER A 164 15.10 2.43 -10.61
N HIS A 165 14.79 3.08 -9.49
CA HIS A 165 15.74 3.96 -8.83
C HIS A 165 17.05 3.26 -8.49
N LEU A 166 16.97 2.04 -7.97
CA LEU A 166 18.15 1.28 -7.58
C LEU A 166 18.95 0.77 -8.77
N LYS A 167 18.45 1.04 -9.99
CA LYS A 167 19.14 0.61 -11.19
C LYS A 167 20.30 1.56 -11.48
N ASN A 168 20.27 2.73 -10.84
CA ASN A 168 21.30 3.74 -11.02
C ASN A 168 22.54 3.46 -10.17
N PRO A 169 23.73 3.42 -10.80
CA PRO A 169 25.01 3.18 -10.13
C PRO A 169 25.49 4.31 -9.25
N ASP A 170 25.11 5.54 -9.61
CA ASP A 170 25.53 6.75 -8.92
C ASP A 170 24.55 7.30 -7.89
N ILE A 171 23.90 6.45 -7.11
CA ILE A 171 22.94 6.97 -6.16
C ILE A 171 23.44 7.20 -4.75
N ALA A 172 24.73 7.49 -4.62
CA ALA A 172 25.29 7.75 -3.30
C ALA A 172 24.52 8.92 -2.69
N GLY A 173 23.87 8.67 -1.57
CA GLY A 173 23.09 9.71 -0.91
C GLY A 173 21.60 9.64 -1.17
N TYR A 174 21.19 8.65 -1.97
CA TYR A 174 19.79 8.46 -2.32
C TYR A 174 19.48 6.97 -2.32
N GLU A 175 20.14 6.24 -1.43
CA GLU A 175 19.97 4.81 -1.33
C GLU A 175 18.54 4.37 -1.03
N ASP A 176 17.81 5.16 -0.25
CA ASP A 176 16.45 4.77 0.09
C ASP A 176 15.39 5.32 -0.88
N GLY A 177 15.85 5.87 -2.00
CA GLY A 177 14.93 6.39 -3.00
C GLY A 177 14.46 7.82 -2.78
N ILE A 178 14.80 8.38 -1.63
CA ILE A 178 14.38 9.74 -1.30
C ILE A 178 15.43 10.82 -1.52
N ASP A 179 14.98 11.99 -2.00
CA ASP A 179 15.88 13.12 -2.16
C ASP A 179 15.40 13.98 -0.99
N PRO A 180 16.09 13.89 0.15
CA PRO A 180 15.76 14.62 1.38
C PRO A 180 16.05 16.11 1.37
N GLN A 181 16.71 16.60 0.32
CA GLN A 181 17.04 18.01 0.31
C GLN A 181 15.96 19.01 -0.01
N MET A 182 15.83 19.98 0.88
CA MET A 182 14.90 21.09 0.71
C MET A 182 15.79 22.31 0.68
N SER A 183 15.54 23.21 -0.27
CA SER A 183 16.31 24.44 -0.37
C SER A 183 15.30 25.55 -0.11
N VAL A 184 15.77 26.63 0.49
CA VAL A 184 14.88 27.76 0.76
C VAL A 184 15.56 29.05 0.43
N LEU A 185 14.88 29.86 -0.38
CA LEU A 185 15.39 31.16 -0.74
C LEU A 185 14.46 32.08 0.02
N SER A 186 14.98 32.73 1.05
CA SER A 186 14.17 33.63 1.87
C SER A 186 14.37 35.09 1.49
N PHE A 187 13.31 35.88 1.62
CA PHE A 187 13.34 37.31 1.32
C PHE A 187 13.18 38.09 2.62
N VAL A 188 14.20 38.87 2.95
CA VAL A 188 14.19 39.66 4.18
C VAL A 188 14.16 41.14 3.84
N ASP A 189 13.20 41.88 4.39
CA ASP A 189 13.07 43.30 4.10
C ASP A 189 14.15 44.14 4.79
N ALA A 190 14.09 45.45 4.57
CA ALA A 190 15.07 46.38 5.12
C ALA A 190 15.13 46.41 6.63
N ASN A 191 14.11 45.86 7.27
CA ASN A 191 14.07 45.82 8.73
C ASN A 191 14.50 44.44 9.26
N GLY A 192 15.05 43.61 8.38
CA GLY A 192 15.50 42.29 8.79
C GLY A 192 14.37 41.35 9.17
N GLU A 193 13.19 41.58 8.59
CA GLU A 193 12.03 40.76 8.89
C GLU A 193 11.74 39.87 7.68
N LEU A 194 11.33 38.63 7.94
CA LEU A 194 11.01 37.68 6.88
C LEU A 194 9.78 38.15 6.12
N ALA A 195 9.93 38.46 4.83
CA ALA A 195 8.81 38.92 4.01
C ALA A 195 8.13 37.78 3.25
N GLY A 196 8.93 36.79 2.88
CA GLY A 196 8.42 35.64 2.15
C GLY A 196 9.52 34.63 1.91
N ALA A 197 9.17 33.54 1.22
CA ALA A 197 10.14 32.50 0.91
C ALA A 197 9.63 31.51 -0.13
N ILE A 198 10.58 30.84 -0.76
CA ILE A 198 10.29 29.82 -1.75
C ILE A 198 11.01 28.59 -1.23
N SER A 199 10.27 27.52 -1.04
CA SER A 199 10.84 26.27 -0.57
C SER A 199 10.82 25.28 -1.72
N TRP A 200 11.93 24.58 -1.92
CA TRP A 200 12.04 23.57 -2.98
C TRP A 200 12.24 22.22 -2.33
N PHE A 201 11.34 21.28 -2.63
CA PHE A 201 11.42 19.94 -2.08
C PHE A 201 10.56 19.01 -2.92
N PRO A 202 11.13 17.86 -3.35
CA PRO A 202 10.45 16.85 -4.18
C PRO A 202 9.44 15.94 -3.49
N VAL A 203 8.23 15.93 -4.01
CA VAL A 203 7.18 15.05 -3.52
C VAL A 203 5.90 15.43 -4.23
N HIS A 204 5.28 14.44 -4.87
CA HIS A 204 4.04 14.66 -5.58
C HIS A 204 3.02 15.28 -4.62
N SER A 205 2.23 16.21 -5.15
CA SER A 205 1.18 16.85 -4.35
C SER A 205 -0.08 16.04 -4.63
N THR A 206 -0.02 14.79 -4.20
CA THR A 206 -1.11 13.85 -4.42
C THR A 206 -1.67 13.29 -3.12
N SER A 207 -1.64 14.08 -2.05
CA SER A 207 -2.20 13.62 -0.78
C SER A 207 -3.70 13.46 -0.96
N MET A 208 -4.32 14.35 -1.73
CA MET A 208 -5.74 14.25 -2.01
C MET A 208 -5.84 13.27 -3.18
N THR A 209 -6.57 12.18 -2.97
CA THR A 209 -6.72 11.11 -3.95
C THR A 209 -7.62 11.40 -5.13
N ASN A 210 -7.72 10.44 -6.04
CA ASN A 210 -8.55 10.57 -7.22
C ASN A 210 -10.04 10.41 -6.89
N ALA A 211 -10.33 10.15 -5.61
CA ALA A 211 -11.71 10.02 -5.16
C ALA A 211 -12.24 11.37 -4.65
N ASN A 212 -11.34 12.32 -4.46
CA ASN A 212 -11.71 13.64 -3.99
C ASN A 212 -12.19 14.48 -5.16
N HIS A 213 -13.21 15.32 -4.93
CA HIS A 213 -13.73 16.17 -6.00
C HIS A 213 -13.65 17.64 -5.65
N LEU A 214 -13.11 17.95 -4.47
CA LEU A 214 -12.99 19.33 -4.05
C LEU A 214 -11.66 19.90 -4.52
N ILE A 215 -11.68 21.12 -5.05
CA ILE A 215 -10.46 21.76 -5.51
C ILE A 215 -9.54 21.93 -4.31
N SER A 216 -8.25 21.71 -4.50
CA SER A 216 -7.31 21.82 -3.41
C SER A 216 -5.85 21.94 -3.85
N PRO A 217 -5.08 22.81 -3.18
CA PRO A 217 -3.65 23.05 -3.46
C PRO A 217 -2.81 21.88 -2.95
N ASP A 218 -3.48 20.93 -2.31
CA ASP A 218 -2.84 19.73 -1.77
C ASP A 218 -1.81 20.00 -0.68
N ASN A 219 -0.89 19.08 -0.44
CA ASN A 219 0.08 19.28 0.63
C ASN A 219 0.96 20.52 0.53
N LYS A 220 1.44 20.85 -0.67
CA LYS A 220 2.28 22.03 -0.79
C LYS A 220 1.43 23.27 -0.57
N GLY A 221 0.19 23.22 -1.04
CA GLY A 221 -0.73 24.34 -0.86
C GLY A 221 -1.04 24.54 0.61
N TYR A 222 -1.15 23.45 1.37
CA TYR A 222 -1.43 23.60 2.78
C TYR A 222 -0.24 24.21 3.50
N ALA A 223 0.97 23.83 3.07
CA ALA A 223 2.19 24.36 3.66
C ALA A 223 2.22 25.88 3.44
N SER A 224 1.91 26.30 2.22
CA SER A 224 1.88 27.73 1.90
C SER A 224 0.87 28.43 2.82
N TYR A 225 -0.35 27.89 2.85
CA TYR A 225 -1.44 28.43 3.66
C TYR A 225 -1.11 28.50 5.15
N HIS A 226 -0.58 27.42 5.69
CA HIS A 226 -0.25 27.38 7.11
C HIS A 226 0.74 28.49 7.49
N TRP A 227 1.68 28.78 6.60
CA TRP A 227 2.67 29.80 6.86
C TRP A 227 2.07 31.20 6.71
N GLU A 228 1.37 31.43 5.60
CA GLU A 228 0.76 32.71 5.33
C GLU A 228 -0.40 33.05 6.27
N HIS A 229 -1.35 32.13 6.39
CA HIS A 229 -2.54 32.35 7.22
C HIS A 229 -2.42 32.06 8.73
N ASP A 230 -1.83 30.92 9.08
CA ASP A 230 -1.73 30.52 10.48
C ASP A 230 -0.51 31.02 11.25
N VAL A 231 0.64 31.05 10.60
CA VAL A 231 1.88 31.45 11.27
C VAL A 231 2.27 32.92 11.17
N SER A 232 2.64 33.36 9.98
CA SER A 232 3.07 34.73 9.75
C SER A 232 2.08 35.81 10.19
N ARG A 233 2.59 36.79 10.93
CA ARG A 233 1.76 37.90 11.40
C ARG A 233 2.00 39.13 10.53
N LYS A 234 3.10 39.10 9.79
CA LYS A 234 3.43 40.19 8.88
C LYS A 234 2.50 39.95 7.70
N SER A 235 1.94 40.99 7.11
CA SER A 235 1.07 40.74 5.98
C SER A 235 1.84 40.92 4.69
N GLY A 236 1.22 40.53 3.59
CA GLY A 236 1.90 40.62 2.31
C GLY A 236 2.87 39.45 2.27
N PHE A 237 2.83 38.64 3.33
CA PHE A 237 3.71 37.48 3.42
C PHE A 237 3.29 36.47 2.37
N VAL A 238 4.25 36.01 1.58
CA VAL A 238 4.00 35.03 0.53
C VAL A 238 5.02 33.90 0.64
N ALA A 239 4.52 32.68 0.82
CA ALA A 239 5.39 31.52 0.93
C ALA A 239 5.02 30.47 -0.11
N ALA A 240 5.94 30.20 -1.02
CA ALA A 240 5.73 29.22 -2.06
C ALA A 240 6.47 27.92 -1.79
N PHE A 241 5.81 26.80 -2.06
CA PHE A 241 6.43 25.50 -1.89
C PHE A 241 6.51 24.85 -3.27
N ALA A 242 7.70 24.93 -3.86
CA ALA A 242 7.96 24.42 -5.19
C ALA A 242 8.56 23.01 -5.23
N GLN A 243 8.56 22.44 -6.42
CA GLN A 243 9.07 21.10 -6.66
C GLN A 243 10.48 21.15 -7.26
N THR A 244 11.17 20.01 -7.18
CA THR A 244 12.47 19.89 -7.84
C THR A 244 12.33 18.64 -8.71
N ASN A 245 12.90 17.51 -8.29
CA ASN A 245 12.79 16.28 -9.08
C ASN A 245 11.94 15.25 -8.33
N ALA A 246 10.61 15.34 -8.52
CA ALA A 246 9.68 14.45 -7.84
C ALA A 246 8.97 13.42 -8.71
N GLY A 247 9.53 13.12 -9.88
CA GLY A 247 8.91 12.17 -10.78
C GLY A 247 8.57 10.84 -10.14
N ASN A 248 9.40 10.35 -9.22
CA ASN A 248 9.14 9.08 -8.57
C ASN A 248 8.98 9.19 -7.07
N LEU A 249 8.59 10.37 -6.60
CA LEU A 249 8.41 10.61 -5.18
C LEU A 249 6.94 10.86 -4.85
N SER A 250 6.43 10.09 -3.90
CA SER A 250 5.04 10.18 -3.47
C SER A 250 4.95 10.64 -2.02
N PRO A 251 3.89 11.38 -1.67
CA PRO A 251 3.74 11.85 -0.30
C PRO A 251 3.07 10.79 0.57
N ASN A 252 2.43 9.82 -0.06
CA ASN A 252 1.74 8.77 0.66
C ASN A 252 2.72 7.71 1.15
N LEU A 253 3.27 7.96 2.33
CA LEU A 253 4.27 7.12 2.95
C LEU A 253 3.97 5.63 3.04
N ASN A 254 2.70 5.23 3.01
CA ASN A 254 2.42 3.80 3.05
C ASN A 254 2.32 3.22 1.64
N LEU A 255 1.68 3.91 0.69
CA LEU A 255 1.58 3.41 -0.68
C LEU A 255 0.36 3.83 -1.51
N LYS A 256 -0.45 4.73 -1.00
CA LYS A 256 -1.60 5.20 -1.74
C LYS A 256 -2.32 6.25 -0.84
N PRO A 257 -3.29 5.83 0.00
CA PRO A 257 -3.98 6.80 0.88
C PRO A 257 -3.80 6.54 2.42
N GLY A 258 -2.55 6.34 2.84
CA GLY A 258 -2.12 6.13 4.22
C GLY A 258 -0.68 6.51 4.15
N SER A 259 -0.41 7.81 4.25
CA SER A 259 0.97 8.32 4.19
C SER A 259 1.82 7.87 5.38
N GLY A 260 1.73 8.64 6.45
CA GLY A 260 2.44 8.21 7.63
C GLY A 260 1.28 7.34 7.92
N PRO A 261 0.89 7.29 9.19
CA PRO A 261 -0.24 6.43 9.50
C PRO A 261 -1.55 7.12 9.21
N PHE A 262 -1.78 7.62 8.04
CA PHE A 262 -3.04 8.05 8.11
C PHE A 262 -3.85 7.11 7.30
N ASP A 263 -5.12 7.35 7.44
CA ASP A 263 -6.20 6.68 6.84
C ASP A 263 -6.96 7.71 6.13
N ASN A 264 -6.62 8.96 6.38
CA ASN A 264 -7.38 10.05 5.79
C ASN A 264 -6.62 11.07 4.89
N GLU A 265 -7.11 11.26 3.66
CA GLU A 265 -6.49 12.18 2.71
C GLU A 265 -6.36 13.62 3.19
N PHE A 266 -7.36 14.14 3.90
CA PHE A 266 -7.26 15.51 4.40
C PHE A 266 -6.18 15.58 5.49
N ASP A 267 -6.18 14.60 6.39
CA ASP A 267 -5.19 14.55 7.45
C ASP A 267 -3.80 14.40 6.84
N ASN A 268 -3.71 13.58 5.79
CA ASN A 268 -2.47 13.33 5.08
C ASN A 268 -1.99 14.62 4.42
N THR A 269 -2.91 15.30 3.75
CA THR A 269 -2.58 16.55 3.09
C THR A 269 -2.00 17.53 4.11
N ARG A 270 -2.71 17.70 5.22
CA ARG A 270 -2.27 18.63 6.27
C ARG A 270 -0.93 18.27 6.90
N GLU A 271 -0.75 16.99 7.25
CA GLU A 271 0.48 16.55 7.89
C GLU A 271 1.71 16.65 6.98
N ILE A 272 1.55 16.28 5.71
CA ILE A 272 2.69 16.37 4.79
C ILE A 272 3.02 17.83 4.55
N GLY A 273 1.99 18.67 4.49
CA GLY A 273 2.22 20.09 4.29
C GLY A 273 2.90 20.66 5.52
N LEU A 274 2.49 20.17 6.68
CA LEU A 274 3.04 20.61 7.95
C LEU A 274 4.54 20.29 8.02
N ARG A 275 4.90 19.07 7.67
CA ARG A 275 6.31 18.67 7.71
C ARG A 275 7.16 19.48 6.73
N GLN A 276 6.61 19.81 5.56
CA GLN A 276 7.37 20.61 4.60
C GLN A 276 7.49 22.02 5.18
N PHE A 277 6.40 22.52 5.75
CA PHE A 277 6.42 23.86 6.34
C PHE A 277 7.44 23.96 7.46
N ALA A 278 7.41 22.99 8.38
CA ALA A 278 8.32 22.96 9.52
C ALA A 278 9.78 23.04 9.07
N LYS A 279 10.16 22.22 8.10
CA LYS A 279 11.52 22.21 7.60
C LYS A 279 11.90 23.56 6.98
N ALA A 280 11.02 24.09 6.14
CA ALA A 280 11.26 25.36 5.46
C ALA A 280 11.37 26.51 6.47
N TYR A 281 10.53 26.46 7.49
CA TYR A 281 10.51 27.48 8.53
C TYR A 281 11.81 27.45 9.32
N GLU A 282 12.27 26.24 9.62
CA GLU A 282 13.51 26.04 10.36
C GLU A 282 14.69 26.53 9.52
N ILE A 283 14.71 26.11 8.25
CA ILE A 283 15.79 26.51 7.36
C ILE A 283 15.83 28.03 7.16
N ALA A 284 14.67 28.65 6.99
CA ALA A 284 14.61 30.09 6.79
C ALA A 284 15.14 30.84 8.02
N GLY A 285 14.85 30.31 9.20
CA GLY A 285 15.30 30.95 10.42
C GLY A 285 16.81 30.95 10.57
N GLN A 286 17.47 29.97 9.96
CA GLN A 286 18.90 29.86 10.05
C GLN A 286 19.64 30.84 9.14
N ALA A 287 18.95 31.35 8.12
CA ALA A 287 19.56 32.32 7.20
C ALA A 287 21.01 31.88 6.94
N GLN A 288 21.16 30.62 6.57
CA GLN A 288 22.46 30.00 6.34
C GLN A 288 23.48 30.74 5.51
N GLU A 289 23.09 31.19 4.32
CA GLU A 289 24.03 31.85 3.42
C GLU A 289 23.37 32.97 2.64
N GLU A 290 23.84 34.20 2.82
CA GLU A 290 23.26 35.31 2.10
C GLU A 290 23.58 35.22 0.61
N VAL A 291 22.60 35.55 -0.22
CA VAL A 291 22.77 35.53 -1.66
C VAL A 291 23.33 36.87 -2.12
N LEU A 292 24.35 36.81 -2.97
CA LEU A 292 24.99 38.02 -3.47
C LEU A 292 25.53 37.76 -4.85
N GLY A 293 25.53 38.79 -5.68
CA GLY A 293 26.02 38.64 -7.03
C GLY A 293 24.98 39.02 -8.05
N GLU A 294 25.37 38.99 -9.31
CA GLU A 294 24.49 39.36 -10.39
C GLU A 294 23.27 38.46 -10.58
N LEU A 295 22.35 38.99 -11.37
CA LEU A 295 21.13 38.31 -11.72
C LEU A 295 21.35 38.13 -13.21
N ASP A 296 20.92 37.02 -13.77
CA ASP A 296 21.09 36.78 -15.19
C ASP A 296 20.15 35.65 -15.56
N SER A 297 19.96 35.44 -16.86
CA SER A 297 19.08 34.38 -17.29
C SER A 297 19.30 34.01 -18.74
N ARG A 298 18.73 32.87 -19.11
CA ARG A 298 18.79 32.36 -20.46
C ARG A 298 17.52 31.56 -20.67
N PHE A 299 16.97 31.63 -21.87
CA PHE A 299 15.75 30.91 -22.20
C PHE A 299 15.90 30.47 -23.63
N ARG A 300 15.31 29.32 -23.94
CA ARG A 300 15.40 28.82 -25.30
C ARG A 300 14.31 27.80 -25.57
N PHE A 301 13.57 27.99 -26.66
CA PHE A 301 12.57 27.02 -27.04
C PHE A 301 13.37 26.01 -27.86
N VAL A 302 13.28 24.74 -27.50
CA VAL A 302 14.03 23.71 -28.20
C VAL A 302 13.10 22.73 -28.88
N ASP A 303 13.30 22.53 -30.18
CA ASP A 303 12.49 21.57 -30.91
C ASP A 303 13.13 20.22 -30.61
N PHE A 304 12.40 19.37 -29.90
CA PHE A 304 12.89 18.05 -29.51
C PHE A 304 12.88 17.03 -30.61
N THR A 305 12.15 17.30 -31.68
CA THR A 305 12.04 16.37 -32.80
C THR A 305 13.39 15.96 -33.38
N ARG A 306 13.79 14.74 -33.08
CA ARG A 306 15.05 14.21 -33.58
C ARG A 306 16.24 15.08 -33.16
N LEU A 307 16.20 15.59 -31.94
CA LEU A 307 17.26 16.44 -31.41
C LEU A 307 18.57 15.65 -31.28
N PRO A 308 19.66 16.17 -31.86
CA PRO A 308 20.98 15.52 -31.80
C PRO A 308 21.54 15.53 -30.38
N ILE A 309 21.93 14.35 -29.88
CA ILE A 309 22.49 14.23 -28.54
C ILE A 309 23.94 13.79 -28.66
N ARG A 310 24.87 14.64 -28.20
CA ARG A 310 26.28 14.31 -28.30
C ARG A 310 26.65 13.06 -27.53
N PRO A 311 27.57 12.24 -28.08
CA PRO A 311 28.02 10.99 -27.47
C PRO A 311 28.45 11.05 -26.02
N GLU A 312 28.89 12.21 -25.56
CA GLU A 312 29.32 12.28 -24.16
C GLU A 312 28.16 12.22 -23.16
N PHE A 313 26.93 12.38 -23.63
CA PHE A 313 25.78 12.33 -22.72
C PHE A 313 25.03 11.00 -22.84
N THR A 314 25.43 10.18 -23.79
CA THR A 314 24.77 8.91 -24.01
C THR A 314 25.67 7.75 -23.59
N ASP A 315 25.93 6.85 -24.51
CA ASP A 315 26.77 5.69 -24.22
C ASP A 315 28.08 5.74 -24.99
N GLY A 316 28.35 6.88 -25.63
CA GLY A 316 29.57 7.03 -26.39
C GLY A 316 29.30 7.16 -27.86
N GLN A 317 28.05 6.97 -28.26
CA GLN A 317 27.64 7.08 -29.66
C GLN A 317 26.58 8.16 -29.84
N PRO A 318 26.61 8.89 -30.96
CA PRO A 318 25.61 9.95 -31.21
C PRO A 318 24.19 9.39 -31.23
N ARG A 319 23.23 10.19 -30.77
CA ARG A 319 21.83 9.77 -30.76
C ARG A 319 20.93 10.94 -31.10
N GLN A 320 19.70 10.60 -31.49
CA GLN A 320 18.68 11.59 -31.80
C GLN A 320 17.45 11.16 -31.04
N LEU A 321 16.80 12.13 -30.40
CA LEU A 321 15.59 11.88 -29.63
C LEU A 321 14.51 11.27 -30.53
N CYS A 322 13.69 10.40 -29.97
CA CYS A 322 12.60 9.79 -30.74
C CYS A 322 11.43 10.77 -30.68
N THR A 323 10.45 10.60 -31.56
CA THR A 323 9.27 11.44 -31.51
C THR A 323 8.50 10.83 -30.33
N ALA A 324 7.64 11.62 -29.70
CA ALA A 324 6.89 11.19 -28.53
C ALA A 324 6.04 9.91 -28.63
N ALA A 325 6.10 9.11 -27.57
CA ALA A 325 5.33 7.88 -27.49
C ALA A 325 5.17 7.48 -26.03
N ILE A 326 4.02 6.90 -25.70
CA ILE A 326 3.78 6.44 -24.35
C ILE A 326 3.67 4.93 -24.35
N GLY A 327 4.36 4.30 -23.41
CA GLY A 327 4.31 2.86 -23.33
C GLY A 327 3.47 2.38 -22.17
N THR A 328 3.20 1.08 -22.15
CA THR A 328 2.42 0.50 -21.08
C THR A 328 3.35 0.19 -19.91
N SER A 329 2.77 -0.03 -18.75
CA SER A 329 3.54 -0.37 -17.58
C SER A 329 2.60 -0.98 -16.57
N LEU A 330 3.15 -1.49 -15.48
CA LEU A 330 2.32 -2.15 -14.44
C LEU A 330 1.73 -1.21 -13.38
N ALA A 331 0.63 -1.64 -12.79
CA ALA A 331 -0.05 -0.92 -11.69
C ALA A 331 -0.64 -2.20 -11.32
N ALA A 332 -1.94 -2.00 -11.43
CA ALA A 332 -3.09 -2.90 -11.35
C ALA A 332 -4.08 -1.77 -11.39
N GLY A 333 -4.47 -1.11 -10.28
CA GLY A 333 -5.49 -0.04 -10.42
C GLY A 333 -4.59 1.10 -10.76
N SER A 334 -4.54 2.26 -10.16
CA SER A 334 -3.22 2.69 -10.53
C SER A 334 -2.32 3.22 -9.58
N THR A 335 -1.52 4.25 -9.89
CA THR A 335 -0.75 4.35 -8.78
C THR A 335 0.35 5.44 -8.33
N GLU A 336 -0.34 6.35 -7.62
CA GLU A 336 0.14 7.45 -6.95
C GLU A 336 -1.06 8.35 -6.92
N ASP A 337 -2.07 7.66 -7.44
CA ASP A 337 -3.50 7.79 -7.40
C ASP A 337 -4.45 7.56 -8.51
N GLY A 338 -4.58 8.19 -9.66
CA GLY A 338 -5.71 7.70 -10.44
C GLY A 338 -5.69 6.45 -11.38
N PRO A 339 -6.57 6.49 -12.41
CA PRO A 339 -6.64 5.43 -13.43
C PRO A 339 -5.38 5.78 -14.25
N GLY A 340 -4.83 4.86 -15.03
CA GLY A 340 -3.56 5.15 -15.67
C GLY A 340 -3.20 5.65 -17.06
N PRO A 341 -2.19 4.99 -17.68
CA PRO A 341 -1.60 5.23 -19.00
C PRO A 341 -2.67 5.44 -20.04
N LEU A 342 -3.37 6.54 -19.80
CA LEU A 342 -4.46 7.04 -20.59
C LEU A 342 -5.39 5.97 -21.12
N GLY A 343 -5.67 5.05 -20.20
CA GLY A 343 -6.59 3.96 -20.46
C GLY A 343 -7.97 4.52 -20.17
N LEU A 344 -8.21 5.73 -20.67
CA LEU A 344 -9.51 6.38 -20.53
C LEU A 344 -10.24 5.68 -21.65
N GLU A 345 -11.31 4.96 -21.35
CA GLU A 345 -11.92 4.30 -22.48
C GLU A 345 -12.82 5.17 -23.32
N GLU A 346 -12.34 5.33 -24.55
CA GLU A 346 -12.95 6.09 -25.62
C GLU A 346 -14.47 5.94 -25.79
N GLY A 347 -15.11 5.18 -24.91
CA GLY A 347 -16.54 4.98 -24.99
C GLY A 347 -17.36 6.15 -24.47
N ASN A 348 -17.01 6.66 -23.30
CA ASN A 348 -17.71 7.81 -22.72
C ASN A 348 -16.88 9.05 -23.03
N ASN A 349 -15.89 8.90 -23.90
CA ASN A 349 -15.05 10.02 -24.25
C ASN A 349 -15.24 10.48 -25.69
N PRO A 350 -16.15 11.44 -25.90
CA PRO A 350 -16.48 12.02 -27.22
C PRO A 350 -15.26 12.72 -27.79
N PHE A 351 -14.46 13.28 -26.88
CA PHE A 351 -13.25 13.99 -27.27
C PHE A 351 -12.24 13.01 -27.84
N LEU A 352 -12.08 11.87 -27.16
CA LEU A 352 -11.12 10.87 -27.61
C LEU A 352 -11.46 10.34 -29.01
N SER A 353 -12.73 9.99 -29.23
CA SER A 353 -13.14 9.47 -30.53
C SER A 353 -13.10 10.51 -31.64
N ALA A 354 -13.31 11.78 -31.29
CA ALA A 354 -13.25 12.85 -32.29
C ALA A 354 -11.79 12.99 -32.73
N LEU A 355 -10.88 12.63 -31.85
CA LEU A 355 -9.45 12.69 -32.16
C LEU A 355 -9.09 11.50 -33.02
N GLY A 356 -9.88 10.43 -32.92
CA GLY A 356 -9.63 9.24 -33.72
C GLY A 356 -9.20 8.01 -32.95
N GLY A 357 -9.36 8.03 -31.63
CA GLY A 357 -8.96 6.87 -30.83
C GLY A 357 -7.52 6.97 -30.35
N LEU A 358 -7.14 6.08 -29.45
CA LEU A 358 -5.79 6.07 -28.90
C LEU A 358 -4.75 5.62 -29.93
N LEU A 359 -5.01 4.47 -30.56
CA LEU A 359 -4.10 3.94 -31.56
C LEU A 359 -4.69 4.12 -32.96
N THR A 360 -3.82 4.42 -33.92
CA THR A 360 -4.22 4.63 -35.31
C THR A 360 -3.11 4.17 -36.23
N GLY A 361 -3.19 2.93 -36.70
CA GLY A 361 -2.15 2.42 -37.57
C GLY A 361 -0.95 2.00 -36.74
N VAL A 362 0.16 1.69 -37.40
CA VAL A 362 1.35 1.26 -36.68
C VAL A 362 2.42 2.32 -36.54
N PRO A 363 3.10 2.34 -35.38
CA PRO A 363 4.15 3.34 -35.20
C PRO A 363 5.26 2.91 -36.15
N PRO A 364 5.90 3.87 -36.83
CA PRO A 364 6.97 3.47 -37.75
C PRO A 364 7.98 2.58 -37.05
N GLN A 365 8.51 1.61 -37.79
CA GLN A 365 9.50 0.70 -37.23
C GLN A 365 10.69 1.47 -36.67
N GLU A 366 10.97 2.65 -37.22
CA GLU A 366 12.10 3.45 -36.73
C GLU A 366 11.80 3.95 -35.32
N LEU A 367 10.54 4.28 -35.08
CA LEU A 367 10.10 4.76 -33.78
C LEU A 367 10.18 3.64 -32.76
N VAL A 368 9.73 2.45 -33.15
CA VAL A 368 9.76 1.31 -32.25
C VAL A 368 11.15 1.03 -31.69
N GLN A 369 12.18 0.97 -32.54
CA GLN A 369 13.49 0.69 -31.98
C GLN A 369 14.17 1.87 -31.32
N CYS A 370 13.88 3.08 -31.79
CA CYS A 370 14.48 4.24 -31.16
C CYS A 370 14.01 4.27 -29.70
N GLN A 371 12.75 3.90 -29.50
CA GLN A 371 12.15 3.88 -28.16
C GLN A 371 12.66 2.76 -27.28
N ALA A 372 13.54 1.93 -27.84
CA ALA A 372 14.16 0.83 -27.10
C ALA A 372 13.21 -0.10 -26.35
N GLU A 373 13.45 -0.29 -25.06
CA GLU A 373 12.63 -1.21 -24.27
C GLU A 373 11.15 -0.87 -24.07
N LYS A 374 10.72 0.32 -24.49
CA LYS A 374 9.32 0.70 -24.32
C LYS A 374 8.41 -0.08 -25.27
N THR A 375 7.27 -0.52 -24.75
CA THR A 375 6.31 -1.20 -25.59
C THR A 375 5.21 -0.16 -25.76
N ILE A 376 5.33 0.59 -26.84
CA ILE A 376 4.42 1.69 -27.16
C ILE A 376 2.93 1.35 -27.19
N LEU A 377 2.16 2.14 -26.47
CA LEU A 377 0.72 1.98 -26.41
C LEU A 377 0.13 3.05 -27.32
N ALA A 378 0.68 4.26 -27.22
CA ALA A 378 0.20 5.36 -28.02
C ALA A 378 1.33 6.19 -28.63
N ASP A 379 1.29 6.33 -29.95
CA ASP A 379 2.26 7.12 -30.68
C ASP A 379 1.68 8.52 -30.76
N THR A 380 1.94 9.33 -29.73
CA THR A 380 1.42 10.68 -29.63
C THR A 380 2.13 11.69 -30.54
N GLY A 381 3.38 11.41 -30.87
CA GLY A 381 4.13 12.32 -31.72
C GLY A 381 3.69 12.36 -33.18
N ASN A 382 3.17 11.26 -33.69
CA ASN A 382 2.74 11.17 -35.09
C ASN A 382 1.25 11.40 -35.33
N LYS A 383 0.51 11.68 -34.26
CA LYS A 383 -0.92 11.93 -34.36
C LYS A 383 -1.16 13.09 -35.31
N LYS A 384 -2.31 13.05 -35.98
CA LYS A 384 -2.69 14.09 -36.93
C LYS A 384 -4.07 14.63 -36.59
N PRO A 385 -4.36 15.89 -36.95
CA PRO A 385 -3.45 16.83 -37.63
C PRO A 385 -2.32 17.34 -36.73
N TYR A 386 -2.53 17.24 -35.43
CA TYR A 386 -1.54 17.69 -34.46
C TYR A 386 -1.11 16.61 -33.48
N PRO A 387 0.18 16.59 -33.12
CA PRO A 387 0.64 15.58 -32.17
C PRO A 387 -0.06 15.85 -30.84
N TRP A 388 -0.37 14.80 -30.09
CA TRP A 388 -1.05 14.94 -28.82
C TRP A 388 -0.16 15.42 -27.68
N THR A 389 1.15 15.45 -27.91
CA THR A 389 2.11 15.90 -26.90
C THR A 389 3.01 16.97 -27.51
N PRO A 390 3.60 17.83 -26.66
CA PRO A 390 4.48 18.90 -27.14
C PRO A 390 5.74 18.41 -27.86
N THR A 391 6.29 19.27 -28.71
CA THR A 391 7.49 18.94 -29.48
C THR A 391 8.54 20.03 -29.32
N VAL A 392 8.08 21.26 -29.07
CA VAL A 392 8.98 22.38 -28.87
C VAL A 392 8.88 22.71 -27.39
N LEU A 393 9.99 22.57 -26.67
CA LEU A 393 9.98 22.81 -25.24
C LEU A 393 10.91 23.90 -24.75
N PRO A 394 10.54 24.53 -23.64
CA PRO A 394 11.36 25.60 -23.07
C PRO A 394 12.41 25.10 -22.11
N ILE A 395 13.60 25.66 -22.22
CA ILE A 395 14.70 25.32 -21.32
C ILE A 395 15.08 26.68 -20.75
N GLN A 396 15.08 26.81 -19.44
CA GLN A 396 15.38 28.08 -18.82
C GLN A 396 16.20 28.00 -17.56
N MET A 397 17.10 28.98 -17.39
CA MET A 397 17.94 29.07 -16.19
C MET A 397 18.00 30.50 -15.70
N PHE A 398 17.89 30.66 -14.40
CA PHE A 398 17.97 31.97 -13.76
C PHE A 398 19.20 31.99 -12.88
N ARG A 399 20.05 33.00 -13.03
CA ARG A 399 21.16 33.08 -12.12
C ARG A 399 20.76 34.14 -11.10
N ILE A 400 20.81 33.77 -9.83
CA ILE A 400 20.48 34.66 -8.74
C ILE A 400 21.67 34.59 -7.79
N GLY A 401 22.64 35.47 -7.99
CA GLY A 401 23.83 35.45 -7.15
C GLY A 401 24.60 34.16 -7.40
N GLN A 402 24.90 33.42 -6.33
CA GLN A 402 25.63 32.17 -6.46
C GLN A 402 24.64 31.01 -6.67
N LEU A 403 23.39 31.37 -6.93
CA LEU A 403 22.32 30.42 -7.14
C LEU A 403 21.88 30.34 -8.59
N GLU A 404 21.63 29.12 -9.07
CA GLU A 404 21.11 28.95 -10.43
C GLU A 404 19.83 28.17 -10.29
N LEU A 405 18.76 28.71 -10.86
CA LEU A 405 17.45 28.08 -10.79
C LEU A 405 17.11 27.56 -12.17
N LEU A 406 16.89 26.25 -12.27
CA LEU A 406 16.56 25.62 -13.54
C LEU A 406 15.07 25.36 -13.65
N GLY A 407 14.50 25.76 -14.79
CA GLY A 407 13.08 25.55 -15.04
C GLY A 407 13.00 24.43 -16.05
N ALA A 408 12.55 23.25 -15.60
CA ALA A 408 12.46 22.10 -16.50
C ALA A 408 11.00 21.70 -16.71
N PRO A 409 10.54 21.67 -17.98
CA PRO A 409 9.18 21.33 -18.45
C PRO A 409 8.71 19.91 -18.29
N ALA A 410 9.04 19.26 -17.19
CA ALA A 410 8.58 17.88 -17.04
C ALA A 410 8.78 17.37 -15.63
N GLU A 411 8.43 16.11 -15.42
CA GLU A 411 8.59 15.48 -14.11
C GLU A 411 9.88 14.69 -14.20
N PHE A 412 10.85 15.02 -13.35
CA PHE A 412 12.13 14.34 -13.35
C PHE A 412 12.27 13.46 -12.14
N THR A 413 12.71 12.23 -12.35
CA THR A 413 12.90 11.32 -11.22
C THR A 413 14.06 11.88 -10.42
N VAL A 414 14.21 11.40 -9.20
CA VAL A 414 15.29 11.85 -8.34
C VAL A 414 16.63 11.88 -9.08
N MET A 415 17.07 10.73 -9.58
CA MET A 415 18.35 10.65 -10.26
C MET A 415 18.41 11.41 -11.59
N ALA A 416 17.29 11.50 -12.31
CA ALA A 416 17.28 12.24 -13.57
C ALA A 416 17.61 13.71 -13.27
N GLY A 417 17.07 14.21 -12.17
CA GLY A 417 17.34 15.59 -11.80
C GLY A 417 18.72 15.75 -11.16
N VAL A 418 19.07 14.82 -10.29
CA VAL A 418 20.37 14.90 -9.64
C VAL A 418 21.50 14.99 -10.65
N ARG A 419 21.49 14.11 -11.64
CA ARG A 419 22.52 14.11 -12.68
C ARG A 419 22.62 15.45 -13.39
N ILE A 420 21.47 16.02 -13.73
CA ILE A 420 21.43 17.33 -14.39
C ILE A 420 22.01 18.36 -13.43
N ARG A 421 21.62 18.27 -12.16
CA ARG A 421 22.13 19.21 -11.17
C ARG A 421 23.65 19.17 -11.06
N ARG A 422 24.21 17.96 -10.91
CA ARG A 422 25.65 17.80 -10.79
C ARG A 422 26.34 18.31 -12.04
N ALA A 423 25.79 17.98 -13.21
CA ALA A 423 26.36 18.38 -14.48
C ALA A 423 26.37 19.90 -14.63
N VAL A 424 25.27 20.53 -14.26
CA VAL A 424 25.18 21.99 -14.37
C VAL A 424 26.07 22.64 -13.32
N GLN A 425 26.09 22.10 -12.11
CA GLN A 425 26.94 22.64 -11.06
C GLN A 425 28.41 22.59 -11.48
N ALA A 426 28.79 21.52 -12.19
CA ALA A 426 30.16 21.36 -12.66
C ALA A 426 30.51 22.39 -13.71
N ALA A 427 29.55 22.73 -14.55
CA ALA A 427 29.79 23.71 -15.60
C ALA A 427 29.74 25.16 -15.11
N SER A 428 29.02 25.40 -14.02
CA SER A 428 28.86 26.75 -13.48
C SER A 428 29.83 27.11 -12.35
N GLU A 429 30.58 26.13 -11.88
CA GLU A 429 31.52 26.34 -10.78
C GLU A 429 32.38 27.59 -10.95
N ALA A 430 33.05 27.71 -12.09
CA ALA A 430 33.92 28.84 -12.36
C ALA A 430 33.20 30.19 -12.37
N ALA A 431 31.90 30.17 -12.67
CA ALA A 431 31.10 31.39 -12.71
C ALA A 431 30.75 31.87 -11.30
N GLY A 432 30.93 31.01 -10.31
CA GLY A 432 30.61 31.40 -8.96
C GLY A 432 29.30 30.82 -8.47
N ILE A 433 28.77 29.84 -9.19
CA ILE A 433 27.53 29.20 -8.77
C ILE A 433 27.86 28.13 -7.74
N ARG A 434 27.17 28.16 -6.61
CA ARG A 434 27.40 27.20 -5.54
C ARG A 434 26.18 26.33 -5.24
N HIS A 435 25.04 26.69 -5.80
CA HIS A 435 23.82 25.92 -5.59
C HIS A 435 22.97 25.90 -6.84
N VAL A 436 22.63 24.70 -7.29
CA VAL A 436 21.80 24.52 -8.47
C VAL A 436 20.45 23.99 -8.02
N VAL A 437 19.42 24.83 -8.15
CA VAL A 437 18.07 24.45 -7.77
C VAL A 437 17.31 24.01 -9.02
N PHE A 438 16.98 22.73 -9.07
CA PHE A 438 16.28 22.17 -10.21
C PHE A 438 14.77 22.25 -9.98
N ASN A 439 14.08 23.07 -10.76
CA ASN A 439 12.64 23.22 -10.60
C ASN A 439 11.91 22.56 -11.77
N GLY A 440 11.39 21.36 -11.56
CA GLY A 440 10.64 20.69 -12.60
C GLY A 440 9.26 21.30 -12.65
N TYR A 441 8.42 20.85 -13.59
CA TYR A 441 7.05 21.36 -13.71
C TYR A 441 7.09 22.85 -14.06
N ALA A 442 8.07 23.25 -14.88
CA ALA A 442 8.21 24.65 -15.22
C ALA A 442 8.05 25.00 -16.70
N ASN A 443 7.29 26.06 -16.97
CA ASN A 443 7.08 26.60 -18.32
C ASN A 443 6.29 25.79 -19.34
N ALA A 444 6.25 24.47 -19.15
CA ALA A 444 5.48 23.59 -20.02
C ALA A 444 5.45 22.25 -19.32
N TYR A 445 4.77 21.29 -19.91
CA TYR A 445 4.70 19.96 -19.32
C TYR A 445 4.84 18.93 -20.41
N ALA A 446 5.90 18.14 -20.33
CA ALA A 446 6.17 17.09 -21.30
C ALA A 446 6.36 15.75 -20.61
N SER A 447 5.44 15.44 -19.70
CA SER A 447 5.43 14.19 -18.98
C SER A 447 6.65 13.90 -18.13
N TYR A 448 7.13 12.66 -18.18
CA TYR A 448 8.24 12.24 -17.36
C TYR A 448 9.62 12.09 -17.97
N VAL A 449 10.62 12.24 -17.11
CA VAL A 449 12.00 12.09 -17.52
C VAL A 449 12.66 11.11 -16.56
N THR A 450 13.21 10.06 -17.13
CA THR A 450 13.86 9.03 -16.34
C THR A 450 15.28 8.87 -16.85
N THR A 451 16.18 8.36 -16.01
CA THR A 451 17.55 8.16 -16.46
C THR A 451 17.54 6.99 -17.43
N ARG A 452 18.57 6.88 -18.26
CA ARG A 452 18.65 5.78 -19.20
C ARG A 452 18.39 4.45 -18.49
N GLU A 453 18.99 4.27 -17.32
CA GLU A 453 18.82 3.03 -16.56
C GLU A 453 17.40 2.78 -16.09
N GLU A 454 16.77 3.81 -15.53
CA GLU A 454 15.40 3.67 -15.06
C GLU A 454 14.49 3.42 -16.25
N TYR A 455 14.78 4.10 -17.36
CA TYR A 455 13.97 3.94 -18.55
C TYR A 455 13.96 2.48 -19.00
N ALA A 456 15.11 1.83 -18.90
CA ALA A 456 15.25 0.42 -19.29
C ALA A 456 14.34 -0.51 -18.52
N ALA A 457 13.98 -0.13 -17.30
CA ALA A 457 13.10 -0.94 -16.47
C ALA A 457 11.64 -0.69 -16.83
N GLN A 458 11.41 0.42 -17.51
CA GLN A 458 10.08 0.80 -17.94
C GLN A 458 8.96 0.77 -16.90
N GLU A 459 9.23 1.30 -15.72
CA GLU A 459 8.17 1.38 -14.74
C GLU A 459 7.37 2.58 -15.20
N TYR A 460 6.32 2.94 -14.49
CA TYR A 460 5.48 4.07 -14.88
C TYR A 460 6.20 5.31 -15.46
N GLU A 461 7.17 5.85 -14.75
CA GLU A 461 7.87 7.05 -15.23
C GLU A 461 8.59 6.80 -16.56
N GLY A 462 9.14 5.60 -16.70
CA GLY A 462 9.84 5.25 -17.92
C GLY A 462 8.87 5.17 -19.09
N GLY A 463 7.73 4.54 -18.85
CA GLY A 463 6.73 4.42 -19.90
C GLY A 463 6.28 5.79 -20.36
N SER A 464 6.35 6.77 -19.46
CA SER A 464 5.94 8.12 -19.80
C SER A 464 7.08 9.08 -20.09
N THR A 465 8.23 8.51 -20.46
CA THR A 465 9.38 9.32 -20.83
C THR A 465 9.24 9.33 -22.34
N LEU A 466 8.48 10.32 -22.81
CA LEU A 466 8.11 10.52 -24.21
C LEU A 466 9.11 10.36 -25.34
N TYR A 467 10.27 11.00 -25.21
CA TYR A 467 11.23 10.99 -26.29
C TYR A 467 12.29 9.90 -26.37
N GLY A 468 12.04 8.78 -25.70
CA GLY A 468 13.00 7.69 -25.75
C GLY A 468 13.95 7.58 -24.58
N PRO A 469 14.80 6.55 -24.57
CA PRO A 469 15.79 6.28 -23.52
C PRO A 469 16.78 7.41 -23.23
N TRP A 470 17.01 8.27 -24.22
CA TRP A 470 17.98 9.35 -24.05
C TRP A 470 17.37 10.71 -23.75
N THR A 471 16.12 10.72 -23.31
CA THR A 471 15.44 11.96 -22.98
C THR A 471 16.20 12.68 -21.86
N GLN A 472 16.58 11.94 -20.84
CA GLN A 472 17.30 12.50 -19.70
C GLN A 472 18.60 13.13 -20.18
N ALA A 473 19.33 12.40 -21.03
CA ALA A 473 20.59 12.89 -21.57
C ALA A 473 20.40 14.20 -22.33
N ALA A 474 19.35 14.27 -23.14
CA ALA A 474 19.08 15.47 -23.93
C ALA A 474 18.90 16.68 -23.01
N TYR A 475 18.09 16.51 -21.96
CA TYR A 475 17.87 17.58 -21.01
C TYR A 475 19.16 17.98 -20.33
N GLN A 476 19.99 16.99 -20.01
CA GLN A 476 21.26 17.28 -19.36
C GLN A 476 22.14 18.05 -20.34
N GLN A 477 22.03 17.72 -21.63
CA GLN A 477 22.83 18.42 -22.63
C GLN A 477 22.33 19.85 -22.83
N LEU A 478 21.02 20.03 -22.75
CA LEU A 478 20.43 21.34 -22.95
C LEU A 478 20.76 22.28 -21.80
N PHE A 479 20.63 21.79 -20.57
CA PHE A 479 20.93 22.61 -19.41
C PHE A 479 22.43 22.87 -19.23
N VAL A 480 23.26 21.91 -19.62
CA VAL A 480 24.70 22.09 -19.51
C VAL A 480 25.13 23.15 -20.52
N ASP A 481 24.67 23.02 -21.75
CA ASP A 481 25.00 24.00 -22.79
C ASP A 481 24.50 25.38 -22.40
N MET A 482 23.36 25.44 -21.71
CA MET A 482 22.86 26.75 -21.31
C MET A 482 23.73 27.31 -20.18
N ALA A 483 24.16 26.42 -19.30
CA ALA A 483 25.02 26.81 -18.18
C ALA A 483 26.37 27.33 -18.65
N VAL A 484 26.96 26.68 -19.65
CA VAL A 484 28.24 27.14 -20.16
C VAL A 484 28.06 28.50 -20.82
N ALA A 485 26.93 28.69 -21.49
CA ALA A 485 26.65 29.97 -22.15
C ALA A 485 26.63 31.06 -21.09
N LEU A 486 25.99 30.78 -19.95
CA LEU A 486 25.93 31.75 -18.86
C LEU A 486 27.33 32.05 -18.35
N ARG A 487 28.13 30.99 -18.20
CA ARG A 487 29.51 31.11 -17.73
C ARG A 487 30.38 31.94 -18.67
N GLU A 488 30.18 31.76 -19.97
CA GLU A 488 30.97 32.47 -20.98
C GLU A 488 30.38 33.80 -21.44
N ARG A 489 29.16 34.10 -20.99
CA ARG A 489 28.46 35.33 -21.35
C ARG A 489 28.17 35.51 -22.83
N LEU A 490 27.66 34.45 -23.45
CA LEU A 490 27.32 34.46 -24.86
C LEU A 490 25.84 34.14 -24.93
N PRO A 491 25.17 34.48 -26.05
CA PRO A 491 23.75 34.17 -26.11
C PRO A 491 23.63 32.66 -26.24
N VAL A 492 22.43 32.14 -26.04
CA VAL A 492 22.19 30.71 -26.18
C VAL A 492 21.70 30.63 -27.62
N GLU A 493 21.65 29.43 -28.22
CA GLU A 493 21.19 29.37 -29.61
C GLU A 493 19.82 29.96 -29.83
N THR A 494 19.60 30.35 -31.08
CA THR A 494 18.36 30.96 -31.53
C THR A 494 17.18 30.02 -31.27
N SER A 495 16.14 30.53 -30.60
CA SER A 495 14.96 29.75 -30.26
C SER A 495 14.09 29.28 -31.42
N ALA A 496 13.60 28.05 -31.29
CA ALA A 496 12.70 27.49 -32.30
C ALA A 496 11.36 28.12 -32.00
N ILE A 497 10.39 27.93 -32.89
CA ILE A 497 9.07 28.50 -32.69
C ILE A 497 8.12 27.52 -31.99
N ALA A 498 7.50 27.99 -30.91
CA ALA A 498 6.55 27.19 -30.16
C ALA A 498 5.21 27.27 -30.89
N PRO A 499 4.68 26.12 -31.32
CA PRO A 499 3.40 26.09 -32.03
C PRO A 499 2.25 26.75 -31.27
N ASP A 500 1.50 27.61 -31.96
CA ASP A 500 0.33 28.26 -31.35
C ASP A 500 -0.88 27.41 -31.73
N LEU A 501 -1.45 26.73 -30.75
CA LEU A 501 -2.61 25.86 -31.01
C LEU A 501 -3.94 26.43 -30.55
N SER A 502 -3.97 27.73 -30.25
CA SER A 502 -5.18 28.38 -29.78
C SER A 502 -6.31 28.31 -30.82
N CYS A 503 -5.93 28.07 -32.07
CA CYS A 503 -6.88 27.98 -33.18
C CYS A 503 -7.71 26.72 -33.21
N CYS A 504 -7.10 25.58 -32.90
CA CYS A 504 -7.80 24.31 -32.99
C CYS A 504 -8.05 23.55 -31.69
N GLN A 505 -8.73 24.17 -30.74
CA GLN A 505 -9.03 23.49 -29.49
C GLN A 505 -10.48 23.04 -29.48
N MET A 506 -10.71 21.78 -29.16
CA MET A 506 -12.07 21.25 -29.11
C MET A 506 -12.46 21.09 -27.65
N ASN A 507 -13.75 20.93 -27.42
CA ASN A 507 -14.26 20.75 -26.07
C ASN A 507 -15.60 20.03 -26.12
N PHE A 508 -15.66 18.87 -25.49
CA PHE A 508 -16.89 18.10 -25.45
C PHE A 508 -17.50 18.08 -24.05
N GLN A 509 -16.95 18.89 -23.16
CA GLN A 509 -17.47 19.00 -21.80
C GLN A 509 -18.54 20.07 -21.83
N THR A 510 -19.75 19.71 -21.41
CA THR A 510 -20.86 20.65 -21.41
C THR A 510 -20.70 21.77 -20.41
N GLY A 511 -21.23 22.93 -20.75
CA GLY A 511 -21.18 24.07 -19.87
C GLY A 511 -22.49 24.09 -19.10
N VAL A 512 -22.89 25.26 -18.63
CA VAL A 512 -24.14 25.40 -17.90
C VAL A 512 -25.26 25.69 -18.89
N VAL A 513 -26.28 24.85 -18.90
CA VAL A 513 -27.40 25.03 -19.82
C VAL A 513 -28.39 26.00 -19.19
N ALA A 514 -28.74 25.73 -17.94
CA ALA A 514 -29.67 26.55 -17.22
C ALA A 514 -29.72 26.11 -15.77
N ASP A 515 -30.05 27.04 -14.89
CA ASP A 515 -30.17 26.78 -13.47
C ASP A 515 -31.62 27.05 -13.08
N ASP A 516 -32.11 26.26 -12.13
CA ASP A 516 -33.45 26.47 -11.61
C ASP A 516 -33.34 26.24 -10.13
N PRO A 517 -34.17 26.92 -9.34
CA PRO A 517 -34.14 26.74 -7.89
C PRO A 517 -34.80 25.42 -7.60
N TYR A 518 -34.73 24.98 -6.35
CA TYR A 518 -35.42 23.76 -5.95
C TYR A 518 -36.88 24.09 -6.21
N ILE A 519 -37.69 23.08 -6.53
CA ILE A 519 -39.13 23.30 -6.79
C ILE A 519 -39.79 24.01 -5.61
N GLY A 520 -40.39 25.17 -5.87
CA GLY A 520 -41.07 25.91 -4.81
C GLY A 520 -40.17 26.80 -3.99
N LYS A 521 -38.89 26.80 -4.32
CA LYS A 521 -37.92 27.62 -3.60
C LYS A 521 -37.32 28.65 -4.54
N SER A 522 -36.44 29.48 -3.99
CA SER A 522 -35.76 30.50 -4.76
C SER A 522 -34.28 30.36 -4.41
N PHE A 523 -33.41 30.77 -5.33
CA PHE A 523 -31.96 30.70 -5.10
C PHE A 523 -31.60 31.42 -3.82
N GLY A 524 -30.67 30.85 -3.05
CA GLY A 524 -30.26 31.49 -1.81
C GLY A 524 -31.00 30.99 -0.59
N ASP A 525 -32.09 30.26 -0.81
CA ASP A 525 -32.86 29.73 0.32
C ASP A 525 -32.02 28.75 1.11
N VAL A 526 -32.24 28.71 2.41
CA VAL A 526 -31.50 27.80 3.29
C VAL A 526 -32.20 26.46 3.43
N LEU A 527 -31.59 25.43 2.87
CA LEU A 527 -32.14 24.08 2.92
C LEU A 527 -31.86 23.44 4.27
N GLN A 528 -30.77 23.85 4.91
CA GLN A 528 -30.39 23.32 6.22
C GLN A 528 -29.77 24.40 7.09
N GLN A 529 -30.48 24.76 8.16
CA GLN A 529 -30.02 25.76 9.10
C GLN A 529 -29.10 25.13 10.13
N PRO A 530 -28.15 25.91 10.69
CA PRO A 530 -27.23 25.39 11.69
C PRO A 530 -27.96 25.08 12.99
N ARG A 531 -27.35 24.26 13.85
CA ARG A 531 -27.95 23.92 15.13
C ARG A 531 -27.93 25.17 16.01
N GLU A 532 -28.64 25.11 17.14
CA GLU A 532 -28.69 26.26 18.03
C GLU A 532 -27.29 26.70 18.45
N SER A 533 -26.46 25.73 18.83
CA SER A 533 -25.11 26.04 19.27
C SER A 533 -24.10 24.93 18.95
N TYR A 534 -22.83 25.30 18.93
CA TYR A 534 -21.75 24.35 18.65
C TYR A 534 -20.60 24.60 19.59
N ARG A 535 -19.77 23.59 19.77
CA ARG A 535 -18.60 23.70 20.62
C ARG A 535 -17.40 23.72 19.68
N ILE A 536 -16.28 24.24 20.16
CA ILE A 536 -15.08 24.29 19.36
C ILE A 536 -14.63 22.88 19.04
N GLY A 537 -14.43 22.60 17.75
CA GLY A 537 -14.02 21.27 17.35
C GLY A 537 -15.14 20.60 16.58
N ASP A 538 -16.34 21.17 16.68
CA ASP A 538 -17.50 20.63 15.98
C ASP A 538 -17.54 21.13 14.54
N LYS A 539 -18.17 20.36 13.66
CA LYS A 539 -18.29 20.75 12.27
C LYS A 539 -19.69 21.24 12.00
N VAL A 540 -19.79 22.51 11.60
CA VAL A 540 -21.07 23.11 11.29
C VAL A 540 -21.32 22.85 9.81
N THR A 541 -22.46 22.24 9.50
CA THR A 541 -22.82 21.95 8.11
C THR A 541 -24.13 22.66 7.79
N VAL A 542 -24.11 23.42 6.71
CA VAL A 542 -25.27 24.20 6.27
C VAL A 542 -25.44 24.02 4.76
N ALA A 543 -26.66 24.22 4.25
CA ALA A 543 -26.91 24.06 2.81
C ALA A 543 -27.83 25.11 2.21
N PHE A 544 -27.58 25.45 0.95
CA PHE A 544 -28.36 26.47 0.24
C PHE A 544 -28.81 26.03 -1.14
N VAL A 545 -29.84 26.70 -1.65
CA VAL A 545 -30.33 26.45 -2.99
C VAL A 545 -29.37 27.33 -3.79
N THR A 546 -28.71 26.75 -4.78
CA THR A 546 -27.75 27.52 -5.56
C THR A 546 -27.81 27.32 -7.07
N GLY A 547 -26.85 27.92 -7.75
CA GLY A 547 -26.71 27.82 -9.18
C GLY A 547 -25.34 27.23 -9.46
N HIS A 548 -25.13 26.78 -10.69
CA HIS A 548 -23.87 26.17 -11.11
C HIS A 548 -22.65 27.08 -10.97
N PRO A 549 -21.67 26.70 -10.13
CA PRO A 549 -20.48 27.53 -9.95
C PRO A 549 -19.72 27.81 -11.24
N LYS A 550 -20.00 27.03 -12.27
CA LYS A 550 -19.34 27.20 -13.55
C LYS A 550 -19.73 28.55 -14.13
N ASN A 551 -20.88 29.07 -13.69
CA ASN A 551 -21.34 30.36 -14.19
C ASN A 551 -20.38 31.46 -13.81
N ASP A 552 -19.72 31.32 -12.66
CA ASP A 552 -18.80 32.36 -12.20
C ASP A 552 -17.79 31.78 -11.21
N LEU A 553 -16.51 31.94 -11.52
CA LEU A 553 -15.44 31.44 -10.69
C LEU A 553 -15.34 32.16 -9.35
N ARG A 554 -15.91 33.36 -9.31
CA ARG A 554 -15.86 34.19 -8.12
C ARG A 554 -14.39 34.40 -7.76
N THR A 555 -13.61 34.74 -8.78
CA THR A 555 -12.18 34.99 -8.65
C THR A 555 -11.95 36.14 -7.67
N GLU A 556 -11.05 35.93 -6.70
CA GLU A 556 -10.71 36.93 -5.70
C GLU A 556 -11.90 37.16 -4.76
N LYS A 557 -12.91 36.31 -4.87
CA LYS A 557 -14.09 36.39 -4.01
C LYS A 557 -14.32 35.05 -3.32
N THR A 558 -15.56 34.74 -2.98
CA THR A 558 -15.81 33.48 -2.28
C THR A 558 -17.24 32.98 -2.39
N PHE A 559 -17.42 31.67 -2.23
CA PHE A 559 -18.73 31.06 -2.30
C PHE A 559 -19.36 31.06 -0.90
N LEU A 560 -18.56 31.38 0.10
CA LEU A 560 -19.06 31.41 1.47
C LEU A 560 -18.26 32.27 2.42
N GLU A 561 -18.92 32.67 3.50
CA GLU A 561 -18.29 33.47 4.53
C GLU A 561 -18.87 33.08 5.87
N VAL A 562 -17.99 32.84 6.84
CA VAL A 562 -18.40 32.53 8.19
C VAL A 562 -18.31 33.90 8.84
N VAL A 563 -19.45 34.41 9.29
CA VAL A 563 -19.50 35.74 9.90
C VAL A 563 -19.70 35.75 11.40
N ASN A 564 -18.92 36.59 12.07
CA ASN A 564 -18.99 36.76 13.52
C ASN A 564 -19.75 38.04 13.84
N ILE A 565 -20.85 37.93 14.57
CA ILE A 565 -21.64 39.10 14.92
C ILE A 565 -21.61 39.43 16.42
N GLY A 566 -20.58 38.95 17.11
CA GLY A 566 -20.45 39.25 18.52
C GLY A 566 -20.91 38.23 19.55
N LYS A 567 -20.69 38.58 20.82
CA LYS A 567 -21.06 37.74 21.95
C LYS A 567 -22.55 37.83 22.25
N ASP A 568 -23.17 38.93 21.84
CA ASP A 568 -24.59 39.10 22.05
C ASP A 568 -25.31 39.11 20.70
N GLY A 569 -24.54 38.92 19.65
CA GLY A 569 -25.10 38.88 18.31
C GLY A 569 -25.41 40.22 17.69
N LYS A 570 -25.02 41.31 18.33
CA LYS A 570 -25.31 42.61 17.77
C LYS A 570 -24.09 43.49 17.51
N GLN A 571 -23.00 42.87 17.07
CA GLN A 571 -21.80 43.63 16.77
C GLN A 571 -21.64 43.67 15.27
N THR A 572 -20.90 44.65 14.78
CA THR A 572 -20.66 44.78 13.35
C THR A 572 -20.09 43.46 12.86
N PRO A 573 -20.78 42.82 11.91
CA PRO A 573 -20.33 41.54 11.36
C PRO A 573 -18.91 41.56 10.80
N VAL A 574 -18.10 40.62 11.25
CA VAL A 574 -16.73 40.50 10.79
C VAL A 574 -16.55 39.06 10.31
N THR A 575 -16.13 38.89 9.06
CA THR A 575 -15.95 37.54 8.52
C THR A 575 -14.68 36.88 9.04
N VAL A 576 -14.79 35.63 9.47
CA VAL A 576 -13.66 34.90 10.02
C VAL A 576 -13.18 33.73 9.17
N ALA A 577 -13.97 33.32 8.19
CA ALA A 577 -13.61 32.20 7.33
C ALA A 577 -14.15 32.45 5.94
N THR A 578 -13.42 31.99 4.95
CA THR A 578 -13.78 32.19 3.54
C THR A 578 -13.64 30.83 2.83
N ASP A 579 -14.05 30.70 1.56
CA ASP A 579 -13.91 29.38 0.93
C ASP A 579 -12.47 28.92 0.72
N ASN A 580 -11.50 29.79 0.99
CA ASN A 580 -10.10 29.43 0.80
C ASN A 580 -9.52 28.70 2.01
N ASP A 581 -10.11 28.97 3.17
CA ASP A 581 -9.64 28.41 4.42
C ASP A 581 -9.76 26.90 4.59
N TRP A 582 -8.77 26.33 5.26
CA TRP A 582 -8.72 24.91 5.53
C TRP A 582 -9.92 24.45 6.34
N ASP A 583 -10.41 25.34 7.22
CA ASP A 583 -11.54 25.02 8.08
C ASP A 583 -12.90 24.98 7.40
N THR A 584 -12.98 25.45 6.16
CA THR A 584 -14.26 25.45 5.46
C THR A 584 -14.24 24.57 4.22
N GLN A 585 -15.43 24.21 3.75
CA GLN A 585 -15.58 23.42 2.55
C GLN A 585 -16.85 23.83 1.84
N TYR A 586 -16.74 23.95 0.53
CA TYR A 586 -17.87 24.31 -0.33
C TYR A 586 -18.07 23.14 -1.29
N ARG A 587 -19.25 22.55 -1.24
CA ARG A 587 -19.54 21.42 -2.11
C ARG A 587 -20.78 21.71 -2.93
N TRP A 588 -20.72 21.37 -4.21
CA TRP A 588 -21.84 21.56 -5.11
C TRP A 588 -22.33 20.21 -5.61
N GLU A 589 -23.64 20.07 -5.75
CA GLU A 589 -24.22 18.83 -6.24
C GLU A 589 -25.50 19.12 -7.02
N ARG A 590 -25.68 18.38 -8.10
CA ARG A 590 -26.84 18.53 -8.96
C ARG A 590 -28.05 17.92 -8.24
N VAL A 591 -29.15 18.66 -8.17
CA VAL A 591 -30.36 18.10 -7.57
C VAL A 591 -31.46 18.29 -8.60
N GLY A 592 -32.31 17.28 -8.74
CA GLY A 592 -33.36 17.36 -9.73
C GLY A 592 -32.73 17.42 -11.12
N ILE A 593 -33.39 18.09 -12.04
CA ILE A 593 -32.88 18.20 -13.40
C ILE A 593 -31.91 19.37 -13.56
N SER A 594 -32.32 20.55 -13.08
CA SER A 594 -31.50 21.75 -13.24
C SER A 594 -31.27 22.57 -11.97
N ALA A 595 -31.57 21.99 -10.82
CA ALA A 595 -31.35 22.70 -9.57
C ALA A 595 -30.01 22.22 -9.02
N SER A 596 -29.54 22.86 -7.96
CA SER A 596 -28.28 22.44 -7.37
C SER A 596 -28.18 22.90 -5.92
N LYS A 597 -27.33 22.21 -5.17
CA LYS A 597 -27.18 22.52 -3.77
C LYS A 597 -25.77 22.86 -3.34
N ALA A 598 -25.67 23.93 -2.55
CA ALA A 598 -24.39 24.37 -2.02
C ALA A 598 -24.33 23.93 -0.58
N THR A 599 -23.43 23.01 -0.29
CA THR A 599 -23.29 22.54 1.08
C THR A 599 -22.02 23.16 1.59
N ILE A 600 -22.15 23.93 2.66
CA ILE A 600 -21.02 24.60 3.25
C ILE A 600 -20.79 24.08 4.66
N SER A 601 -19.55 23.73 4.95
CA SER A 601 -19.19 23.21 6.25
C SER A 601 -18.08 24.01 6.88
N TRP A 602 -18.05 24.02 8.20
CA TRP A 602 -17.03 24.75 8.94
C TRP A 602 -16.64 24.00 10.20
N SER A 603 -15.36 23.66 10.29
CA SER A 603 -14.82 22.96 11.45
C SER A 603 -14.30 24.07 12.36
N ILE A 604 -15.06 24.40 13.39
CA ILE A 604 -14.69 25.45 14.33
C ILE A 604 -13.31 25.17 14.91
N PRO A 605 -12.34 26.03 14.62
CA PRO A 605 -10.98 25.84 15.12
C PRO A 605 -10.69 26.38 16.51
N PRO A 606 -9.74 25.75 17.21
CA PRO A 606 -9.36 26.19 18.55
C PRO A 606 -9.02 27.67 18.42
N GLY A 607 -9.37 28.47 19.42
CA GLY A 607 -9.08 29.89 19.36
C GLY A 607 -10.26 30.72 18.89
N THR A 608 -11.33 30.07 18.51
CA THR A 608 -12.53 30.77 18.05
C THR A 608 -13.17 31.57 19.18
N GLU A 609 -13.47 32.83 18.90
CA GLU A 609 -14.12 33.69 19.89
C GLU A 609 -15.49 33.09 20.19
N PRO A 610 -15.77 32.80 21.47
CA PRO A 610 -17.09 32.24 21.76
C PRO A 610 -18.12 33.32 21.46
N GLY A 611 -19.18 32.96 20.74
CA GLY A 611 -20.19 33.96 20.41
C GLY A 611 -21.14 33.56 19.30
N HIS A 612 -21.79 34.55 18.69
CA HIS A 612 -22.75 34.29 17.63
C HIS A 612 -22.17 34.46 16.23
N TYR A 613 -22.48 33.48 15.39
CA TYR A 613 -22.00 33.45 14.01
C TYR A 613 -23.11 33.03 13.07
N TYR A 614 -22.93 33.33 11.79
CA TYR A 614 -23.86 32.91 10.76
C TYR A 614 -23.08 32.68 9.47
N ILE A 615 -23.61 31.85 8.60
CA ILE A 615 -22.93 31.55 7.34
C ILE A 615 -23.63 32.15 6.16
N ARG A 616 -22.84 32.81 5.31
CA ARG A 616 -23.36 33.45 4.12
C ARG A 616 -22.86 32.74 2.88
N HIS A 617 -23.74 32.55 1.90
CA HIS A 617 -23.39 31.90 0.65
C HIS A 617 -23.56 32.87 -0.51
N TYR A 618 -22.62 32.82 -1.45
CA TYR A 618 -22.65 33.66 -2.64
C TYR A 618 -22.58 32.68 -3.81
N GLY A 619 -23.44 32.89 -4.80
CA GLY A 619 -23.44 32.01 -5.95
C GLY A 619 -23.89 32.75 -7.18
N ASN A 620 -24.04 32.02 -8.28
CA ASN A 620 -24.49 32.63 -9.51
C ASN A 620 -25.37 31.64 -10.23
N ALA A 621 -26.47 32.12 -10.80
CA ALA A 621 -27.40 31.25 -11.51
C ALA A 621 -27.71 31.81 -12.89
N LYS A 622 -27.80 30.92 -13.86
CA LYS A 622 -28.09 31.31 -15.23
C LYS A 622 -29.51 30.93 -15.59
N ASN A 623 -30.20 31.83 -16.28
CA ASN A 623 -31.57 31.57 -16.70
C ASN A 623 -31.56 31.16 -18.16
N PHE A 624 -32.34 30.14 -18.49
CA PHE A 624 -32.41 29.64 -19.86
C PHE A 624 -32.98 30.65 -20.85
N TRP A 625 -34.10 31.27 -20.51
CA TRP A 625 -34.75 32.23 -21.40
C TRP A 625 -33.99 33.50 -21.70
N THR A 626 -33.37 34.08 -20.66
CA THR A 626 -32.62 35.31 -20.83
C THR A 626 -31.14 35.05 -21.09
N GLN A 627 -30.69 33.84 -20.76
CA GLN A 627 -29.28 33.48 -20.94
C GLN A 627 -28.42 34.37 -20.04
N LYS A 628 -29.09 35.01 -19.08
CA LYS A 628 -28.46 35.93 -18.15
C LYS A 628 -27.97 35.22 -16.88
N ILE A 629 -26.81 35.63 -16.40
CA ILE A 629 -26.25 35.07 -15.18
C ILE A 629 -26.40 36.10 -14.06
N SER A 630 -27.18 35.74 -13.04
CA SER A 630 -27.43 36.63 -11.92
C SER A 630 -26.72 36.17 -10.65
N GLU A 631 -26.48 37.12 -9.76
CA GLU A 631 -25.83 36.85 -8.48
C GLU A 631 -26.90 36.35 -7.53
N ILE A 632 -26.57 35.34 -6.72
CA ILE A 632 -27.53 34.84 -5.77
C ILE A 632 -26.82 34.56 -4.46
N GLY A 633 -27.60 34.35 -3.41
CA GLY A 633 -27.00 34.08 -2.12
C GLY A 633 -28.01 34.08 -1.01
N GLY A 634 -27.52 33.74 0.18
CA GLY A 634 -28.37 33.70 1.34
C GLY A 634 -27.51 33.64 2.57
N SER A 635 -28.14 33.83 3.72
CA SER A 635 -27.46 33.80 4.99
C SER A 635 -28.28 32.95 5.93
N THR A 636 -27.63 32.06 6.67
CA THR A 636 -28.33 31.21 7.62
C THR A 636 -28.68 32.06 8.85
N ARG A 637 -29.44 31.47 9.75
CA ARG A 637 -29.79 32.15 10.99
C ARG A 637 -28.50 32.06 11.78
N SER A 638 -28.43 32.78 12.90
CA SER A 638 -27.22 32.74 13.71
C SER A 638 -27.19 31.54 14.65
N PHE A 639 -25.98 31.04 14.90
CA PHE A 639 -25.79 29.93 15.83
C PHE A 639 -24.75 30.40 16.83
N GLU A 640 -24.68 29.73 17.97
CA GLU A 640 -23.74 30.11 19.00
C GLU A 640 -22.55 29.19 19.15
N VAL A 641 -21.37 29.79 19.30
CA VAL A 641 -20.14 29.04 19.48
C VAL A 641 -19.82 29.13 20.97
N LEU A 642 -19.88 27.98 21.63
CA LEU A 642 -19.64 27.93 23.07
C LEU A 642 -18.19 27.68 23.46
N GLY A 643 -17.74 28.36 24.51
CA GLY A 643 -16.38 28.17 24.99
C GLY A 643 -16.28 26.70 25.35
N THR A 644 -15.19 26.05 24.94
CA THR A 644 -15.04 24.62 25.20
C THR A 644 -13.63 24.22 25.59
N ASP B 2 -23.62 -50.38 2.12
CA ASP B 2 -24.47 -49.18 1.86
C ASP B 2 -23.63 -48.00 1.39
N LEU B 3 -23.11 -47.23 2.33
CA LEU B 3 -22.29 -46.08 1.98
C LEU B 3 -20.87 -46.42 1.57
N PRO B 4 -20.36 -45.73 0.53
CA PRO B 4 -19.02 -45.92 -0.03
C PRO B 4 -17.88 -45.59 0.93
N TYR B 5 -18.06 -44.55 1.73
CA TYR B 5 -17.02 -44.15 2.66
C TYR B 5 -17.49 -43.93 4.09
N ARG B 6 -16.51 -43.62 4.92
CA ARG B 6 -16.70 -43.31 6.33
C ARG B 6 -15.69 -42.23 6.56
N PHE B 7 -16.03 -41.31 7.44
CA PHE B 7 -15.10 -40.25 7.76
C PHE B 7 -15.24 -39.99 9.24
N GLY B 8 -14.16 -39.48 9.81
CA GLY B 8 -14.13 -39.17 11.22
C GLY B 8 -13.55 -37.78 11.28
N LEU B 9 -14.21 -36.90 12.02
CA LEU B 9 -13.76 -35.52 12.14
C LEU B 9 -13.29 -35.26 13.56
N GLY B 10 -12.03 -34.86 13.69
CA GLY B 10 -11.48 -34.60 15.00
C GLY B 10 -10.81 -33.25 15.08
N LYS B 11 -10.76 -32.70 16.28
CA LYS B 11 -10.17 -31.40 16.52
C LYS B 11 -9.45 -31.42 17.86
N ALA B 12 -8.25 -30.84 17.91
CA ALA B 12 -7.46 -30.80 19.15
C ALA B 12 -6.65 -29.51 19.22
N ASP B 13 -6.47 -29.04 20.45
CA ASP B 13 -5.75 -27.81 20.75
C ASP B 13 -4.24 -27.95 20.47
N ILE B 14 -3.67 -27.00 19.74
CA ILE B 14 -2.23 -27.03 19.47
C ILE B 14 -1.60 -25.69 19.78
N THR B 15 -2.30 -24.88 20.57
CA THR B 15 -1.80 -23.57 20.93
C THR B 15 -0.50 -23.67 21.70
N GLY B 16 0.46 -22.85 21.33
CA GLY B 16 1.76 -22.87 21.98
C GLY B 16 1.92 -21.83 23.07
N GLU B 17 3.16 -21.53 23.41
CA GLU B 17 3.48 -20.56 24.46
C GLU B 17 2.92 -19.18 24.16
N ALA B 18 1.98 -18.76 25.00
CA ALA B 18 1.29 -17.49 24.84
C ALA B 18 2.09 -16.22 25.12
N ALA B 19 3.27 -16.36 25.70
CA ALA B 19 4.07 -15.17 25.94
C ALA B 19 5.56 -15.39 25.90
N GLU B 20 6.25 -14.45 25.26
CA GLU B 20 7.70 -14.44 25.13
C GLU B 20 8.37 -15.50 24.25
N VAL B 21 7.76 -15.75 23.10
CA VAL B 21 8.30 -16.67 22.13
C VAL B 21 8.05 -16.05 20.77
N GLY B 22 9.13 -15.80 20.03
CA GLY B 22 9.01 -15.19 18.72
C GLY B 22 7.93 -15.86 17.89
N MET B 23 7.16 -15.04 17.17
CA MET B 23 6.10 -15.59 16.33
C MET B 23 6.66 -16.08 15.01
N MET B 24 6.00 -17.10 14.47
CA MET B 24 6.42 -17.74 13.23
C MET B 24 5.78 -17.16 11.97
N GLY B 25 6.62 -16.70 11.04
CA GLY B 25 6.10 -16.16 9.79
C GLY B 25 6.72 -14.86 9.35
N TYR B 26 6.79 -13.90 10.26
CA TYR B 26 7.35 -12.60 9.93
C TYR B 26 8.84 -12.47 10.20
N SER B 27 9.43 -13.52 10.77
CA SER B 27 10.85 -13.51 11.08
C SER B 27 11.25 -12.29 11.88
N SER B 28 10.34 -11.80 12.71
CA SER B 28 10.63 -10.63 13.52
C SER B 28 11.12 -10.96 14.91
N LEU B 29 12.27 -10.38 15.23
CA LEU B 29 12.90 -10.56 16.52
C LEU B 29 11.97 -9.95 17.59
N GLU B 30 11.33 -8.83 17.23
CA GLU B 30 10.41 -8.10 18.10
C GLU B 30 9.11 -8.82 18.42
N GLN B 31 8.50 -9.41 17.39
CA GLN B 31 7.20 -10.05 17.54
C GLN B 31 7.07 -11.32 18.38
N LYS B 32 7.00 -11.15 19.69
CA LYS B 32 6.83 -12.31 20.56
C LYS B 32 5.39 -12.34 21.04
N THR B 33 4.90 -13.55 21.34
CA THR B 33 3.53 -13.70 21.80
C THR B 33 3.35 -12.95 23.12
N ALA B 34 2.19 -12.33 23.29
CA ALA B 34 1.87 -11.60 24.50
C ALA B 34 0.40 -11.85 24.85
N GLY B 35 -0.11 -13.02 24.48
CA GLY B 35 -1.49 -13.31 24.77
C GLY B 35 -2.18 -14.15 23.71
N ILE B 36 -3.49 -14.24 23.82
CA ILE B 36 -4.27 -15.04 22.88
C ILE B 36 -5.54 -14.34 22.45
N HIS B 37 -5.82 -14.39 21.16
CA HIS B 37 -7.09 -13.85 20.67
C HIS B 37 -7.96 -15.09 20.51
N MET B 38 -7.48 -16.03 19.70
CA MET B 38 -8.17 -17.28 19.47
C MET B 38 -7.10 -18.36 19.45
N ARG B 39 -7.46 -19.58 19.83
CA ARG B 39 -6.49 -20.67 19.85
C ARG B 39 -6.21 -21.30 18.49
N GLN B 40 -5.14 -22.09 18.44
CA GLN B 40 -4.74 -22.76 17.22
C GLN B 40 -5.18 -24.20 17.34
N TRP B 41 -5.81 -24.70 16.29
CA TRP B 41 -6.30 -26.07 16.30
C TRP B 41 -5.82 -26.97 15.16
N ALA B 42 -5.79 -28.26 15.45
CA ALA B 42 -5.44 -29.27 14.47
C ALA B 42 -6.81 -29.87 14.12
N ARG B 43 -7.13 -29.90 12.84
CA ARG B 43 -8.41 -30.45 12.40
C ARG B 43 -8.12 -31.66 11.54
N ALA B 44 -8.44 -32.84 12.07
CA ALA B 44 -8.17 -34.10 11.38
C ALA B 44 -9.39 -34.70 10.67
N PHE B 45 -9.14 -35.24 9.49
CA PHE B 45 -10.19 -35.85 8.69
C PHE B 45 -9.74 -37.23 8.27
N VAL B 46 -10.32 -38.24 8.89
CA VAL B 46 -9.98 -39.61 8.58
C VAL B 46 -11.00 -40.10 7.56
N ILE B 47 -10.51 -40.66 6.46
CA ILE B 47 -11.40 -41.17 5.42
C ILE B 47 -11.13 -42.64 5.19
N GLU B 48 -12.18 -43.46 5.31
CA GLU B 48 -12.05 -44.89 5.10
C GLU B 48 -12.89 -45.35 3.93
N GLU B 49 -12.32 -46.26 3.14
CA GLU B 49 -13.04 -46.82 2.01
C GLU B 49 -13.77 -48.05 2.55
N ALA B 50 -15.09 -48.00 2.55
CA ALA B 50 -15.89 -49.11 3.03
C ALA B 50 -15.58 -50.36 2.21
N ALA B 51 -15.47 -50.18 0.90
CA ALA B 51 -15.18 -51.27 -0.03
C ALA B 51 -13.90 -51.99 0.37
N SER B 52 -12.89 -51.22 0.76
CA SER B 52 -11.60 -51.76 1.16
C SER B 52 -11.56 -51.89 2.68
N GLY B 53 -10.67 -51.09 3.26
CA GLY B 53 -10.46 -51.03 4.69
C GLY B 53 -9.44 -49.92 4.80
N ARG B 54 -8.94 -49.55 3.62
CA ARG B 54 -7.95 -48.50 3.45
C ARG B 54 -8.36 -47.23 4.17
N ARG B 55 -7.40 -46.58 4.79
CA ARG B 55 -7.68 -45.36 5.51
C ARG B 55 -6.70 -44.27 5.12
N LEU B 56 -7.18 -43.03 5.12
CA LEU B 56 -6.35 -41.89 4.82
C LEU B 56 -6.60 -40.85 5.91
N VAL B 57 -5.56 -40.08 6.25
CA VAL B 57 -5.68 -39.05 7.26
C VAL B 57 -5.13 -37.74 6.75
N TYR B 58 -5.94 -36.69 6.84
CA TYR B 58 -5.53 -35.36 6.43
C TYR B 58 -5.75 -34.46 7.62
N VAL B 59 -4.72 -33.73 8.01
CA VAL B 59 -4.82 -32.82 9.14
C VAL B 59 -4.38 -31.42 8.74
N ASN B 60 -5.28 -30.46 8.91
CA ASN B 60 -4.94 -29.09 8.60
C ASN B 60 -4.77 -28.39 9.93
N THR B 61 -3.66 -27.67 10.08
CA THR B 61 -3.33 -27.01 11.32
C THR B 61 -3.26 -25.49 11.25
N ASP B 62 -3.66 -24.83 12.33
CA ASP B 62 -3.63 -23.37 12.41
C ASP B 62 -2.20 -22.99 12.78
N LEU B 63 -1.28 -23.24 11.84
CA LEU B 63 0.13 -22.96 12.05
C LEU B 63 0.72 -22.27 10.82
N GLY B 64 1.92 -21.72 11.01
CA GLY B 64 2.60 -21.05 9.92
C GLY B 64 3.00 -22.10 8.89
N MET B 65 3.24 -23.31 9.37
CA MET B 65 3.62 -24.42 8.51
C MET B 65 3.86 -25.64 9.37
N ILE B 66 4.00 -26.82 8.77
CA ILE B 66 4.30 -27.98 9.57
C ILE B 66 5.70 -28.41 9.14
N PHE B 67 6.66 -28.12 10.00
CA PHE B 67 8.04 -28.45 9.71
C PHE B 67 8.29 -29.95 9.73
N GLN B 68 9.41 -30.36 9.13
CA GLN B 68 9.77 -31.76 9.09
C GLN B 68 9.85 -32.39 10.48
N ALA B 69 10.36 -31.64 11.46
CA ALA B 69 10.49 -32.15 12.82
C ALA B 69 9.13 -32.61 13.35
N VAL B 70 8.11 -31.81 13.09
CA VAL B 70 6.75 -32.14 13.54
C VAL B 70 6.23 -33.37 12.82
N HIS B 71 6.39 -33.38 11.50
CA HIS B 71 5.95 -34.50 10.70
C HIS B 71 6.59 -35.80 11.17
N LEU B 72 7.91 -35.81 11.32
CA LEU B 72 8.63 -37.01 11.77
C LEU B 72 8.19 -37.52 13.12
N LYS B 73 8.00 -36.60 14.07
CA LYS B 73 7.58 -36.96 15.42
C LYS B 73 6.16 -37.49 15.46
N VAL B 74 5.22 -36.77 14.85
CA VAL B 74 3.84 -37.22 14.86
C VAL B 74 3.73 -38.60 14.23
N LEU B 75 4.46 -38.84 13.14
CA LEU B 75 4.39 -40.13 12.51
C LEU B 75 5.07 -41.24 13.32
N ALA B 76 6.16 -40.91 14.01
CA ALA B 76 6.83 -41.91 14.84
C ALA B 76 5.80 -42.37 15.87
N ARG B 77 5.05 -41.41 16.41
CA ARG B 77 4.02 -41.69 17.40
C ARG B 77 2.89 -42.53 16.85
N LEU B 78 2.42 -42.17 15.66
CA LEU B 78 1.33 -42.90 15.01
C LEU B 78 1.76 -44.31 14.62
N LYS B 79 2.99 -44.45 14.15
CA LYS B 79 3.48 -45.76 13.74
C LYS B 79 3.70 -46.68 14.95
N ALA B 80 4.21 -46.11 16.04
CA ALA B 80 4.46 -46.87 17.25
C ALA B 80 3.17 -47.24 17.97
N LYS B 81 2.21 -46.33 17.97
CA LYS B 81 0.94 -46.54 18.65
C LYS B 81 -0.11 -47.25 17.81
N TYR B 82 -0.06 -47.04 16.49
CA TYR B 82 -1.01 -47.68 15.58
C TYR B 82 -0.29 -48.38 14.45
N PRO B 83 0.54 -49.39 14.78
CA PRO B 83 1.29 -50.15 13.78
C PRO B 83 0.39 -50.81 12.75
N GLY B 84 0.71 -50.61 11.48
CA GLY B 84 -0.06 -51.23 10.42
C GLY B 84 -1.24 -50.44 9.86
N VAL B 85 -1.65 -49.39 10.57
CA VAL B 85 -2.77 -48.58 10.10
C VAL B 85 -2.31 -47.20 9.62
N TYR B 86 -1.28 -46.66 10.24
CA TYR B 86 -0.74 -45.35 9.87
C TYR B 86 0.76 -45.38 9.64
N ASP B 87 1.20 -44.65 8.63
CA ASP B 87 2.61 -44.51 8.30
C ASP B 87 2.69 -43.33 7.35
N GLU B 88 3.89 -42.97 6.88
CA GLU B 88 4.00 -41.83 6.00
C GLU B 88 3.16 -41.88 4.73
N ASN B 89 2.77 -43.08 4.29
CA ASN B 89 1.96 -43.21 3.09
C ASN B 89 0.56 -42.63 3.21
N ASN B 90 -0.05 -42.73 4.39
CA ASN B 90 -1.41 -42.24 4.52
C ASN B 90 -1.72 -41.15 5.55
N VAL B 91 -0.72 -40.34 5.88
CA VAL B 91 -0.91 -39.25 6.82
C VAL B 91 -0.38 -37.95 6.21
N MET B 92 -1.27 -36.99 6.00
CA MET B 92 -0.89 -35.70 5.43
C MET B 92 -1.16 -34.60 6.45
N LEU B 93 -0.14 -33.79 6.71
CA LEU B 93 -0.29 -32.68 7.65
C LEU B 93 -0.03 -31.39 6.88
N ALA B 94 -1.02 -30.50 6.90
CA ALA B 94 -0.89 -29.23 6.19
C ALA B 94 -1.11 -28.08 7.19
N ALA B 95 -0.79 -26.86 6.76
CA ALA B 95 -0.95 -25.69 7.62
C ALA B 95 -1.66 -24.56 6.89
N THR B 96 -2.35 -23.71 7.65
CA THR B 96 -3.09 -22.59 7.08
C THR B 96 -2.15 -21.45 6.74
N HIS B 97 -0.94 -21.51 7.28
CA HIS B 97 0.07 -20.49 7.07
C HIS B 97 -0.25 -19.19 7.79
N THR B 98 -0.79 -19.30 8.99
CA THR B 98 -1.09 -18.13 9.82
C THR B 98 0.26 -17.65 10.33
N HIS B 99 0.44 -16.33 10.44
CA HIS B 99 1.71 -15.78 10.91
C HIS B 99 1.57 -15.28 12.35
N SER B 100 0.53 -15.73 13.05
CA SER B 100 0.31 -15.27 14.42
C SER B 100 0.38 -16.36 15.47
N GLY B 101 1.31 -17.29 15.29
CA GLY B 101 1.49 -18.37 16.26
C GLY B 101 2.93 -18.38 16.73
N PRO B 102 3.20 -18.99 17.90
CA PRO B 102 4.58 -19.04 18.40
C PRO B 102 5.42 -19.99 17.55
N GLY B 103 6.65 -19.58 17.25
CA GLY B 103 7.53 -20.39 16.45
C GLY B 103 8.46 -21.25 17.29
N GLY B 104 9.51 -21.78 16.64
CA GLY B 104 10.47 -22.63 17.34
C GLY B 104 10.14 -24.10 17.27
N PHE B 105 9.32 -24.51 16.29
CA PHE B 105 8.96 -25.91 16.18
C PHE B 105 9.51 -26.61 14.95
N SER B 106 10.58 -26.03 14.41
CA SER B 106 11.28 -26.59 13.27
C SER B 106 12.63 -27.04 13.86
N HIS B 107 13.36 -27.89 13.14
CA HIS B 107 14.67 -28.34 13.61
C HIS B 107 15.78 -27.71 12.78
N TYR B 108 15.39 -26.92 11.78
CA TYR B 108 16.34 -26.23 10.91
C TYR B 108 16.47 -24.79 11.39
N ALA B 109 17.70 -24.39 11.70
CA ALA B 109 18.01 -23.07 12.22
C ALA B 109 17.35 -21.89 11.51
N MET B 110 17.33 -21.95 10.19
CA MET B 110 16.76 -20.87 9.39
C MET B 110 15.37 -20.42 9.80
N TYR B 111 14.50 -21.37 10.14
CA TYR B 111 13.13 -21.06 10.51
C TYR B 111 12.97 -20.76 11.99
N ASN B 112 14.02 -21.00 12.76
CA ASN B 112 14.03 -20.75 14.20
C ASN B 112 14.82 -19.50 14.54
N LEU B 113 15.48 -18.91 13.54
CA LEU B 113 16.31 -17.73 13.76
C LEU B 113 15.73 -16.60 14.59
N SER B 114 14.63 -16.01 14.11
CA SER B 114 13.98 -14.92 14.80
C SER B 114 13.40 -15.31 16.14
N VAL B 115 13.24 -16.62 16.36
CA VAL B 115 12.68 -17.14 17.61
C VAL B 115 13.79 -17.43 18.63
N LEU B 116 15.03 -17.37 18.17
CA LEU B 116 16.21 -17.63 19.01
C LEU B 116 16.44 -19.11 19.25
N GLY B 117 15.86 -19.96 18.40
CA GLY B 117 16.06 -21.39 18.57
C GLY B 117 14.82 -22.25 18.70
N PHE B 118 15.03 -23.49 19.10
CA PHE B 118 13.99 -24.50 19.26
C PHE B 118 13.21 -24.33 20.56
N GLN B 119 11.89 -24.21 20.44
CA GLN B 119 11.02 -24.04 21.60
C GLN B 119 10.28 -25.35 21.79
N GLU B 120 10.88 -26.22 22.60
CA GLU B 120 10.34 -27.55 22.86
C GLU B 120 8.91 -27.62 23.34
N LYS B 121 8.52 -26.72 24.24
CA LYS B 121 7.16 -26.73 24.75
C LYS B 121 6.13 -26.51 23.64
N THR B 122 6.40 -25.56 22.75
CA THR B 122 5.49 -25.29 21.64
C THR B 122 5.52 -26.46 20.67
N PHE B 123 6.72 -26.94 20.37
CA PHE B 123 6.89 -28.07 19.46
C PHE B 123 6.11 -29.30 19.92
N ASN B 124 6.25 -29.65 21.21
CA ASN B 124 5.55 -30.81 21.74
C ASN B 124 4.04 -30.64 21.84
N ALA B 125 3.57 -29.42 22.08
CA ALA B 125 2.14 -29.18 22.17
C ALA B 125 1.56 -29.42 20.76
N ILE B 126 2.34 -29.04 19.75
CA ILE B 126 1.91 -29.20 18.37
C ILE B 126 1.82 -30.67 17.96
N VAL B 127 2.86 -31.45 18.23
CA VAL B 127 2.80 -32.87 17.84
C VAL B 127 1.73 -33.61 18.63
N ASP B 128 1.61 -33.32 19.92
CA ASP B 128 0.61 -33.98 20.76
C ASP B 128 -0.80 -33.63 20.32
N GLY B 129 -1.04 -32.35 20.01
CA GLY B 129 -2.35 -31.92 19.57
C GLY B 129 -2.74 -32.54 18.24
N ILE B 130 -1.77 -32.64 17.32
CA ILE B 130 -2.03 -33.24 16.02
C ILE B 130 -2.41 -34.71 16.17
N VAL B 131 -1.61 -35.44 16.94
CA VAL B 131 -1.88 -36.85 17.17
C VAL B 131 -3.25 -36.97 17.85
N ARG B 132 -3.53 -36.07 18.79
CA ARG B 132 -4.80 -36.08 19.50
C ARG B 132 -5.98 -35.84 18.55
N SER B 133 -5.83 -34.90 17.63
CA SER B 133 -6.92 -34.63 16.70
C SER B 133 -7.19 -35.87 15.83
N ILE B 134 -6.13 -36.60 15.47
CA ILE B 134 -6.28 -37.81 14.64
C ILE B 134 -6.98 -38.94 15.40
N GLU B 135 -6.69 -39.06 16.70
CA GLU B 135 -7.30 -40.10 17.50
C GLU B 135 -8.78 -39.80 17.71
N ARG B 136 -9.09 -38.51 17.87
CA ARG B 136 -10.47 -38.09 18.04
C ARG B 136 -11.26 -38.26 16.74
N ALA B 137 -10.60 -38.04 15.61
CA ALA B 137 -11.26 -38.17 14.32
C ALA B 137 -11.59 -39.63 14.04
N GLN B 138 -10.62 -40.52 14.22
CA GLN B 138 -10.84 -41.94 13.96
C GLN B 138 -11.89 -42.49 14.91
N ALA B 139 -11.95 -41.94 16.11
CA ALA B 139 -12.93 -42.39 17.12
C ALA B 139 -14.32 -41.99 16.68
N ARG B 140 -14.40 -41.04 15.75
CA ARG B 140 -15.69 -40.56 15.27
C ARG B 140 -16.03 -41.03 13.85
N LEU B 141 -15.37 -42.08 13.41
CA LEU B 141 -15.62 -42.63 12.07
C LEU B 141 -17.08 -43.05 11.93
N GLN B 142 -17.73 -42.50 10.92
CA GLN B 142 -19.14 -42.81 10.66
C GLN B 142 -19.36 -42.95 9.15
N PRO B 143 -20.33 -43.76 8.73
CA PRO B 143 -20.60 -43.91 7.30
C PRO B 143 -21.10 -42.59 6.72
N GLY B 144 -20.86 -42.38 5.43
CA GLY B 144 -21.31 -41.15 4.81
C GLY B 144 -20.92 -41.03 3.35
N ARG B 145 -21.17 -39.86 2.78
CA ARG B 145 -20.85 -39.60 1.38
C ARG B 145 -19.96 -38.36 1.30
N LEU B 146 -19.06 -38.35 0.33
CA LEU B 146 -18.18 -37.21 0.11
C LEU B 146 -18.59 -36.49 -1.16
N PHE B 147 -18.66 -35.16 -1.08
CA PHE B 147 -19.04 -34.36 -2.23
C PHE B 147 -17.93 -33.36 -2.56
N TYR B 148 -17.71 -33.13 -3.84
CA TYR B 148 -16.70 -32.16 -4.26
C TYR B 148 -17.34 -31.05 -5.08
N GLY B 149 -16.88 -29.83 -4.85
CA GLY B 149 -17.39 -28.69 -5.58
C GLY B 149 -16.37 -27.58 -5.62
N SER B 150 -16.57 -26.61 -6.51
CA SER B 150 -15.65 -25.48 -6.61
C SER B 150 -16.39 -24.24 -7.09
N GLY B 151 -15.81 -23.07 -6.80
CA GLY B 151 -16.40 -21.82 -7.19
C GLY B 151 -15.29 -20.79 -7.27
N GLU B 152 -15.64 -19.54 -7.53
CA GLU B 152 -14.62 -18.50 -7.62
C GLU B 152 -14.77 -17.42 -6.57
N LEU B 153 -13.64 -17.06 -5.96
CA LEU B 153 -13.55 -16.03 -4.94
C LEU B 153 -12.48 -15.06 -5.48
N ARG B 154 -12.91 -13.90 -5.97
CA ARG B 154 -12.02 -12.90 -6.56
C ARG B 154 -11.92 -11.71 -5.64
N ASN B 155 -12.67 -11.84 -4.56
CA ASN B 155 -12.87 -10.84 -3.56
C ASN B 155 -12.01 -10.97 -2.28
N ALA B 156 -11.18 -12.01 -2.20
CA ALA B 156 -10.39 -12.22 -0.99
C ALA B 156 -8.86 -12.29 -1.07
N SER B 157 -8.26 -11.83 -2.17
CA SER B 157 -6.81 -11.90 -2.28
C SER B 157 -6.28 -11.02 -3.40
N ARG B 158 -4.96 -10.79 -3.37
CA ARG B 158 -4.28 -10.00 -4.39
C ARG B 158 -2.87 -10.52 -4.53
N ASN B 159 -2.35 -10.48 -5.74
CA ASN B 159 -1.00 -10.95 -6.01
C ASN B 159 -0.03 -9.87 -5.53
N ARG B 160 0.90 -10.25 -4.67
CA ARG B 160 1.87 -9.32 -4.11
C ARG B 160 3.13 -9.16 -4.96
N SER B 161 3.23 -9.97 -6.00
CA SER B 161 4.38 -9.92 -6.89
C SER B 161 3.88 -10.04 -8.34
N LEU B 162 3.00 -9.12 -8.72
CA LEU B 162 2.42 -9.12 -10.06
C LEU B 162 3.48 -9.12 -11.15
N LEU B 163 4.54 -8.34 -10.95
CA LEU B 163 5.61 -8.24 -11.92
C LEU B 163 6.15 -9.61 -12.34
N SER B 164 6.43 -10.46 -11.36
CA SER B 164 6.95 -11.80 -11.64
C SER B 164 5.86 -12.66 -12.27
N HIS B 165 4.66 -12.59 -11.69
CA HIS B 165 3.53 -13.37 -12.15
C HIS B 165 3.28 -13.17 -13.65
N LEU B 166 3.36 -11.92 -14.10
CA LEU B 166 3.12 -11.61 -15.51
C LEU B 166 4.25 -12.05 -16.43
N LYS B 167 5.30 -12.63 -15.85
CA LYS B 167 6.42 -13.13 -16.63
C LYS B 167 6.07 -14.47 -17.28
N ASN B 168 5.07 -15.13 -16.71
CA ASN B 168 4.62 -16.44 -17.21
C ASN B 168 3.75 -16.26 -18.45
N PRO B 169 4.08 -16.97 -19.53
CA PRO B 169 3.32 -16.88 -20.77
C PRO B 169 2.02 -17.68 -20.80
N ASP B 170 1.86 -18.59 -19.84
CA ASP B 170 0.69 -19.46 -19.77
C ASP B 170 -0.31 -19.11 -18.67
N ILE B 171 -0.55 -17.82 -18.45
CA ILE B 171 -1.47 -17.45 -17.38
C ILE B 171 -2.90 -17.22 -17.78
N ALA B 172 -3.39 -17.95 -18.78
CA ALA B 172 -4.77 -17.81 -19.19
C ALA B 172 -5.63 -18.16 -17.98
N GLY B 173 -6.44 -17.22 -17.53
CA GLY B 173 -7.29 -17.47 -16.38
C GLY B 173 -6.72 -16.95 -15.08
N TYR B 174 -5.56 -16.31 -15.15
CA TYR B 174 -4.89 -15.75 -13.98
C TYR B 174 -4.25 -14.41 -14.34
N GLU B 175 -4.85 -13.72 -15.29
CA GLU B 175 -4.33 -12.44 -15.76
C GLU B 175 -4.17 -11.38 -14.68
N ASP B 176 -5.06 -11.38 -13.70
CA ASP B 176 -5.00 -10.40 -12.62
C ASP B 176 -4.12 -10.85 -11.45
N GLY B 177 -3.42 -11.96 -11.62
CA GLY B 177 -2.54 -12.46 -10.58
C GLY B 177 -3.22 -13.28 -9.49
N ILE B 178 -4.54 -13.41 -9.59
CA ILE B 178 -5.30 -14.15 -8.60
C ILE B 178 -5.72 -15.54 -9.04
N ASP B 179 -5.71 -16.49 -8.10
CA ASP B 179 -6.19 -17.85 -8.38
C ASP B 179 -7.50 -17.85 -7.61
N PRO B 180 -8.61 -17.55 -8.30
CA PRO B 180 -9.95 -17.46 -7.72
C PRO B 180 -10.59 -18.77 -7.29
N GLN B 181 -10.00 -19.89 -7.68
CA GLN B 181 -10.62 -21.16 -7.35
C GLN B 181 -10.55 -21.67 -5.91
N MET B 182 -11.72 -22.00 -5.38
CA MET B 182 -11.82 -22.57 -4.06
C MET B 182 -12.46 -23.94 -4.30
N SER B 183 -11.89 -24.98 -3.71
CA SER B 183 -12.42 -26.32 -3.84
C SER B 183 -12.90 -26.73 -2.46
N VAL B 184 -13.97 -27.50 -2.42
CA VAL B 184 -14.51 -27.94 -1.14
C VAL B 184 -14.86 -29.41 -1.15
N LEU B 185 -14.34 -30.12 -0.17
CA LEU B 185 -14.63 -31.53 0.00
C LEU B 185 -15.53 -31.53 1.21
N SER B 186 -16.81 -31.82 1.00
CA SER B 186 -17.77 -31.84 2.10
C SER B 186 -18.05 -33.27 2.56
N PHE B 187 -18.32 -33.41 3.85
CA PHE B 187 -18.59 -34.72 4.44
C PHE B 187 -20.04 -34.72 4.90
N VAL B 188 -20.84 -35.63 4.32
CA VAL B 188 -22.25 -35.72 4.66
C VAL B 188 -22.54 -37.05 5.36
N ASP B 189 -23.12 -36.99 6.56
CA ASP B 189 -23.41 -38.22 7.31
C ASP B 189 -24.53 -39.02 6.68
N ALA B 190 -24.85 -40.16 7.29
CA ALA B 190 -25.89 -41.06 6.78
C ALA B 190 -27.27 -40.43 6.75
N ASN B 191 -27.44 -39.30 7.43
CA ASN B 191 -28.74 -38.62 7.45
C ASN B 191 -28.79 -37.49 6.42
N GLY B 192 -27.73 -37.37 5.62
CA GLY B 192 -27.69 -36.33 4.60
C GLY B 192 -27.45 -34.95 5.18
N GLU B 193 -26.79 -34.93 6.34
CA GLU B 193 -26.51 -33.68 7.02
C GLU B 193 -25.01 -33.36 6.95
N LEU B 194 -24.68 -32.09 6.71
CA LEU B 194 -23.29 -31.67 6.61
C LEU B 194 -22.56 -31.89 7.94
N ALA B 195 -21.54 -32.74 7.95
CA ALA B 195 -20.81 -33.02 9.19
C ALA B 195 -19.53 -32.20 9.30
N GLY B 196 -18.97 -31.85 8.15
CA GLY B 196 -17.75 -31.06 8.12
C GLY B 196 -17.33 -30.79 6.70
N ALA B 197 -16.24 -30.07 6.52
CA ALA B 197 -15.73 -29.76 5.20
C ALA B 197 -14.30 -29.24 5.24
N ILE B 198 -13.65 -29.34 4.09
CA ILE B 198 -12.30 -28.83 3.94
C ILE B 198 -12.39 -27.91 2.73
N SER B 199 -11.96 -26.67 2.92
CA SER B 199 -11.99 -25.70 1.85
C SER B 199 -10.55 -25.39 1.45
N TRP B 200 -10.30 -25.39 0.14
CA TRP B 200 -8.97 -25.09 -0.39
C TRP B 200 -9.05 -23.78 -1.19
N PHE B 201 -8.32 -22.78 -0.73
CA PHE B 201 -8.29 -21.48 -1.39
C PHE B 201 -6.96 -20.84 -1.03
N PRO B 202 -6.21 -20.36 -2.03
CA PRO B 202 -4.90 -19.74 -1.78
C PRO B 202 -4.89 -18.26 -1.41
N VAL B 203 -4.33 -17.97 -0.24
CA VAL B 203 -4.18 -16.60 0.24
C VAL B 203 -3.44 -16.64 1.56
N HIS B 204 -2.36 -15.89 1.66
CA HIS B 204 -1.57 -15.84 2.88
C HIS B 204 -2.49 -15.51 4.05
N SER B 205 -2.28 -16.18 5.17
CA SER B 205 -3.06 -15.93 6.38
C SER B 205 -2.26 -14.90 7.17
N THR B 206 -2.14 -13.72 6.60
CA THR B 206 -1.39 -12.64 7.21
C THR B 206 -2.22 -11.38 7.43
N SER B 207 -3.50 -11.55 7.73
CA SER B 207 -4.36 -10.40 7.97
C SER B 207 -3.86 -9.76 9.26
N MET B 208 -3.42 -10.59 10.21
CA MET B 208 -2.87 -10.07 11.46
C MET B 208 -1.41 -9.76 11.16
N THR B 209 -1.04 -8.48 11.30
CA THR B 209 0.30 -7.97 11.02
C THR B 209 1.40 -8.38 11.98
N ASN B 210 2.62 -7.95 11.66
CA ASN B 210 3.77 -8.24 12.48
C ASN B 210 3.82 -7.36 13.73
N ALA B 211 2.83 -6.48 13.89
CA ALA B 211 2.75 -5.62 15.07
C ALA B 211 1.84 -6.27 16.11
N ASN B 212 1.14 -7.32 15.69
CA ASN B 212 0.25 -8.04 16.58
C ASN B 212 1.05 -9.03 17.41
N HIS B 213 0.68 -9.18 18.68
CA HIS B 213 1.38 -10.10 19.57
C HIS B 213 0.45 -11.16 20.16
N LEU B 214 -0.82 -11.15 19.75
CA LEU B 214 -1.78 -12.13 20.25
C LEU B 214 -1.84 -13.33 19.31
N ILE B 215 -1.79 -14.52 19.88
CA ILE B 215 -1.88 -15.73 19.07
C ILE B 215 -3.20 -15.68 18.30
N SER B 216 -3.15 -16.08 17.03
CA SER B 216 -4.35 -16.06 16.21
C SER B 216 -4.23 -16.99 15.01
N PRO B 217 -5.34 -17.65 14.65
CA PRO B 217 -5.34 -18.57 13.50
C PRO B 217 -5.59 -17.77 12.22
N ASP B 218 -5.59 -16.44 12.34
CA ASP B 218 -5.77 -15.52 11.23
C ASP B 218 -7.07 -15.69 10.43
N ASN B 219 -7.11 -15.16 9.20
CA ASN B 219 -8.35 -15.24 8.43
C ASN B 219 -8.91 -16.64 8.20
N LYS B 220 -8.06 -17.62 7.90
CA LYS B 220 -8.57 -18.97 7.69
C LYS B 220 -9.08 -19.52 9.01
N GLY B 221 -8.41 -19.14 10.09
CA GLY B 221 -8.81 -19.58 11.41
C GLY B 221 -10.18 -19.01 11.73
N TYR B 222 -10.42 -17.77 11.34
CA TYR B 222 -11.72 -17.16 11.62
C TYR B 222 -12.81 -17.84 10.82
N ALA B 223 -12.51 -18.17 9.57
CA ALA B 223 -13.47 -18.83 8.69
C ALA B 223 -13.90 -20.15 9.34
N SER B 224 -12.94 -20.89 9.87
CA SER B 224 -13.22 -22.16 10.54
C SER B 224 -14.14 -21.91 11.73
N TYR B 225 -13.70 -21.01 12.61
CA TYR B 225 -14.44 -20.64 13.80
C TYR B 225 -15.86 -20.18 13.50
N HIS B 226 -16.00 -19.29 12.53
CA HIS B 226 -17.32 -18.77 12.19
C HIS B 226 -18.29 -19.89 11.81
N TRP B 227 -17.81 -20.86 11.04
CA TRP B 227 -18.63 -21.97 10.61
C TRP B 227 -18.95 -22.89 11.79
N GLU B 228 -17.91 -23.30 12.50
CA GLU B 228 -18.06 -24.19 13.64
C GLU B 228 -18.82 -23.61 14.81
N HIS B 229 -18.42 -22.41 15.24
CA HIS B 229 -19.03 -21.75 16.39
C HIS B 229 -20.28 -20.89 16.18
N ASP B 230 -20.28 -20.09 15.11
CA ASP B 230 -21.39 -19.19 14.83
C ASP B 230 -22.52 -19.72 13.94
N VAL B 231 -22.16 -20.51 12.93
CA VAL B 231 -23.13 -21.03 11.99
C VAL B 231 -23.67 -22.42 12.28
N SER B 232 -22.82 -23.42 12.15
CA SER B 232 -23.21 -24.80 12.38
C SER B 232 -23.83 -25.05 13.75
N ARG B 233 -25.02 -25.63 13.75
CA ARG B 233 -25.68 -25.95 15.00
C ARG B 233 -25.53 -27.43 15.25
N LYS B 234 -24.65 -28.04 14.47
CA LYS B 234 -24.44 -29.47 14.56
C LYS B 234 -23.16 -30.08 15.14
N SER B 235 -23.39 -31.00 16.07
CA SER B 235 -22.37 -31.83 16.73
C SER B 235 -20.94 -31.34 16.88
N GLY B 236 -20.07 -32.16 16.28
CA GLY B 236 -18.65 -31.91 16.26
C GLY B 236 -18.35 -31.55 14.83
N PHE B 237 -18.98 -30.47 14.39
CA PHE B 237 -18.80 -29.98 13.04
C PHE B 237 -17.35 -29.53 13.02
N VAL B 238 -16.64 -29.90 11.95
CA VAL B 238 -15.25 -29.50 11.81
C VAL B 238 -15.04 -28.95 10.41
N ALA B 239 -14.67 -27.68 10.33
CA ALA B 239 -14.44 -27.03 9.04
C ALA B 239 -13.01 -26.52 8.94
N ALA B 240 -12.28 -27.06 7.98
CA ALA B 240 -10.89 -26.66 7.78
C ALA B 240 -10.74 -25.82 6.53
N PHE B 241 -9.94 -24.77 6.63
CA PHE B 241 -9.66 -23.90 5.50
C PHE B 241 -8.18 -24.02 5.14
N ALA B 242 -7.92 -24.86 4.13
CA ALA B 242 -6.58 -25.13 3.65
C ALA B 242 -6.10 -24.20 2.53
N GLN B 243 -4.81 -24.29 2.26
CA GLN B 243 -4.15 -23.48 1.25
C GLN B 243 -3.89 -24.30 0.00
N THR B 244 -3.65 -23.64 -1.14
CA THR B 244 -3.25 -24.34 -2.35
C THR B 244 -1.92 -23.71 -2.74
N ASN B 245 -1.90 -22.85 -3.75
CA ASN B 245 -0.66 -22.21 -4.18
C ASN B 245 -0.76 -20.71 -3.84
N ALA B 246 -0.38 -20.38 -2.61
CA ALA B 246 -0.47 -19.00 -2.11
C ALA B 246 0.85 -18.24 -2.01
N GLY B 247 1.90 -18.77 -2.63
CA GLY B 247 3.19 -18.12 -2.57
C GLY B 247 3.21 -16.62 -2.79
N ASN B 248 2.43 -16.14 -3.75
CA ASN B 248 2.39 -14.71 -4.03
C ASN B 248 1.04 -14.05 -3.82
N LEU B 249 0.17 -14.69 -3.03
CA LEU B 249 -1.16 -14.16 -2.76
C LEU B 249 -1.31 -13.61 -1.35
N SER B 250 -1.71 -12.35 -1.26
CA SER B 250 -1.89 -11.67 0.02
C SER B 250 -3.38 -11.39 0.28
N PRO B 251 -3.79 -11.40 1.56
CA PRO B 251 -5.20 -11.14 1.92
C PRO B 251 -5.44 -9.65 2.07
N ASN B 252 -4.35 -8.95 2.27
CA ASN B 252 -4.35 -7.50 2.39
C ASN B 252 -4.64 -6.81 1.05
N LEU B 253 -5.93 -6.55 0.80
CA LEU B 253 -6.34 -5.99 -0.52
C LEU B 253 -5.71 -4.68 -0.98
N ASN B 254 -5.25 -3.81 -0.08
CA ASN B 254 -4.60 -2.58 -0.47
C ASN B 254 -3.15 -3.02 -0.34
N LEU B 255 -2.71 -3.32 0.89
CA LEU B 255 -1.36 -3.79 1.18
C LEU B 255 -0.82 -3.26 2.52
N LYS B 256 -0.88 -4.25 3.43
CA LYS B 256 -0.58 -4.37 4.88
C LYS B 256 -1.20 -3.36 5.86
N PRO B 257 -2.26 -3.97 6.48
CA PRO B 257 -3.44 -3.93 7.27
C PRO B 257 -4.45 -3.04 6.95
N GLY B 258 -4.75 -3.61 5.79
CA GLY B 258 -5.80 -3.25 4.92
C GLY B 258 -6.23 -4.47 4.09
N SER B 259 -7.22 -5.22 4.59
CA SER B 259 -7.77 -6.37 3.90
C SER B 259 -8.69 -5.90 2.78
N GLY B 260 -10.01 -5.94 3.03
CA GLY B 260 -10.92 -5.56 2.01
C GLY B 260 -12.34 -5.15 2.36
N PRO B 261 -12.49 -4.00 3.04
CA PRO B 261 -11.21 -3.33 3.36
C PRO B 261 -11.29 -3.25 4.85
N PHE B 262 -11.06 -1.99 5.19
CA PHE B 262 -11.01 -1.28 6.46
C PHE B 262 -9.58 -0.97 6.89
N ASP B 263 -9.44 -0.28 8.02
CA ASP B 263 -8.16 0.17 8.53
C ASP B 263 -7.61 -0.62 9.72
N ASN B 264 -8.21 -1.78 9.97
CA ASN B 264 -7.85 -2.58 11.13
C ASN B 264 -7.59 -4.06 10.83
N GLU B 265 -6.48 -4.57 11.35
CA GLU B 265 -6.09 -5.97 11.14
C GLU B 265 -7.14 -6.97 11.64
N PHE B 266 -7.80 -6.69 12.75
CA PHE B 266 -8.81 -7.60 13.25
C PHE B 266 -10.02 -7.61 12.31
N ASP B 267 -10.47 -6.44 11.88
CA ASP B 267 -11.60 -6.34 10.97
C ASP B 267 -11.22 -7.06 9.68
N ASN B 268 -9.97 -6.87 9.26
CA ASN B 268 -9.44 -7.48 8.07
C ASN B 268 -9.45 -9.00 8.19
N THR B 269 -8.99 -9.48 9.34
CA THR B 269 -8.96 -10.91 9.61
C THR B 269 -10.37 -11.46 9.49
N ARG B 270 -11.32 -10.83 10.17
CA ARG B 270 -12.70 -11.27 10.15
C ARG B 270 -13.35 -11.26 8.77
N GLU B 271 -13.20 -10.15 8.04
CA GLU B 271 -13.79 -10.02 6.72
C GLU B 271 -13.23 -11.01 5.69
N ILE B 272 -11.91 -11.20 5.65
CA ILE B 272 -11.35 -12.15 4.69
C ILE B 272 -11.79 -13.56 5.08
N GLY B 273 -11.89 -13.81 6.38
CA GLY B 273 -12.31 -15.11 6.84
C GLY B 273 -13.75 -15.32 6.43
N LEU B 274 -14.54 -14.27 6.59
CA LEU B 274 -15.95 -14.29 6.25
C LEU B 274 -16.16 -14.61 4.76
N ARG B 275 -15.43 -13.92 3.89
CA ARG B 275 -15.55 -14.14 2.46
C ARG B 275 -15.15 -15.57 2.08
N GLN B 276 -14.12 -16.11 2.73
CA GLN B 276 -13.72 -17.48 2.43
C GLN B 276 -14.81 -18.42 2.91
N PHE B 277 -15.36 -18.14 4.08
CA PHE B 277 -16.43 -18.95 4.65
C PHE B 277 -17.68 -18.95 3.76
N ALA B 278 -18.09 -17.76 3.35
CA ALA B 278 -19.28 -17.61 2.51
C ALA B 278 -19.18 -18.47 1.24
N LYS B 279 -18.06 -18.37 0.55
CA LYS B 279 -17.85 -19.13 -0.67
C LYS B 279 -17.89 -20.63 -0.41
N ALA B 280 -17.20 -21.08 0.64
CA ALA B 280 -17.14 -22.48 0.99
C ALA B 280 -18.51 -23.02 1.39
N TYR B 281 -19.28 -22.19 2.11
CA TYR B 281 -20.61 -22.56 2.55
C TYR B 281 -21.51 -22.72 1.34
N GLU B 282 -21.41 -21.76 0.42
CA GLU B 282 -22.20 -21.77 -0.81
C GLU B 282 -21.86 -23.01 -1.63
N ILE B 283 -20.57 -23.25 -1.81
CA ILE B 283 -20.11 -24.39 -2.58
C ILE B 283 -20.54 -25.72 -1.96
N ALA B 284 -20.44 -25.82 -0.64
CA ALA B 284 -20.81 -27.04 0.05
C ALA B 284 -22.29 -27.33 -0.13
N GLY B 285 -23.10 -26.28 -0.11
CA GLY B 285 -24.53 -26.44 -0.27
C GLY B 285 -24.97 -26.94 -1.63
N GLN B 286 -24.13 -26.73 -2.64
CA GLN B 286 -24.46 -27.15 -3.99
C GLN B 286 -24.15 -28.64 -4.22
N ALA B 287 -23.35 -29.23 -3.33
CA ALA B 287 -23.00 -30.65 -3.45
C ALA B 287 -22.86 -31.01 -4.92
N GLN B 288 -22.05 -30.21 -5.61
CA GLN B 288 -21.81 -30.34 -7.04
C GLN B 288 -21.54 -31.71 -7.63
N GLU B 289 -20.58 -32.44 -7.07
CA GLU B 289 -20.21 -33.72 -7.61
C GLU B 289 -19.82 -34.70 -6.52
N GLU B 290 -20.58 -35.79 -6.39
CA GLU B 290 -20.28 -36.76 -5.36
C GLU B 290 -18.97 -37.49 -5.66
N VAL B 291 -18.18 -37.73 -4.62
CA VAL B 291 -16.91 -38.42 -4.75
C VAL B 291 -17.13 -39.93 -4.65
N LEU B 292 -16.56 -40.66 -5.59
CA LEU B 292 -16.69 -42.11 -5.64
C LEU B 292 -15.42 -42.71 -6.23
N GLY B 293 -15.07 -43.91 -5.78
CA GLY B 293 -13.87 -44.54 -6.28
C GLY B 293 -12.94 -44.90 -5.15
N GLU B 294 -11.86 -45.60 -5.48
CA GLU B 294 -10.90 -46.05 -4.50
C GLU B 294 -10.14 -44.97 -3.76
N LEU B 295 -9.50 -45.39 -2.67
CA LEU B 295 -8.69 -44.54 -1.83
C LEU B 295 -7.31 -45.10 -2.09
N ASP B 296 -6.32 -44.22 -2.23
CA ASP B 296 -4.96 -44.69 -2.49
C ASP B 296 -4.00 -43.58 -2.09
N SER B 297 -2.71 -43.89 -2.08
CA SER B 297 -1.74 -42.88 -1.71
C SER B 297 -0.32 -43.33 -2.05
N ARG B 298 0.57 -42.34 -2.08
CA ARG B 298 1.99 -42.54 -2.34
C ARG B 298 2.72 -41.48 -1.55
N PHE B 299 3.90 -41.84 -1.07
CA PHE B 299 4.70 -40.92 -0.28
C PHE B 299 6.14 -41.31 -0.47
N ARG B 300 7.02 -40.32 -0.42
CA ARG B 300 8.42 -40.60 -0.52
C ARG B 300 9.27 -39.40 -0.16
N PHE B 301 10.27 -39.65 0.66
CA PHE B 301 11.21 -38.63 1.06
C PHE B 301 12.18 -38.51 -0.09
N VAL B 302 12.36 -37.30 -0.59
CA VAL B 302 13.26 -37.09 -1.72
C VAL B 302 14.43 -36.21 -1.31
N ASP B 303 15.64 -36.71 -1.56
CA ASP B 303 16.83 -35.93 -1.26
C ASP B 303 17.01 -34.97 -2.44
N PHE B 304 16.82 -33.69 -2.18
CA PHE B 304 16.93 -32.66 -3.21
C PHE B 304 18.36 -32.34 -3.62
N THR B 305 19.32 -32.69 -2.79
CA THR B 305 20.73 -32.42 -3.07
C THR B 305 21.18 -32.91 -4.45
N ARG B 306 21.37 -31.98 -5.37
CA ARG B 306 21.80 -32.31 -6.73
C ARG B 306 20.84 -33.28 -7.41
N LEU B 307 19.54 -33.10 -7.16
CA LEU B 307 18.52 -33.97 -7.75
C LEU B 307 18.49 -33.79 -9.27
N PRO B 308 18.54 -34.90 -10.02
CA PRO B 308 18.52 -34.87 -11.49
C PRO B 308 17.15 -34.47 -12.03
N ILE B 309 17.12 -33.44 -12.87
CA ILE B 309 15.86 -33.00 -13.46
C ILE B 309 15.90 -33.30 -14.95
N ARG B 310 14.98 -34.14 -15.42
CA ARG B 310 14.95 -34.50 -16.83
C ARG B 310 14.70 -33.28 -17.73
N PRO B 311 15.31 -33.26 -18.92
CA PRO B 311 15.17 -32.15 -19.86
C PRO B 311 13.77 -31.71 -20.23
N GLU B 312 12.81 -32.62 -20.17
CA GLU B 312 11.45 -32.24 -20.53
C GLU B 312 10.79 -31.30 -19.54
N PHE B 313 11.37 -31.13 -18.35
CA PHE B 313 10.80 -30.23 -17.35
C PHE B 313 11.56 -28.92 -17.24
N THR B 314 12.70 -28.86 -17.92
CA THR B 314 13.52 -27.66 -17.87
C THR B 314 13.44 -26.92 -19.19
N ASP B 315 14.58 -26.71 -19.82
CA ASP B 315 14.64 -25.99 -21.09
C ASP B 315 15.09 -26.89 -22.24
N GLY B 316 15.06 -28.20 -22.01
CA GLY B 316 15.48 -29.13 -23.03
C GLY B 316 16.83 -29.77 -22.72
N GLN B 317 17.46 -29.31 -21.64
CA GLN B 317 18.75 -29.83 -21.23
C GLN B 317 18.68 -30.34 -19.79
N PRO B 318 19.40 -31.44 -19.50
CA PRO B 318 19.40 -32.01 -18.15
C PRO B 318 19.90 -31.00 -17.12
N ARG B 319 19.33 -31.03 -15.92
CA ARG B 319 19.75 -30.12 -14.86
C ARG B 319 19.75 -30.83 -13.52
N GLN B 320 20.47 -30.25 -12.56
CA GLN B 320 20.54 -30.78 -11.20
C GLN B 320 20.24 -29.62 -10.26
N LEU B 321 19.38 -29.86 -9.28
CA LEU B 321 19.02 -28.85 -8.30
C LEU B 321 20.26 -28.34 -7.58
N CYS B 322 20.27 -27.06 -7.22
CA CYS B 322 21.41 -26.48 -6.50
C CYS B 322 21.19 -26.76 -5.02
N THR B 323 22.23 -26.58 -4.21
CA THR B 323 22.04 -26.76 -2.78
C THR B 323 21.38 -25.45 -2.36
N ALA B 324 20.61 -25.49 -1.28
CA ALA B 324 19.88 -24.33 -0.77
C ALA B 324 20.64 -23.01 -0.60
N ALA B 325 19.97 -21.91 -0.97
CA ALA B 325 20.55 -20.58 -0.85
C ALA B 325 19.45 -19.54 -0.91
N ILE B 326 19.60 -18.46 -0.17
CA ILE B 326 18.62 -17.39 -0.18
C ILE B 326 19.26 -16.14 -0.74
N GLY B 327 18.57 -15.48 -1.66
CA GLY B 327 19.11 -14.28 -2.25
C GLY B 327 18.46 -13.03 -1.71
N THR B 328 19.07 -11.87 -2.00
CA THR B 328 18.52 -10.62 -1.55
C THR B 328 17.27 -10.34 -2.35
N SER B 329 16.40 -9.52 -1.80
CA SER B 329 15.16 -9.22 -2.44
C SER B 329 14.83 -7.76 -2.25
N LEU B 330 14.00 -7.23 -3.14
CA LEU B 330 13.62 -5.84 -3.05
C LEU B 330 12.41 -5.62 -2.16
N ALA B 331 12.23 -4.36 -1.79
CA ALA B 331 11.08 -3.94 -1.03
C ALA B 331 10.95 -2.44 -0.91
N ALA B 332 9.98 -1.96 -1.69
CA ALA B 332 9.63 -0.58 -1.70
C ALA B 332 9.29 -0.32 -0.25
N GLY B 333 9.08 -1.43 0.43
CA GLY B 333 8.82 -1.48 1.87
C GLY B 333 8.50 -2.93 2.08
N SER B 334 9.26 -3.54 3.01
CA SER B 334 9.28 -5.01 3.22
C SER B 334 7.97 -5.70 2.98
N THR B 335 8.14 -6.84 2.50
CA THR B 335 6.95 -7.03 1.93
C THR B 335 5.61 -7.62 1.98
N GLU B 336 5.32 -8.77 2.53
CA GLU B 336 3.91 -8.65 2.72
C GLU B 336 3.65 -8.53 4.24
N ASP B 337 4.55 -8.96 5.11
CA ASP B 337 4.26 -8.39 6.41
C ASP B 337 5.43 -7.85 7.26
N GLY B 338 6.66 -8.37 7.05
CA GLY B 338 7.88 -7.88 7.71
C GLY B 338 8.40 -8.52 8.97
N PRO B 339 9.70 -8.42 9.30
CA PRO B 339 10.83 -7.72 8.65
C PRO B 339 11.50 -8.78 7.72
N GLY B 340 11.82 -9.91 8.36
CA GLY B 340 12.30 -11.11 7.69
C GLY B 340 13.52 -11.63 6.93
N PRO B 341 13.64 -11.37 5.61
CA PRO B 341 14.74 -11.82 4.72
C PRO B 341 16.23 -11.58 4.97
N LEU B 342 16.68 -10.33 5.07
CA LEU B 342 18.09 -10.05 5.32
C LEU B 342 18.10 -9.44 6.71
N GLY B 343 16.90 -9.00 7.09
CA GLY B 343 16.63 -8.33 8.35
C GLY B 343 17.07 -8.76 9.74
N LEU B 344 17.38 -10.03 9.97
CA LEU B 344 17.80 -10.40 11.33
C LEU B 344 19.19 -9.88 11.66
N GLU B 345 19.18 -8.88 12.54
CA GLU B 345 20.36 -8.14 13.03
C GLU B 345 21.71 -8.84 13.21
N GLU B 346 21.70 -9.94 13.95
CA GLU B 346 22.86 -10.78 14.33
C GLU B 346 23.50 -10.24 15.61
N GLY B 347 23.14 -9.01 15.97
CA GLY B 347 23.69 -8.39 17.18
C GLY B 347 22.92 -8.69 18.45
N ASN B 348 21.61 -8.90 18.34
CA ASN B 348 20.80 -9.22 19.52
C ASN B 348 20.33 -10.66 19.38
N ASN B 349 20.91 -11.37 18.44
CA ASN B 349 20.54 -12.74 18.23
C ASN B 349 21.67 -13.67 18.65
N PRO B 350 21.67 -14.07 19.92
CA PRO B 350 22.69 -14.97 20.47
C PRO B 350 22.63 -16.32 19.77
N PHE B 351 21.47 -16.66 19.23
CA PHE B 351 21.29 -17.91 18.51
C PHE B 351 21.99 -17.78 17.16
N LEU B 352 21.76 -16.67 16.47
CA LEU B 352 22.38 -16.45 15.17
C LEU B 352 23.90 -16.46 15.33
N SER B 353 24.40 -15.78 16.37
CA SER B 353 25.82 -15.72 16.66
C SER B 353 26.42 -17.09 16.95
N ALA B 354 25.73 -17.89 17.74
CA ALA B 354 26.20 -19.22 18.09
C ALA B 354 26.31 -20.09 16.83
N LEU B 355 25.46 -19.80 15.85
CA LEU B 355 25.45 -20.55 14.60
C LEU B 355 26.62 -20.20 13.70
N GLY B 356 27.13 -18.98 13.83
CA GLY B 356 28.24 -18.57 13.00
C GLY B 356 28.09 -17.20 12.37
N GLY B 357 26.87 -16.67 12.28
CA GLY B 357 26.73 -15.34 11.72
C GLY B 357 25.95 -14.95 10.47
N LEU B 358 25.52 -15.89 9.63
CA LEU B 358 24.73 -15.53 8.43
C LEU B 358 25.45 -15.26 7.10
N LEU B 359 26.77 -15.07 7.15
CA LEU B 359 27.57 -14.84 5.94
C LEU B 359 28.96 -15.25 6.39
N THR B 360 29.37 -16.44 5.98
CA THR B 360 30.65 -16.97 6.41
C THR B 360 31.35 -17.71 5.27
N GLY B 361 30.80 -18.88 4.95
CA GLY B 361 31.37 -19.67 3.88
C GLY B 361 31.05 -18.98 2.57
N VAL B 362 32.10 -18.64 1.84
CA VAL B 362 31.93 -18.01 0.55
C VAL B 362 31.32 -19.09 -0.33
N PRO B 363 30.09 -18.87 -0.81
CA PRO B 363 29.42 -19.86 -1.66
C PRO B 363 30.31 -20.35 -2.81
N PRO B 364 30.42 -21.68 -2.95
CA PRO B 364 31.24 -22.22 -4.04
C PRO B 364 30.78 -21.59 -5.34
N GLN B 365 31.71 -21.39 -6.26
CA GLN B 365 31.35 -20.78 -7.54
C GLN B 365 30.34 -21.64 -8.32
N GLU B 366 30.32 -22.94 -8.03
CA GLU B 366 29.38 -23.82 -8.72
C GLU B 366 27.98 -23.46 -8.27
N LEU B 367 27.85 -23.09 -7.00
CA LEU B 367 26.56 -22.71 -6.42
C LEU B 367 26.07 -21.39 -7.02
N VAL B 368 26.93 -20.39 -7.02
CA VAL B 368 26.59 -19.07 -7.55
C VAL B 368 26.05 -19.22 -8.98
N GLN B 369 26.76 -20.00 -9.76
CA GLN B 369 26.40 -20.24 -11.15
C GLN B 369 25.10 -21.03 -11.32
N CYS B 370 24.95 -22.08 -10.52
CA CYS B 370 23.75 -22.91 -10.58
C CYS B 370 22.51 -22.11 -10.17
N GLN B 371 22.69 -21.20 -9.23
CA GLN B 371 21.57 -20.39 -8.74
C GLN B 371 21.11 -19.33 -9.72
N ALA B 372 21.82 -19.20 -10.85
CA ALA B 372 21.48 -18.26 -11.91
C ALA B 372 21.31 -16.81 -11.50
N GLU B 373 20.16 -16.20 -11.79
CA GLU B 373 19.99 -14.78 -11.46
C GLU B 373 19.95 -14.38 -10.00
N LYS B 374 19.86 -15.35 -9.09
CA LYS B 374 19.82 -15.02 -7.68
C LYS B 374 21.16 -14.43 -7.20
N THR B 375 21.09 -13.38 -6.37
CA THR B 375 22.30 -12.80 -5.80
C THR B 375 22.22 -13.27 -4.36
N ILE B 376 22.93 -14.37 -4.11
CA ILE B 376 22.95 -15.03 -2.81
C ILE B 376 23.35 -14.18 -1.62
N LEU B 377 22.52 -14.22 -0.60
CA LEU B 377 22.79 -13.50 0.63
C LEU B 377 23.29 -14.52 1.64
N ALA B 378 22.61 -15.65 1.70
CA ALA B 378 22.99 -16.71 2.63
C ALA B 378 22.98 -18.10 2.00
N ASP B 379 24.13 -18.76 2.10
CA ASP B 379 24.29 -20.12 1.58
C ASP B 379 23.89 -21.04 2.73
N THR B 380 22.61 -21.35 2.80
CA THR B 380 22.09 -22.20 3.88
C THR B 380 22.40 -23.68 3.71
N GLY B 381 22.53 -24.13 2.46
CA GLY B 381 22.81 -25.54 2.22
C GLY B 381 24.20 -26.04 2.62
N ASN B 382 25.19 -25.15 2.63
CA ASN B 382 26.55 -25.53 2.98
C ASN B 382 26.92 -25.22 4.42
N LYS B 383 25.99 -24.68 5.20
CA LYS B 383 26.24 -24.35 6.59
C LYS B 383 26.68 -25.59 7.36
N LYS B 384 27.53 -25.39 8.36
CA LYS B 384 28.04 -26.49 9.18
C LYS B 384 27.78 -26.22 10.66
N PRO B 385 27.63 -27.28 11.46
CA PRO B 385 27.68 -28.70 11.09
C PRO B 385 26.44 -29.14 10.29
N TYR B 386 25.40 -28.32 10.32
CA TYR B 386 24.16 -28.62 9.62
C TYR B 386 23.65 -27.52 8.72
N PRO B 387 23.05 -27.91 7.59
CA PRO B 387 22.51 -26.88 6.68
C PRO B 387 21.36 -26.25 7.47
N TRP B 388 21.14 -24.96 7.28
CA TRP B 388 20.08 -24.25 7.98
C TRP B 388 18.69 -24.49 7.38
N THR B 389 18.65 -25.18 6.25
CA THR B 389 17.40 -25.46 5.58
C THR B 389 17.35 -26.95 5.23
N PRO B 390 16.15 -27.50 5.03
CA PRO B 390 16.00 -28.91 4.68
C PRO B 390 16.64 -29.35 3.36
N THR B 391 16.94 -30.64 3.26
CA THR B 391 17.56 -31.21 2.06
C THR B 391 16.77 -32.43 1.59
N VAL B 392 16.13 -33.13 2.53
CA VAL B 392 15.33 -34.30 2.18
C VAL B 392 13.89 -33.86 2.40
N LEU B 393 13.08 -33.90 1.34
CA LEU B 393 11.72 -33.45 1.44
C LEU B 393 10.65 -34.46 1.06
N PRO B 394 9.49 -34.38 1.70
CA PRO B 394 8.38 -35.29 1.43
C PRO B 394 7.52 -34.88 0.24
N ILE B 395 7.18 -35.85 -0.58
CA ILE B 395 6.32 -35.61 -1.73
C ILE B 395 5.20 -36.60 -1.48
N GLN B 396 3.96 -36.13 -1.42
CA GLN B 396 2.85 -37.01 -1.14
C GLN B 396 1.60 -36.72 -1.94
N MET B 397 0.89 -37.79 -2.29
CA MET B 397 -0.35 -37.71 -3.04
C MET B 397 -1.38 -38.67 -2.47
N PHE B 398 -2.61 -38.19 -2.34
CA PHE B 398 -3.71 -38.99 -1.84
C PHE B 398 -4.72 -39.09 -2.98
N ARG B 399 -5.22 -40.28 -3.25
CA ARG B 399 -6.27 -40.37 -4.25
C ARG B 399 -7.53 -40.59 -3.43
N ILE B 400 -8.54 -39.77 -3.69
CA ILE B 400 -9.80 -39.87 -2.99
C ILE B 400 -10.84 -39.87 -4.10
N GLY B 401 -11.19 -41.05 -4.58
CA GLY B 401 -12.16 -41.14 -5.65
C GLY B 401 -11.56 -40.54 -6.91
N GLN B 402 -12.26 -39.59 -7.52
CA GLN B 402 -11.76 -38.94 -8.73
C GLN B 402 -10.90 -37.73 -8.35
N LEU B 403 -10.64 -37.60 -7.06
CA LEU B 403 -9.85 -36.51 -6.52
C LEU B 403 -8.43 -36.93 -6.15
N GLU B 404 -7.48 -36.05 -6.41
CA GLU B 404 -6.10 -36.30 -6.03
C GLU B 404 -5.65 -35.10 -5.22
N LEU B 405 -5.16 -35.35 -4.02
CA LEU B 405 -4.71 -34.30 -3.13
C LEU B 405 -3.19 -34.37 -3.02
N LEU B 406 -2.54 -33.27 -3.40
CA LEU B 406 -1.08 -33.20 -3.35
C LEU B 406 -0.61 -32.46 -2.11
N GLY B 407 0.34 -33.04 -1.39
CA GLY B 407 0.88 -32.40 -0.21
C GLY B 407 2.24 -31.89 -0.61
N ALA B 408 2.39 -30.59 -0.80
CA ALA B 408 3.67 -30.01 -1.21
C ALA B 408 4.27 -29.23 -0.03
N PRO B 409 5.51 -29.59 0.38
CA PRO B 409 6.21 -28.97 1.49
C PRO B 409 6.84 -27.60 1.26
N ALA B 410 6.06 -26.68 0.68
CA ALA B 410 6.59 -25.35 0.42
C ALA B 410 5.49 -24.38 0.04
N GLU B 411 5.86 -23.14 -0.23
CA GLU B 411 4.90 -22.12 -0.64
C GLU B 411 5.05 -22.04 -2.16
N PHE B 412 3.96 -22.29 -2.87
CA PHE B 412 4.02 -22.25 -4.32
C PHE B 412 3.26 -21.07 -4.87
N THR B 413 3.88 -20.35 -5.79
CA THR B 413 3.20 -19.21 -6.40
C THR B 413 2.05 -19.80 -7.21
N VAL B 414 1.11 -18.94 -7.58
CA VAL B 414 -0.04 -19.37 -8.36
C VAL B 414 0.39 -20.23 -9.54
N MET B 415 1.23 -19.69 -10.43
CA MET B 415 1.64 -20.46 -11.59
C MET B 415 2.51 -21.67 -11.28
N ALA B 416 3.35 -21.58 -10.24
CA ALA B 416 4.17 -22.72 -9.87
C ALA B 416 3.27 -23.90 -9.57
N GLY B 417 2.19 -23.64 -8.84
CA GLY B 417 1.26 -24.70 -8.50
C GLY B 417 0.34 -25.07 -9.66
N VAL B 418 -0.12 -24.08 -10.41
CA VAL B 418 -0.99 -24.37 -11.54
C VAL B 418 -0.33 -25.34 -12.50
N ARG B 419 0.93 -25.08 -12.85
CA ARG B 419 1.66 -25.95 -13.77
C ARG B 419 1.75 -27.37 -13.24
N ILE B 420 2.02 -27.50 -11.95
CA ILE B 420 2.09 -28.83 -11.34
C ILE B 420 0.71 -29.48 -11.43
N ARG B 421 -0.32 -28.70 -11.18
CA ARG B 421 -1.69 -29.22 -11.25
C ARG B 421 -2.06 -29.75 -12.63
N ARG B 422 -1.78 -28.94 -13.65
CA ARG B 422 -2.09 -29.36 -15.02
C ARG B 422 -1.31 -30.59 -15.39
N ALA B 423 -0.02 -30.59 -15.04
CA ALA B 423 0.85 -31.72 -15.33
C ALA B 423 0.38 -33.00 -14.66
N VAL B 424 0.00 -32.90 -13.39
CA VAL B 424 -0.47 -34.08 -12.67
C VAL B 424 -1.84 -34.53 -13.20
N GLN B 425 -2.71 -33.56 -13.50
CA GLN B 425 -4.03 -33.89 -14.04
C GLN B 425 -3.89 -34.62 -15.37
N ALA B 426 -2.95 -34.17 -16.20
CA ALA B 426 -2.71 -34.78 -17.51
C ALA B 426 -2.26 -36.24 -17.37
N ALA B 427 -1.41 -36.50 -16.39
CA ALA B 427 -0.90 -37.84 -16.15
C ALA B 427 -1.89 -38.77 -15.45
N SER B 428 -2.84 -38.19 -14.70
CA SER B 428 -3.83 -38.98 -13.95
C SER B 428 -5.18 -39.15 -14.63
N GLU B 429 -5.37 -38.47 -15.75
CA GLU B 429 -6.64 -38.53 -16.46
C GLU B 429 -7.13 -39.95 -16.73
N ALA B 430 -6.24 -40.80 -17.22
CA ALA B 430 -6.61 -42.18 -17.53
C ALA B 430 -7.01 -42.99 -16.30
N ALA B 431 -6.55 -42.58 -15.12
CA ALA B 431 -6.88 -43.30 -13.89
C ALA B 431 -8.23 -42.90 -13.35
N GLY B 432 -8.81 -41.85 -13.90
CA GLY B 432 -10.12 -41.43 -13.43
C GLY B 432 -10.06 -40.21 -12.55
N ILE B 433 -8.91 -39.56 -12.50
CA ILE B 433 -8.79 -38.35 -11.69
C ILE B 433 -9.35 -37.16 -12.48
N ARG B 434 -10.27 -36.44 -11.87
CA ARG B 434 -10.91 -35.30 -12.50
C ARG B 434 -10.61 -33.98 -11.81
N HIS B 435 -10.03 -34.03 -10.63
CA HIS B 435 -9.70 -32.82 -9.89
C HIS B 435 -8.43 -33.01 -9.10
N VAL B 436 -7.47 -32.12 -9.32
CA VAL B 436 -6.19 -32.16 -8.64
C VAL B 436 -6.10 -31.01 -7.65
N VAL B 437 -6.17 -31.33 -6.36
CA VAL B 437 -6.10 -30.31 -5.32
C VAL B 437 -4.66 -30.22 -4.83
N PHE B 438 -4.05 -29.05 -5.03
CA PHE B 438 -2.67 -28.83 -4.64
C PHE B 438 -2.63 -28.18 -3.26
N ASN B 439 -2.14 -28.90 -2.26
CA ASN B 439 -2.07 -28.37 -0.89
C ASN B 439 -0.63 -28.08 -0.51
N GLY B 440 -0.24 -26.81 -0.57
CA GLY B 440 1.11 -26.44 -0.18
C GLY B 440 1.17 -26.39 1.33
N TYR B 441 2.34 -26.10 1.90
CA TYR B 441 2.50 -26.03 3.34
C TYR B 441 2.18 -27.39 3.96
N ALA B 442 2.61 -28.45 3.30
CA ALA B 442 2.33 -29.79 3.78
C ALA B 442 3.55 -30.68 4.07
N ASN B 443 3.50 -31.34 5.23
CA ASN B 443 4.53 -32.28 5.68
C ASN B 443 5.91 -31.75 6.04
N ALA B 444 6.28 -30.61 5.48
CA ALA B 444 7.56 -29.98 5.78
C ALA B 444 7.46 -28.58 5.22
N TYR B 445 8.52 -27.80 5.39
CA TYR B 445 8.52 -26.45 4.87
C TYR B 445 9.89 -26.13 4.30
N ALA B 446 9.94 -25.90 3.00
CA ALA B 446 11.18 -25.57 2.33
C ALA B 446 11.04 -24.26 1.56
N SER B 447 10.58 -23.25 2.26
CA SER B 447 10.41 -21.92 1.68
C SER B 447 9.51 -21.81 0.46
N TYR B 448 9.95 -21.04 -0.53
CA TYR B 448 9.14 -20.77 -1.72
C TYR B 448 9.48 -21.47 -3.01
N VAL B 449 8.46 -21.65 -3.84
CA VAL B 449 8.63 -22.27 -5.14
C VAL B 449 8.08 -21.30 -6.17
N THR B 450 8.94 -20.96 -7.11
CA THR B 450 8.61 -19.99 -8.12
C THR B 450 8.83 -20.63 -9.51
N THR B 451 8.11 -20.19 -10.53
CA THR B 451 8.34 -20.78 -11.86
C THR B 451 9.69 -20.28 -12.36
N ARG B 452 10.27 -20.97 -13.33
CA ARG B 452 11.54 -20.54 -13.87
C ARG B 452 11.47 -19.04 -14.22
N GLU B 453 10.40 -18.64 -14.91
CA GLU B 453 10.25 -17.23 -15.30
C GLU B 453 10.16 -16.26 -14.11
N GLU B 454 9.39 -16.63 -13.09
CA GLU B 454 9.26 -15.77 -11.91
C GLU B 454 10.61 -15.70 -11.19
N TYR B 455 11.30 -16.83 -11.16
CA TYR B 455 12.60 -16.92 -10.50
C TYR B 455 13.60 -15.97 -11.17
N ALA B 456 13.50 -15.83 -12.49
CA ALA B 456 14.40 -14.96 -13.24
C ALA B 456 14.28 -13.51 -12.81
N ALA B 457 13.09 -13.12 -12.36
CA ALA B 457 12.84 -11.76 -11.91
C ALA B 457 13.29 -11.54 -10.47
N GLN B 458 13.53 -12.63 -9.76
CA GLN B 458 14.00 -12.57 -8.38
C GLN B 458 13.27 -11.62 -7.43
N GLU B 459 11.94 -11.66 -7.44
CA GLU B 459 11.23 -10.85 -6.48
C GLU B 459 11.32 -11.69 -5.21
N TYR B 460 10.68 -11.26 -4.13
CA TYR B 460 10.75 -12.00 -2.87
C TYR B 460 10.64 -13.54 -2.95
N GLU B 461 9.62 -14.05 -3.63
CA GLU B 461 9.46 -15.51 -3.72
C GLU B 461 10.63 -16.16 -4.46
N GLY B 462 11.17 -15.44 -5.44
CA GLY B 462 12.30 -15.98 -6.19
C GLY B 462 13.55 -16.08 -5.32
N GLY B 463 13.84 -15.02 -4.58
CA GLY B 463 15.01 -15.03 -3.72
C GLY B 463 14.93 -16.17 -2.70
N SER B 464 13.70 -16.60 -2.39
CA SER B 464 13.50 -17.67 -1.43
C SER B 464 13.18 -19.02 -2.03
N THR B 465 13.48 -19.18 -3.32
CA THR B 465 13.28 -20.47 -3.98
C THR B 465 14.68 -21.06 -3.84
N LEU B 466 14.84 -21.76 -2.71
CA LEU B 466 16.10 -22.37 -2.28
C LEU B 466 16.99 -23.13 -3.24
N TYR B 467 16.43 -24.08 -3.96
CA TYR B 467 17.21 -24.94 -4.82
C TYR B 467 17.54 -24.52 -6.25
N GLY B 468 17.39 -23.24 -6.55
CA GLY B 468 17.71 -22.77 -7.88
C GLY B 468 16.52 -22.53 -8.78
N PRO B 469 16.75 -22.06 -10.01
CA PRO B 469 15.73 -21.77 -11.02
C PRO B 469 14.84 -22.94 -11.42
N TRP B 470 15.36 -24.16 -11.24
CA TRP B 470 14.60 -25.35 -11.62
C TRP B 470 13.93 -26.06 -10.45
N THR B 471 13.70 -25.34 -9.37
CA THR B 471 13.05 -25.92 -8.21
C THR B 471 11.62 -26.31 -8.56
N GLN B 472 10.93 -25.45 -9.30
CA GLN B 472 9.56 -25.71 -9.70
C GLN B 472 9.51 -26.92 -10.61
N ALA B 473 10.41 -26.98 -11.58
CA ALA B 473 10.46 -28.11 -12.51
C ALA B 473 10.70 -29.42 -11.77
N ALA B 474 11.55 -29.40 -10.75
CA ALA B 474 11.84 -30.61 -9.97
C ALA B 474 10.58 -31.13 -9.30
N TYR B 475 9.87 -30.23 -8.63
CA TYR B 475 8.62 -30.58 -7.96
C TYR B 475 7.62 -31.11 -8.97
N GLN B 476 7.54 -30.47 -10.13
CA GLN B 476 6.60 -30.92 -11.14
C GLN B 476 7.01 -32.32 -11.57
N GLN B 477 8.31 -32.59 -11.63
CA GLN B 477 8.78 -33.91 -12.03
C GLN B 477 8.45 -34.94 -10.94
N LEU B 478 8.64 -34.55 -9.69
CA LEU B 478 8.36 -35.45 -8.57
C LEU B 478 6.90 -35.82 -8.46
N PHE B 479 6.02 -34.83 -8.61
CA PHE B 479 4.59 -35.10 -8.52
C PHE B 479 4.06 -35.84 -9.74
N VAL B 480 4.65 -35.58 -10.91
CA VAL B 480 4.20 -36.26 -12.12
C VAL B 480 4.58 -37.74 -12.02
N ASP B 481 5.83 -38.00 -11.68
CA ASP B 481 6.29 -39.37 -11.53
C ASP B 481 5.48 -40.11 -10.48
N MET B 482 5.06 -39.41 -9.44
CA MET B 482 4.27 -40.05 -8.40
C MET B 482 2.88 -40.34 -8.96
N ALA B 483 2.37 -39.44 -9.78
CA ALA B 483 1.06 -39.59 -10.40
C ALA B 483 1.03 -40.77 -11.36
N VAL B 484 2.08 -40.91 -12.16
CA VAL B 484 2.12 -42.02 -13.10
C VAL B 484 2.22 -43.33 -12.33
N ALA B 485 2.91 -43.30 -11.20
CA ALA B 485 3.05 -44.50 -10.38
C ALA B 485 1.67 -44.93 -9.88
N LEU B 486 0.85 -43.95 -9.48
CA LEU B 486 -0.50 -44.23 -9.00
C LEU B 486 -1.31 -44.80 -10.16
N ARG B 487 -1.23 -44.16 -11.31
CA ARG B 487 -1.96 -44.59 -12.49
C ARG B 487 -1.60 -46.02 -12.88
N GLU B 488 -0.32 -46.34 -12.83
CA GLU B 488 0.16 -47.66 -13.21
C GLU B 488 0.14 -48.66 -12.06
N ARG B 489 -0.27 -48.20 -10.88
CA ARG B 489 -0.34 -49.03 -9.69
C ARG B 489 1.00 -49.64 -9.34
N LEU B 490 2.04 -48.81 -9.34
CA LEU B 490 3.36 -49.27 -9.02
C LEU B 490 3.87 -48.50 -7.81
N PRO B 491 4.82 -49.09 -7.08
CA PRO B 491 5.37 -48.42 -5.91
C PRO B 491 6.21 -47.26 -6.41
N VAL B 492 6.37 -46.23 -5.59
CA VAL B 492 7.16 -45.08 -5.96
C VAL B 492 8.58 -45.45 -5.57
N GLU B 493 9.59 -44.72 -6.03
CA GLU B 493 10.95 -45.09 -5.66
C GLU B 493 11.22 -45.06 -4.17
N THR B 494 12.11 -45.95 -3.77
CA THR B 494 12.53 -46.12 -2.39
C THR B 494 12.90 -44.76 -1.74
N SER B 495 12.29 -44.47 -0.59
CA SER B 495 12.52 -43.22 0.12
C SER B 495 13.91 -43.00 0.70
N ALA B 496 14.38 -41.76 0.62
CA ALA B 496 15.67 -41.39 1.17
C ALA B 496 15.41 -41.24 2.67
N ILE B 497 16.46 -41.09 3.46
CA ILE B 497 16.28 -40.94 4.90
C ILE B 497 16.22 -39.47 5.30
N ALA B 498 15.19 -39.13 6.08
CA ALA B 498 15.03 -37.76 6.55
C ALA B 498 15.88 -37.59 7.81
N PRO B 499 16.83 -36.64 7.79
CA PRO B 499 17.70 -36.42 8.93
C PRO B 499 16.96 -36.15 10.24
N ASP B 500 17.38 -36.82 11.31
CA ASP B 500 16.79 -36.63 12.63
C ASP B 500 17.69 -35.62 13.33
N LEU B 501 17.22 -34.39 13.52
CA LEU B 501 18.02 -33.35 14.16
C LEU B 501 17.61 -33.13 15.61
N SER B 502 16.86 -34.07 16.14
CA SER B 502 16.37 -34.04 17.52
C SER B 502 17.51 -33.84 18.52
N CYS B 503 18.65 -34.39 18.18
CA CYS B 503 19.85 -34.35 19.02
C CYS B 503 20.50 -32.99 19.21
N CYS B 504 20.57 -32.19 18.16
CA CYS B 504 21.27 -30.92 18.24
C CYS B 504 20.46 -29.64 18.10
N GLN B 505 19.47 -29.45 18.95
CA GLN B 505 18.67 -28.23 18.89
C GLN B 505 19.09 -27.27 19.99
N MET B 506 19.41 -26.03 19.61
CA MET B 506 19.80 -25.03 20.59
C MET B 506 18.63 -24.09 20.86
N ASN B 507 18.72 -23.38 21.98
CA ASN B 507 17.68 -22.44 22.36
C ASN B 507 18.26 -21.34 23.22
N PHE B 508 18.14 -20.09 22.75
CA PHE B 508 18.64 -18.97 23.49
C PHE B 508 17.52 -18.09 24.02
N GLN B 509 16.29 -18.57 23.88
CA GLN B 509 15.12 -17.85 24.37
C GLN B 509 14.93 -18.31 25.82
N THR B 510 14.96 -17.37 26.74
CA THR B 510 14.81 -17.69 28.15
C THR B 510 13.42 -18.19 28.48
N GLY B 511 13.34 -19.04 29.49
CA GLY B 511 12.07 -19.57 29.93
C GLY B 511 11.60 -18.73 31.10
N VAL B 512 10.77 -19.31 31.95
CA VAL B 512 10.26 -18.61 33.12
C VAL B 512 11.25 -18.81 34.28
N VAL B 513 11.78 -17.72 34.81
CA VAL B 513 12.73 -17.82 35.92
C VAL B 513 11.95 -17.91 37.22
N ALA B 514 11.01 -17.00 37.39
CA ALA B 514 10.19 -16.98 38.58
C ALA B 514 9.08 -15.98 38.40
N ASP B 515 7.98 -16.22 39.11
CA ASP B 515 6.83 -15.34 39.08
C ASP B 515 6.62 -14.81 40.49
N ASP B 516 6.19 -13.56 40.59
CA ASP B 516 5.89 -12.96 41.87
C ASP B 516 4.62 -12.17 41.64
N PRO B 517 3.79 -12.04 42.68
CA PRO B 517 2.55 -11.27 42.51
C PRO B 517 2.94 -9.80 42.51
N TYR B 518 1.96 -8.93 42.27
CA TYR B 518 2.22 -7.49 42.35
C TYR B 518 2.61 -7.30 43.82
N ILE B 519 3.42 -6.27 44.10
CA ILE B 519 3.83 -6.01 45.48
C ILE B 519 2.61 -5.79 46.38
N GLY B 520 2.49 -6.60 47.44
CA GLY B 520 1.38 -6.45 48.36
C GLY B 520 0.11 -7.17 47.94
N LYS B 521 0.17 -7.84 46.80
CA LYS B 521 -0.97 -8.57 46.29
C LYS B 521 -0.65 -10.04 46.22
N SER B 522 -1.63 -10.82 45.79
CA SER B 522 -1.45 -12.25 45.62
C SER B 522 -1.98 -12.56 44.23
N PHE B 523 -1.50 -13.65 43.64
CA PHE B 523 -1.93 -14.05 42.30
C PHE B 523 -3.45 -14.21 42.28
N GLY B 524 -4.07 -13.82 41.17
CA GLY B 524 -5.51 -13.95 41.07
C GLY B 524 -6.29 -12.73 41.49
N ASP B 525 -5.64 -11.80 42.17
CA ASP B 525 -6.31 -10.58 42.61
C ASP B 525 -6.76 -9.77 41.42
N VAL B 526 -7.87 -9.07 41.57
CA VAL B 526 -8.42 -8.25 40.49
C VAL B 526 -7.87 -6.83 40.53
N LEU B 527 -7.07 -6.48 39.52
CA LEU B 527 -6.48 -5.16 39.42
C LEU B 527 -7.49 -4.15 38.87
N GLN B 528 -8.41 -4.65 38.06
CA GLN B 528 -9.44 -3.79 37.46
C GLN B 528 -10.76 -4.53 37.35
N GLN B 529 -11.73 -4.07 38.14
CA GLN B 529 -13.06 -4.65 38.15
C GLN B 529 -13.88 -4.06 37.02
N PRO B 530 -14.89 -4.80 36.54
CA PRO B 530 -15.74 -4.30 35.45
C PRO B 530 -16.66 -3.19 35.95
N ARG B 531 -17.22 -2.41 35.02
CA ARG B 531 -18.13 -1.33 35.40
C ARG B 531 -19.43 -1.94 35.92
N GLU B 532 -20.29 -1.11 36.51
CA GLU B 532 -21.54 -1.61 37.04
C GLU B 532 -22.36 -2.34 35.98
N SER B 533 -22.46 -1.75 34.80
CA SER B 533 -23.22 -2.36 33.72
C SER B 533 -22.69 -2.02 32.33
N TYR B 534 -23.04 -2.85 31.36
CA TYR B 534 -22.62 -2.64 29.97
C TYR B 534 -23.77 -2.87 29.02
N ARG B 535 -23.66 -2.32 27.83
CA ARG B 535 -24.66 -2.47 26.81
C ARG B 535 -24.08 -3.39 25.75
N ILE B 536 -24.94 -4.03 24.98
CA ILE B 536 -24.47 -4.93 23.93
C ILE B 536 -23.69 -4.11 22.90
N GLY B 537 -22.46 -4.53 22.64
CA GLY B 537 -21.62 -3.80 21.70
C GLY B 537 -20.45 -3.15 22.41
N ASP B 538 -20.54 -3.08 23.75
CA ASP B 538 -19.47 -2.49 24.55
C ASP B 538 -18.37 -3.51 24.81
N LYS B 539 -17.17 -3.02 25.09
CA LYS B 539 -16.05 -3.91 25.38
C LYS B 539 -15.75 -3.86 26.86
N VAL B 540 -15.89 -5.02 27.50
CA VAL B 540 -15.62 -5.14 28.92
C VAL B 540 -14.14 -5.48 29.09
N THR B 541 -13.41 -4.68 29.86
CA THR B 541 -12.00 -4.93 30.08
C THR B 541 -11.74 -5.11 31.57
N VAL B 542 -11.09 -6.20 31.91
CA VAL B 542 -10.78 -6.52 33.30
C VAL B 542 -9.32 -6.98 33.38
N ALA B 543 -8.71 -6.88 34.56
CA ALA B 543 -7.31 -7.27 34.71
C ALA B 543 -7.04 -8.02 36.02
N PHE B 544 -6.09 -8.95 35.96
CA PHE B 544 -5.73 -9.77 37.13
C PHE B 544 -4.23 -9.86 37.34
N VAL B 545 -3.84 -10.18 38.58
CA VAL B 545 -2.45 -10.39 38.92
C VAL B 545 -2.25 -11.84 38.46
N THR B 546 -1.23 -12.09 37.64
CA THR B 546 -1.03 -13.44 37.13
C THR B 546 0.41 -13.89 37.11
N GLY B 547 0.62 -15.07 36.50
CA GLY B 547 1.94 -15.64 36.36
C GLY B 547 2.18 -15.87 34.87
N HIS B 548 3.43 -16.11 34.50
CA HIS B 548 3.82 -16.32 33.11
C HIS B 548 3.09 -17.48 32.44
N PRO B 549 2.33 -17.20 31.37
CA PRO B 549 1.60 -18.27 30.66
C PRO B 549 2.50 -19.35 30.10
N LYS B 550 3.79 -19.04 30.02
CA LYS B 550 4.78 -19.99 29.52
C LYS B 550 4.84 -21.17 30.48
N ASN B 551 4.42 -20.97 31.72
CA ASN B 551 4.44 -22.04 32.71
C ASN B 551 3.48 -23.16 32.35
N ASP B 552 2.39 -22.82 31.68
CA ASP B 552 1.39 -23.82 31.31
C ASP B 552 0.54 -23.33 30.13
N LEU B 553 0.54 -24.10 29.06
CA LEU B 553 -0.22 -23.75 27.85
C LEU B 553 -1.72 -23.80 28.06
N ARG B 554 -2.13 -24.51 29.11
CA ARG B 554 -3.54 -24.67 29.40
C ARG B 554 -4.22 -25.25 28.15
N THR B 555 -3.59 -26.31 27.64
CA THR B 555 -4.07 -27.03 26.47
C THR B 555 -5.45 -27.63 26.73
N GLU B 556 -6.39 -27.36 25.81
CA GLU B 556 -7.75 -27.86 25.93
C GLU B 556 -8.48 -27.18 27.08
N LYS B 557 -7.85 -26.13 27.61
CA LYS B 557 -8.41 -25.36 28.71
C LYS B 557 -8.45 -23.89 28.33
N THR B 558 -8.40 -22.99 29.29
CA THR B 558 -8.47 -21.57 28.95
C THR B 558 -7.92 -20.63 30.02
N PHE B 559 -7.53 -19.44 29.58
CA PHE B 559 -6.99 -18.43 30.51
C PHE B 559 -8.12 -17.57 31.06
N LEU B 560 -9.30 -17.71 30.46
CA LEU B 560 -10.46 -16.94 30.91
C LEU B 560 -11.80 -17.55 30.55
N GLU B 561 -12.81 -17.12 31.29
CA GLU B 561 -14.18 -17.56 31.07
C GLU B 561 -15.12 -16.40 31.39
N VAL B 562 -16.06 -16.17 30.49
CA VAL B 562 -17.08 -15.16 30.72
C VAL B 562 -18.22 -16.01 31.24
N VAL B 563 -18.65 -15.74 32.46
CA VAL B 563 -19.71 -16.54 33.08
C VAL B 563 -21.03 -15.80 33.25
N ASN B 564 -22.11 -16.48 32.89
CA ASN B 564 -23.46 -15.94 33.00
C ASN B 564 -24.13 -16.52 34.25
N ILE B 565 -24.55 -15.66 35.16
CA ILE B 565 -25.21 -16.13 36.37
C ILE B 565 -26.69 -15.77 36.47
N GLY B 566 -27.31 -15.50 35.32
CA GLY B 566 -28.73 -15.18 35.30
C GLY B 566 -29.18 -13.74 35.22
N LYS B 567 -30.49 -13.55 34.99
CA LYS B 567 -31.09 -12.22 34.91
C LYS B 567 -31.01 -11.56 36.27
N ASP B 568 -30.92 -12.39 37.30
CA ASP B 568 -30.73 -11.94 38.67
C ASP B 568 -29.84 -12.98 39.35
N GLY B 569 -28.57 -12.62 39.38
CA GLY B 569 -27.46 -13.38 39.94
C GLY B 569 -27.39 -14.76 40.57
N LYS B 570 -28.45 -15.52 40.72
CA LYS B 570 -28.26 -16.83 41.34
C LYS B 570 -28.64 -18.02 40.48
N GLN B 571 -28.40 -17.90 39.18
CA GLN B 571 -28.69 -18.99 38.26
C GLN B 571 -27.39 -19.75 38.11
N THR B 572 -27.47 -21.08 38.04
CA THR B 572 -26.28 -21.90 37.89
C THR B 572 -25.38 -21.21 36.86
N PRO B 573 -24.14 -20.86 37.25
CA PRO B 573 -23.22 -20.19 36.33
C PRO B 573 -22.96 -20.98 35.06
N VAL B 574 -23.12 -20.30 33.92
CA VAL B 574 -22.90 -20.93 32.63
C VAL B 574 -21.93 -20.10 31.77
N THR B 575 -20.85 -20.75 31.35
CA THR B 575 -19.81 -20.12 30.54
C THR B 575 -20.29 -19.75 29.14
N VAL B 576 -20.17 -18.48 28.76
CA VAL B 576 -20.61 -18.06 27.44
C VAL B 576 -19.45 -17.69 26.53
N ALA B 577 -18.26 -17.54 27.09
CA ALA B 577 -17.08 -17.19 26.31
C ALA B 577 -15.83 -17.79 26.94
N THR B 578 -14.86 -18.10 26.08
CA THR B 578 -13.62 -18.72 26.50
C THR B 578 -12.46 -18.01 25.77
N ASP B 579 -11.20 -18.32 26.09
CA ASP B 579 -10.13 -17.61 25.39
C ASP B 579 -9.98 -17.91 23.90
N ASN B 580 -10.74 -18.88 23.39
CA ASN B 580 -10.67 -19.25 21.98
C ASN B 580 -11.59 -18.38 21.14
N ASP B 581 -12.62 -17.83 21.78
CA ASP B 581 -13.60 -17.01 21.08
C ASP B 581 -13.13 -15.69 20.52
N TRP B 582 -13.72 -15.32 19.38
CA TRP B 582 -13.40 -14.08 18.71
C TRP B 582 -13.72 -12.88 19.59
N ASP B 583 -14.77 -12.99 20.38
CA ASP B 583 -15.21 -11.91 21.27
C ASP B 583 -14.33 -11.64 22.48
N THR B 584 -13.36 -12.50 22.74
CA THR B 584 -12.50 -12.30 23.91
C THR B 584 -11.05 -12.18 23.53
N GLN B 585 -10.27 -11.62 24.44
CA GLN B 585 -8.84 -11.46 24.24
C GLN B 585 -8.15 -11.59 25.58
N TYR B 586 -7.03 -12.30 25.57
CA TYR B 586 -6.23 -12.50 26.76
C TYR B 586 -4.88 -11.88 26.45
N ARG B 587 -4.46 -10.93 27.29
CA ARG B 587 -3.18 -10.28 27.07
C ARG B 587 -2.32 -10.39 28.31
N TRP B 588 -1.04 -10.68 28.09
CA TRP B 588 -0.09 -10.81 29.18
C TRP B 588 0.98 -9.75 29.03
N GLU B 589 1.41 -9.17 30.15
CA GLU B 589 2.45 -8.16 30.12
C GLU B 589 3.28 -8.24 31.39
N ARG B 590 4.58 -8.00 31.24
CA ARG B 590 5.49 -8.02 32.37
C ARG B 590 5.29 -6.74 33.18
N VAL B 591 5.20 -6.85 34.49
CA VAL B 591 5.09 -5.67 35.33
C VAL B 591 6.14 -5.83 36.43
N GLY B 592 6.82 -4.74 36.76
CA GLY B 592 7.87 -4.85 37.75
C GLY B 592 8.94 -5.77 37.22
N ILE B 593 9.65 -6.43 38.13
CA ILE B 593 10.72 -7.34 37.76
C ILE B 593 10.21 -8.74 37.42
N SER B 594 9.39 -9.29 38.31
CA SER B 594 8.88 -10.64 38.13
C SER B 594 7.37 -10.83 38.25
N ALA B 595 6.61 -9.73 38.20
CA ALA B 595 5.17 -9.84 38.27
C ALA B 595 4.63 -9.76 36.85
N SER B 596 3.34 -9.97 36.69
CA SER B 596 2.76 -9.91 35.36
C SER B 596 1.27 -9.66 35.46
N LYS B 597 0.70 -9.16 34.38
CA LYS B 597 -0.70 -8.86 34.40
C LYS B 597 -1.47 -9.52 33.27
N ALA B 598 -2.63 -10.07 33.62
CA ALA B 598 -3.50 -10.71 32.67
C ALA B 598 -4.64 -9.75 32.41
N THR B 599 -4.71 -9.23 31.20
CA THR B 599 -5.78 -8.31 30.84
C THR B 599 -6.72 -9.09 29.95
N ILE B 600 -7.98 -9.17 30.37
CA ILE B 600 -8.98 -9.91 29.62
C ILE B 600 -10.05 -8.97 29.13
N SER B 601 -10.39 -9.06 27.86
CA SER B 601 -11.42 -8.20 27.30
C SER B 601 -12.52 -9.03 26.64
N TRP B 602 -13.73 -8.47 26.63
CA TRP B 602 -14.88 -9.14 26.04
C TRP B 602 -15.76 -8.14 25.34
N SER B 603 -15.94 -8.32 24.03
CA SER B 603 -16.81 -7.45 23.26
C SER B 603 -18.16 -8.15 23.24
N ILE B 604 -19.07 -7.68 24.09
CA ILE B 604 -20.41 -8.25 24.19
C ILE B 604 -21.05 -8.32 22.81
N PRO B 605 -21.41 -9.51 22.36
CA PRO B 605 -22.03 -9.64 21.04
C PRO B 605 -23.56 -9.63 21.04
N PRO B 606 -24.14 -9.30 19.87
CA PRO B 606 -25.60 -9.27 19.73
C PRO B 606 -26.11 -10.65 20.07
N GLY B 607 -27.26 -10.73 20.70
CA GLY B 607 -27.81 -12.03 21.07
C GLY B 607 -27.47 -12.40 22.50
N THR B 608 -26.66 -11.56 23.15
CA THR B 608 -26.27 -11.79 24.52
C THR B 608 -27.46 -11.62 25.46
N GLU B 609 -27.70 -12.65 26.28
CA GLU B 609 -28.79 -12.63 27.24
C GLU B 609 -28.58 -11.53 28.27
N PRO B 610 -29.48 -10.55 28.33
CA PRO B 610 -29.30 -9.48 29.32
C PRO B 610 -29.26 -10.14 30.70
N GLY B 611 -28.38 -9.65 31.57
CA GLY B 611 -28.30 -10.23 32.89
C GLY B 611 -26.97 -9.98 33.58
N HIS B 612 -26.66 -10.83 34.55
CA HIS B 612 -25.41 -10.68 35.29
C HIS B 612 -24.34 -11.66 34.86
N TYR B 613 -23.14 -11.10 34.68
CA TYR B 613 -21.98 -11.87 34.25
C TYR B 613 -20.77 -11.50 35.09
N TYR B 614 -19.76 -12.37 35.05
CA TYR B 614 -18.51 -12.11 35.73
C TYR B 614 -17.42 -12.81 34.96
N ILE B 615 -16.20 -12.30 35.06
CA ILE B 615 -15.10 -12.88 34.34
C ILE B 615 -14.14 -13.60 35.26
N ARG B 616 -13.79 -14.83 34.87
CA ARG B 616 -12.88 -15.64 35.66
C ARG B 616 -11.57 -15.81 34.90
N HIS B 617 -10.48 -15.80 35.63
CA HIS B 617 -9.15 -15.97 35.06
C HIS B 617 -8.45 -17.18 35.64
N TYR B 618 -7.78 -17.94 34.79
CA TYR B 618 -7.03 -19.12 35.19
C TYR B 618 -5.61 -18.88 34.71
N GLY B 619 -4.64 -19.12 35.58
CA GLY B 619 -3.26 -18.92 35.20
C GLY B 619 -2.37 -19.87 35.97
N ASN B 620 -1.07 -19.72 35.79
CA ASN B 620 -0.13 -20.57 36.49
C ASN B 620 1.09 -19.73 36.83
N ALA B 621 1.66 -19.97 38.01
CA ALA B 621 2.81 -19.22 38.47
C ALA B 621 3.89 -20.15 39.04
N LYS B 622 5.13 -19.84 38.73
CA LYS B 622 6.26 -20.64 39.20
C LYS B 622 7.00 -19.93 40.32
N ASN B 623 7.33 -20.68 41.36
CA ASN B 623 8.06 -20.11 42.48
C ASN B 623 9.54 -20.43 42.37
N PHE B 624 10.38 -19.42 42.53
CA PHE B 624 11.83 -19.58 42.43
C PHE B 624 12.44 -20.58 43.40
N TRP B 625 12.06 -20.48 44.68
CA TRP B 625 12.61 -21.37 45.72
C TRP B 625 12.21 -22.82 45.61
N THR B 626 10.94 -23.07 45.28
CA THR B 626 10.47 -24.44 45.17
C THR B 626 10.57 -24.94 43.74
N GLN B 627 10.61 -24.00 42.79
CA GLN B 627 10.67 -24.35 41.37
C GLN B 627 9.36 -25.01 40.98
N LYS B 628 8.37 -24.88 41.85
CA LYS B 628 7.04 -25.44 41.65
C LYS B 628 6.12 -24.49 40.88
N ILE B 629 5.28 -25.06 40.02
CA ILE B 629 4.33 -24.28 39.24
C ILE B 629 2.94 -24.57 39.80
N SER B 630 2.32 -23.53 40.36
CA SER B 630 1.00 -23.64 40.95
C SER B 630 -0.10 -23.01 40.10
N GLU B 631 -1.33 -23.51 40.28
CA GLU B 631 -2.48 -22.97 39.57
C GLU B 631 -2.93 -21.72 40.29
N ILE B 632 -3.31 -20.71 39.53
CA ILE B 632 -3.78 -19.48 40.15
C ILE B 632 -4.96 -18.96 39.35
N GLY B 633 -5.73 -18.09 39.97
CA GLY B 633 -6.88 -17.55 39.28
C GLY B 633 -7.69 -16.61 40.15
N GLY B 634 -8.70 -16.01 39.53
CA GLY B 634 -9.56 -15.11 40.25
C GLY B 634 -10.81 -14.86 39.45
N SER B 635 -11.78 -14.24 40.09
CA SER B 635 -13.05 -13.92 39.45
C SER B 635 -13.38 -12.49 39.81
N THR B 636 -13.85 -11.74 38.83
CA THR B 636 -14.23 -10.35 39.07
C THR B 636 -15.61 -10.37 39.72
N ARG B 637 -16.05 -9.19 40.17
CA ARG B 637 -17.38 -9.07 40.76
C ARG B 637 -18.29 -9.15 39.53
N SER B 638 -19.60 -9.26 39.74
CA SER B 638 -20.51 -9.35 38.62
C SER B 638 -20.88 -8.00 38.04
N PHE B 639 -21.15 -7.98 36.73
CA PHE B 639 -21.56 -6.77 36.04
C PHE B 639 -22.84 -7.11 35.30
N GLU B 640 -23.62 -6.10 34.97
CA GLU B 640 -24.87 -6.36 34.27
C GLU B 640 -24.86 -5.96 32.80
N VAL B 641 -25.41 -6.86 31.98
CA VAL B 641 -25.50 -6.65 30.55
C VAL B 641 -26.96 -6.29 30.26
N LEU B 642 -27.16 -5.13 29.64
CA LEU B 642 -28.50 -4.65 29.34
C LEU B 642 -28.92 -4.79 27.87
N GLY B 643 -30.20 -5.07 27.65
CA GLY B 643 -30.70 -5.15 26.29
C GLY B 643 -30.71 -3.71 25.86
N THR B 644 -30.70 -3.43 24.56
CA THR B 644 -30.69 -2.04 24.15
C THR B 644 -31.52 -1.74 22.90
#